data_9KOX
#
_entry.id   9KOX
#
_cell.length_a   1.00
_cell.length_b   1.00
_cell.length_c   1.00
_cell.angle_alpha   90.00
_cell.angle_beta   90.00
_cell.angle_gamma   90.00
#
_symmetry.space_group_name_H-M   'P 1'
#
loop_
_entity.id
_entity.type
_entity.pdbx_description
1 polymer 'Peptidyl-prolyl cis-trans isomerase FKBP5'
2 polymer 'Heat shock protein HSP 90-alpha'
3 polymer 'Serine/threonine-protein kinase PINK1, mitochondrial'
4 non-polymer "ADENOSINE-5'-DIPHOSPHATE"
#
loop_
_entity_poly.entity_id
_entity_poly.type
_entity_poly.pdbx_seq_one_letter_code
_entity_poly.pdbx_strand_id
1 'polypeptide(L)'
;MTTDEGAKNNEESPTATVAEQGEDITSKKDRGVLKIVKRVGNGEETPMIGDKVYVHYKGKLSNGKKFDSSHDRNEPFVFS
LGKGQVIKAWDIGVATMKKGEICHLLCKPEYAYGSAGSLPKIPSNATLFFEIELLDFKGEDLFEDGGIIRRTKRKGEGYS
NPNEGATVEIHLEGRCGGRMFDCRDVAFTVGEGEDHDIPIGIDKALEKMQREEQCILYLGPRYGFGEAGKPKFGIEPNAE
LIYEVTLKSFEKAKESWEMDTKEKLEQAAIVKEKGTVYFKGGKYMQAVIQYGKIVSWLEMEYGLSEKESKASESFLLAAF
LNLAMCYLKLREYTKAVECCDKALGLDSANEKGLYRRGEAQLLMNEFESAKGDFEKVLEVNPQNKAARLQISMCQKKAKE
HNERDRRIYANMFKKFAEQDAKEEANKAMGKKTSEGVTNEKGTDSQAMEEEKPEGHV
;
D
2 'polypeptide(L)'
;MPEETQTQDQPMEEEEVETFAFQAEIAQLMSLIINTFYSNKEIFLRELISNSSDALDKIRYESLTDPSKLDSGKELHINL
IPNKQDRTLTIVDTGIGMTKADLINNLGTIAKSGTKAFMEALQAGADISMIGQFGVGFYSAYLVAEKVTVITKHNDDEQY
AWESSAGGSFTVRTDTGEPMGRGTKVILHLKEDQTEYLEERRIKEIVKKHSQFIGYPITLFVEKERDKEVSDDEAEEKED
KEEEKEKEEKESEDKPEIEDVGSDEEEEKKDGDKKKKKKIKEKYIDQEELNKTKPIWTRNPDDITNEEYGEFYKSLTNDW
EDHLAVKHFSVEGQLEFRALLFVPRRAPFDLFENRKKKNNIKLYVRRVFIMDNCEELIPEYLNFIRGVVDSEDLPLNISR
EMLQQSKILKVIRKNLVKKCLELFTELAEDKENYKKFYEQFSKNIKLGIHEDSQNRKKLSELLRYYTSASGDEMVSLKDY
CTRMKENQKHIYYITGETKDQVANSAFVERLRKHGLEVIYMIEPIDEYCVQQLKEFEGKTLVSVTKEGLELPEDEEEKKK
QEEKKTKFENLCKIMKDILEKKVEKVVVSNRLVTSPCCIVTSTYGWTANMERIMKAQALRDNSTMGYMAAKKHLEINPDH
SIIETLRQKAEADKNDKSVKDLVILLYETALLSSGFSLEDPQTHANRIYRMIKLGLGIDEDDPTADDTSAAVTEEMPPLE
GDDDTSRMEEVD
;
B,A
3 'polypeptide(L)'
;LIEEKQAESRRAVSACQEIQAIFTQKSKPGPDPLDTRRLQGFRLEEYLIGQSIGKGCSAAVYEATMPTLPQNLEVTKSTG
LLPGRGPGTSAPGEGQERAPGAPAFPLAIKMMWNISAGSSSEAILNTMSQELVPASRVALAGEYGAVTYRKSKRGPKQLA
PHPNIIRVLRAFTSSVPLLPGALVDYPDVLPSRLHPEGLGHGRTLFLVMKNYPCTLRQYLCVNTPSPRLAAMMLLQLLEG
VDHLVQQGIAHRDLKSDNILVELDPDGCPWLVIADFGCCLADESIGLQLPFSSWYVDRGGNGCLMAPEVSTARPGPRAVI
DYSKADAWAVGAIAYEIFGLVNPFYGQGKAHLESRSYQEAQLPALPESVPPDVRQLVRALLQREASKRPSARVAANVLHL
SLWGEHILALKNLKLDKMVGWLLQQSAATLLANRLTEKCCVETKMKMLFLANLECETLCQAALLLCSWRAALDYKDHDGG
YKDHDIDYKDDDDK
;
C
#
# COMPACT_ATOMS: atom_id res chain seq x y z
N SER A 13 6.45 -35.15 -38.15
CA SER A 13 5.53 -34.02 -38.25
C SER A 13 4.17 -34.49 -38.74
N PRO A 14 3.12 -34.24 -37.94
CA PRO A 14 1.76 -34.66 -38.34
C PRO A 14 1.31 -33.95 -39.61
N THR A 15 1.60 -32.66 -39.74
CA THR A 15 1.20 -31.92 -40.92
C THR A 15 1.86 -32.49 -42.18
N ALA A 16 3.13 -32.85 -42.07
CA ALA A 16 3.83 -33.43 -43.21
C ALA A 16 3.22 -34.76 -43.64
N THR A 17 2.87 -35.61 -42.67
CA THR A 17 2.31 -36.92 -42.99
C THR A 17 0.94 -36.80 -43.68
N VAL A 18 0.08 -35.95 -43.16
CA VAL A 18 -1.24 -35.74 -43.77
C VAL A 18 -1.11 -35.15 -45.17
N ALA A 19 -0.13 -34.28 -45.38
CA ALA A 19 0.03 -33.61 -46.67
C ALA A 19 0.26 -34.59 -47.81
N GLU A 20 1.01 -35.65 -47.57
CA GLU A 20 1.22 -36.65 -48.60
C GLU A 20 -0.08 -37.23 -49.17
N GLN A 21 -0.12 -37.50 -50.47
CA GLN A 21 -1.30 -38.04 -51.16
C GLN A 21 -2.56 -37.19 -51.03
N GLY A 22 -2.41 -35.87 -51.10
CA GLY A 22 -3.56 -34.99 -51.01
C GLY A 22 -3.74 -34.24 -52.31
N GLU A 23 -4.91 -34.41 -52.91
CA GLU A 23 -5.21 -33.68 -54.13
C GLU A 23 -5.28 -32.23 -53.74
N ASP A 24 -4.58 -31.39 -54.47
CA ASP A 24 -4.54 -30.00 -54.09
C ASP A 24 -5.04 -29.09 -55.18
N ILE A 25 -5.93 -28.17 -54.85
CA ILE A 25 -6.36 -27.20 -55.84
C ILE A 25 -5.43 -26.04 -55.55
N THR A 26 -4.52 -25.74 -56.47
CA THR A 26 -3.53 -24.72 -56.17
C THR A 26 -3.67 -23.43 -56.98
N SER A 27 -3.67 -22.30 -56.30
CA SER A 27 -3.81 -21.01 -56.97
C SER A 27 -2.66 -20.79 -57.92
N LYS A 28 -1.46 -21.12 -57.46
CA LYS A 28 -0.26 -21.00 -58.29
C LYS A 28 0.09 -22.43 -58.63
N LYS A 29 1.29 -22.71 -59.11
CA LYS A 29 1.68 -24.09 -59.34
C LYS A 29 2.08 -24.74 -58.01
N ASP A 30 2.93 -24.07 -57.24
CA ASP A 30 3.42 -24.67 -55.99
C ASP A 30 2.85 -24.02 -54.76
N ARG A 31 1.88 -23.12 -54.95
CA ARG A 31 1.25 -22.44 -53.81
C ARG A 31 -0.25 -22.52 -54.00
N GLY A 32 -1.01 -22.81 -52.95
CA GLY A 32 -2.44 -22.99 -53.12
C GLY A 32 -3.22 -23.57 -51.95
N VAL A 33 -4.12 -24.51 -52.24
CA VAL A 33 -4.97 -25.16 -51.24
C VAL A 33 -4.81 -26.67 -51.38
N LEU A 34 -4.75 -27.35 -50.24
CA LEU A 34 -4.43 -28.78 -50.20
C LEU A 34 -5.53 -29.54 -49.48
N LYS A 35 -6.25 -30.38 -50.22
CA LYS A 35 -7.21 -31.22 -49.52
C LYS A 35 -6.40 -32.02 -48.54
N ILE A 36 -6.51 -31.65 -47.28
CA ILE A 36 -6.02 -32.51 -46.23
C ILE A 36 -6.93 -32.41 -45.03
N VAL A 37 -7.68 -33.48 -44.79
CA VAL A 37 -8.47 -33.69 -43.59
C VAL A 37 -8.22 -35.12 -43.15
N LYS A 38 -8.45 -35.42 -41.88
CA LYS A 38 -8.30 -36.79 -41.38
C LYS A 38 -9.62 -37.52 -41.42
N ARG A 39 -10.65 -36.92 -40.83
CA ARG A 39 -11.98 -37.53 -40.83
C ARG A 39 -12.97 -36.47 -41.25
N VAL A 40 -14.10 -36.88 -41.83
CA VAL A 40 -15.09 -35.93 -42.31
C VAL A 40 -16.39 -35.96 -41.53
N GLY A 41 -16.68 -34.90 -40.79
CA GLY A 41 -17.94 -34.83 -40.05
C GLY A 41 -19.12 -34.69 -41.00
N ASN A 42 -20.26 -35.26 -40.62
CA ASN A 42 -21.42 -35.20 -41.49
C ASN A 42 -21.97 -33.78 -41.49
N GLY A 43 -22.14 -33.20 -42.67
CA GLY A 43 -22.59 -31.82 -42.77
C GLY A 43 -23.20 -31.61 -44.14
N GLU A 44 -23.84 -30.45 -44.33
CA GLU A 44 -24.47 -30.15 -45.62
C GLU A 44 -23.50 -30.35 -46.77
N GLU A 45 -23.85 -31.23 -47.71
CA GLU A 45 -22.96 -31.51 -48.83
C GLU A 45 -22.73 -30.28 -49.69
N THR A 46 -23.78 -29.50 -49.91
CA THR A 46 -23.65 -28.30 -50.71
C THR A 46 -22.69 -27.32 -50.04
N PRO A 47 -21.80 -26.72 -50.83
CA PRO A 47 -20.90 -25.71 -50.25
C PRO A 47 -21.69 -24.51 -49.76
N MET A 48 -21.38 -24.03 -48.56
CA MET A 48 -22.07 -22.87 -48.02
C MET A 48 -21.06 -21.91 -47.41
N ILE A 49 -21.34 -20.62 -47.49
CA ILE A 49 -20.45 -19.64 -46.89
C ILE A 49 -21.15 -19.02 -45.69
N GLY A 50 -20.51 -19.10 -44.53
CA GLY A 50 -21.11 -18.57 -43.33
C GLY A 50 -20.23 -17.59 -42.61
N ASP A 51 -20.79 -16.46 -42.21
CA ASP A 51 -20.04 -15.51 -41.44
C ASP A 51 -20.12 -15.90 -39.98
N LYS A 52 -21.25 -16.51 -39.58
CA LYS A 52 -21.38 -16.82 -38.16
C LYS A 52 -21.12 -18.28 -37.84
N VAL A 53 -19.98 -18.56 -37.21
CA VAL A 53 -19.61 -19.92 -36.85
C VAL A 53 -18.83 -19.93 -35.53
N TYR A 54 -18.74 -21.09 -34.89
CA TYR A 54 -17.95 -21.19 -33.68
C TYR A 54 -17.01 -22.35 -33.91
N VAL A 55 -16.07 -22.17 -34.81
CA VAL A 55 -15.14 -23.24 -35.17
C VAL A 55 -14.16 -23.59 -34.07
N HIS A 56 -13.77 -24.86 -33.98
CA HIS A 56 -12.80 -25.28 -32.98
C HIS A 56 -11.53 -25.72 -33.68
N TYR A 57 -10.40 -25.12 -33.32
CA TYR A 57 -9.15 -25.43 -34.01
C TYR A 57 -7.92 -25.47 -33.11
N LYS A 58 -6.88 -26.18 -33.54
CA LYS A 58 -5.65 -26.27 -32.75
C LYS A 58 -4.46 -25.76 -33.55
N GLY A 59 -4.08 -24.51 -33.33
CA GLY A 59 -2.97 -23.93 -34.06
C GLY A 59 -1.66 -24.46 -33.54
N LYS A 60 -1.15 -25.51 -34.16
CA LYS A 60 0.16 -26.02 -33.78
C LYS A 60 1.01 -26.08 -35.04
N LEU A 61 2.18 -25.44 -35.01
CA LEU A 61 3.07 -25.54 -36.16
C LEU A 61 3.50 -26.99 -36.31
N SER A 62 4.00 -27.60 -35.24
CA SER A 62 4.59 -28.94 -35.37
C SER A 62 5.75 -28.81 -36.37
N ASN A 63 6.20 -29.90 -36.99
CA ASN A 63 7.23 -29.79 -38.03
C ASN A 63 8.51 -29.07 -37.60
N GLY A 64 8.95 -29.28 -36.36
CA GLY A 64 10.17 -28.66 -35.88
C GLY A 64 9.98 -27.23 -35.44
N LYS A 65 8.75 -26.75 -35.46
CA LYS A 65 8.45 -25.38 -35.02
C LYS A 65 7.30 -25.49 -34.04
N LYS A 66 6.97 -24.41 -33.35
CA LYS A 66 5.93 -24.53 -32.34
C LYS A 66 4.99 -23.37 -32.38
N PHE A 67 3.70 -23.64 -32.48
CA PHE A 67 2.76 -22.53 -32.39
C PHE A 67 2.19 -22.56 -31.00
N ASP A 68 2.46 -21.52 -30.23
CA ASP A 68 2.02 -21.50 -28.85
C ASP A 68 0.68 -20.81 -28.66
N SER A 69 0.08 -20.31 -29.74
CA SER A 69 -1.16 -19.58 -29.58
C SER A 69 -2.31 -20.23 -30.31
N SER A 70 -3.45 -20.37 -29.65
CA SER A 70 -4.67 -20.92 -30.24
C SER A 70 -4.63 -22.44 -30.23
N HIS A 71 -3.46 -23.01 -29.97
CA HIS A 71 -3.37 -24.44 -29.82
C HIS A 71 -4.04 -24.83 -28.53
N ASP A 72 -3.84 -24.01 -27.51
CA ASP A 72 -4.37 -24.33 -26.20
C ASP A 72 -5.89 -24.39 -26.19
N ARG A 73 -6.53 -23.26 -26.37
CA ARG A 73 -7.99 -23.24 -26.26
C ARG A 73 -8.56 -23.02 -27.65
N ASN A 74 -9.54 -23.84 -28.03
CA ASN A 74 -10.14 -23.68 -29.34
C ASN A 74 -10.81 -22.32 -29.38
N GLU A 75 -10.63 -21.60 -30.48
CA GLU A 75 -11.18 -20.25 -30.53
C GLU A 75 -12.24 -20.07 -31.59
N PRO A 76 -13.41 -19.56 -31.19
CA PRO A 76 -14.41 -19.25 -32.21
C PRO A 76 -13.84 -18.17 -33.10
N PHE A 77 -14.02 -18.28 -34.41
CA PHE A 77 -13.40 -17.30 -35.30
C PHE A 77 -14.44 -16.40 -35.93
N VAL A 78 -14.29 -15.09 -35.71
CA VAL A 78 -15.23 -14.14 -36.28
C VAL A 78 -14.94 -13.97 -37.77
N PHE A 79 -15.72 -14.65 -38.60
CA PHE A 79 -15.52 -14.53 -40.04
C PHE A 79 -16.14 -13.23 -40.49
N SER A 80 -15.31 -12.35 -41.03
CA SER A 80 -15.81 -11.06 -41.43
C SER A 80 -16.84 -11.23 -42.52
N LEU A 81 -16.55 -12.07 -43.50
CA LEU A 81 -17.45 -12.29 -44.64
C LEU A 81 -16.93 -13.49 -45.41
N GLY A 82 -17.51 -13.76 -46.58
CA GLY A 82 -17.04 -14.86 -47.40
C GLY A 82 -15.61 -14.62 -47.81
N LYS A 83 -15.26 -13.38 -48.12
CA LYS A 83 -13.87 -13.07 -48.44
C LYS A 83 -13.22 -12.32 -47.28
N GLY A 84 -13.33 -12.86 -46.07
CA GLY A 84 -12.75 -12.20 -44.90
C GLY A 84 -11.25 -12.10 -44.96
N GLN A 85 -10.69 -10.97 -44.56
CA GLN A 85 -9.24 -10.78 -44.68
C GLN A 85 -8.49 -10.80 -43.35
N VAL A 86 -9.17 -11.13 -42.26
CA VAL A 86 -8.51 -11.09 -40.96
C VAL A 86 -7.37 -12.07 -40.91
N ILE A 87 -7.60 -13.31 -41.35
CA ILE A 87 -6.52 -14.28 -41.44
C ILE A 87 -6.66 -14.92 -42.82
N LYS A 88 -5.62 -14.83 -43.64
CA LYS A 88 -5.71 -15.36 -45.00
C LYS A 88 -5.88 -16.88 -45.04
N ALA A 89 -5.13 -17.59 -44.20
CA ALA A 89 -5.20 -19.04 -44.18
C ALA A 89 -6.57 -19.52 -43.75
N TRP A 90 -7.24 -18.75 -42.90
CA TRP A 90 -8.54 -19.18 -42.39
C TRP A 90 -9.57 -19.30 -43.50
N ASP A 91 -9.64 -18.33 -44.40
CA ASP A 91 -10.56 -18.42 -45.53
C ASP A 91 -10.20 -19.55 -46.49
N ILE A 92 -8.90 -19.78 -46.67
CA ILE A 92 -8.47 -20.80 -47.61
C ILE A 92 -9.15 -22.12 -47.27
N GLY A 93 -9.29 -22.40 -45.98
CA GLY A 93 -10.03 -23.60 -45.59
C GLY A 93 -11.46 -23.47 -46.02
N VAL A 94 -12.08 -22.35 -45.73
CA VAL A 94 -13.45 -22.20 -46.09
C VAL A 94 -13.63 -22.41 -47.58
N ALA A 95 -12.55 -22.57 -48.33
CA ALA A 95 -12.74 -22.91 -49.73
C ALA A 95 -13.13 -24.36 -49.77
N THR A 96 -14.30 -24.66 -50.32
CA THR A 96 -14.80 -26.03 -50.36
C THR A 96 -14.78 -26.57 -48.97
N MET A 97 -15.34 -25.79 -48.03
CA MET A 97 -15.46 -26.23 -46.65
C MET A 97 -16.93 -26.43 -46.36
N LYS A 98 -17.29 -27.58 -45.80
CA LYS A 98 -18.69 -27.86 -45.46
C LYS A 98 -19.04 -27.28 -44.11
N LYS A 99 -20.27 -27.45 -43.66
CA LYS A 99 -20.62 -27.03 -42.31
C LYS A 99 -20.63 -28.30 -41.46
N GLY A 100 -20.51 -28.17 -40.14
CA GLY A 100 -20.46 -29.35 -39.28
C GLY A 100 -19.59 -30.50 -39.77
N GLU A 101 -18.42 -30.20 -40.31
CA GLU A 101 -17.48 -31.23 -40.77
C GLU A 101 -16.14 -31.02 -40.05
N ILE A 102 -15.09 -31.75 -40.44
CA ILE A 102 -13.79 -31.53 -39.83
C ILE A 102 -12.93 -31.17 -40.97
N CYS A 103 -11.93 -30.38 -40.69
CA CYS A 103 -11.03 -29.97 -41.72
C CYS A 103 -9.61 -29.88 -41.17
N HIS A 104 -8.59 -29.93 -42.03
CA HIS A 104 -7.20 -29.75 -41.59
C HIS A 104 -6.58 -28.85 -42.65
N LEU A 105 -5.53 -28.13 -42.30
CA LEU A 105 -4.94 -27.15 -43.25
C LEU A 105 -3.48 -27.35 -43.56
N LEU A 106 -2.90 -26.50 -44.43
CA LEU A 106 -1.44 -26.64 -44.58
C LEU A 106 -0.72 -25.31 -44.73
N CYS A 107 0.58 -25.29 -44.50
CA CYS A 107 1.33 -24.03 -44.55
C CYS A 107 1.35 -23.27 -45.84
N LYS A 108 1.08 -21.98 -45.76
CA LYS A 108 1.20 -21.13 -46.93
C LYS A 108 1.88 -19.88 -46.44
N PRO A 109 3.12 -19.63 -46.88
CA PRO A 109 3.87 -18.49 -46.34
C PRO A 109 3.21 -17.15 -46.67
N GLU A 110 2.68 -17.01 -47.87
CA GLU A 110 2.03 -15.76 -48.29
C GLU A 110 0.83 -15.48 -47.41
N TYR A 111 0.11 -16.51 -47.03
CA TYR A 111 -1.12 -16.32 -46.26
C TYR A 111 -0.84 -16.14 -44.78
N ALA A 112 -0.37 -14.96 -44.41
CA ALA A 112 -0.05 -14.68 -43.01
C ALA A 112 -0.92 -13.52 -42.53
N TYR A 113 -1.41 -13.60 -41.29
CA TYR A 113 -2.33 -12.57 -40.82
C TYR A 113 -1.73 -11.17 -40.79
N GLY A 114 -0.47 -11.05 -40.39
CA GLY A 114 0.18 -9.76 -40.39
C GLY A 114 0.77 -9.43 -41.75
N SER A 115 -0.08 -9.17 -42.74
CA SER A 115 0.39 -8.81 -44.08
C SER A 115 1.32 -9.87 -44.66
N ALA A 116 2.47 -9.43 -45.16
CA ALA A 116 3.46 -10.37 -45.71
C ALA A 116 3.95 -11.29 -44.61
N GLY A 117 4.14 -10.74 -43.41
CA GLY A 117 4.61 -11.54 -42.29
C GLY A 117 6.07 -11.37 -41.96
N SER A 118 6.44 -11.69 -40.74
CA SER A 118 7.83 -11.57 -40.31
C SER A 118 8.23 -12.93 -39.80
N LEU A 119 9.50 -13.31 -39.94
CA LEU A 119 9.90 -14.67 -39.59
C LEU A 119 9.68 -15.11 -38.13
N PRO A 120 10.01 -14.26 -37.14
CA PRO A 120 9.73 -14.77 -35.80
C PRO A 120 8.24 -14.98 -35.50
N LYS A 121 7.38 -14.03 -35.88
CA LYS A 121 5.95 -14.22 -35.68
C LYS A 121 5.38 -15.35 -36.51
N ILE A 122 5.77 -15.39 -37.78
CA ILE A 122 5.28 -16.43 -38.67
C ILE A 122 6.49 -17.05 -39.35
N PRO A 123 6.66 -18.37 -39.27
CA PRO A 123 7.89 -18.90 -39.88
C PRO A 123 7.92 -18.58 -41.36
N SER A 124 9.09 -18.32 -41.92
CA SER A 124 9.15 -17.89 -43.32
C SER A 124 8.56 -18.92 -44.26
N ASN A 125 8.76 -20.20 -43.99
CA ASN A 125 8.20 -21.24 -44.83
C ASN A 125 6.84 -21.75 -44.37
N ALA A 126 6.51 -21.54 -43.10
CA ALA A 126 5.24 -22.09 -42.58
C ALA A 126 4.29 -21.10 -41.92
N THR A 127 3.02 -21.11 -42.31
CA THR A 127 2.04 -20.23 -41.63
C THR A 127 1.37 -20.97 -40.47
N LEU A 128 0.22 -20.49 -40.01
CA LEU A 128 -0.50 -21.20 -38.97
C LEU A 128 -1.55 -22.06 -39.62
N PHE A 129 -1.52 -23.36 -39.35
CA PHE A 129 -2.50 -24.28 -39.92
C PHE A 129 -3.22 -24.92 -38.76
N PHE A 130 -4.46 -25.32 -38.96
CA PHE A 130 -5.24 -25.81 -37.84
C PHE A 130 -6.17 -26.96 -38.16
N GLU A 131 -6.34 -27.86 -37.22
CA GLU A 131 -7.15 -29.02 -37.48
C GLU A 131 -8.54 -28.52 -37.25
N ILE A 132 -9.08 -27.83 -38.22
CA ILE A 132 -10.37 -27.22 -38.03
C ILE A 132 -11.49 -28.16 -37.80
N GLU A 133 -12.35 -27.81 -36.85
CA GLU A 133 -13.53 -28.60 -36.68
C GLU A 133 -14.55 -27.64 -37.24
N LEU A 134 -15.00 -27.90 -38.46
CA LEU A 134 -15.94 -27.00 -39.09
C LEU A 134 -17.32 -27.08 -38.43
N LEU A 135 -17.99 -25.94 -38.28
CA LEU A 135 -19.32 -25.91 -37.66
C LEU A 135 -20.27 -25.30 -38.68
N ASP A 136 -21.45 -24.85 -38.29
CA ASP A 136 -22.42 -24.36 -39.29
C ASP A 136 -21.83 -23.24 -40.13
N PHE A 137 -21.80 -23.41 -41.44
CA PHE A 137 -21.15 -22.42 -42.29
C PHE A 137 -22.06 -21.94 -43.38
N LYS A 138 -23.10 -21.21 -43.02
CA LYS A 138 -24.02 -20.68 -44.02
C LYS A 138 -24.40 -19.25 -43.68
N GLY A 139 -24.67 -18.42 -44.68
CA GLY A 139 -25.11 -17.06 -44.42
C GLY A 139 -23.99 -16.05 -44.36
N GLU A 140 -24.33 -14.78 -44.49
CA GLU A 140 -23.33 -13.74 -44.44
C GLU A 140 -23.66 -12.83 -43.28
N ASP A 141 -23.07 -11.64 -43.25
CA ASP A 141 -23.32 -10.71 -42.15
C ASP A 141 -24.79 -10.33 -42.10
N LEU A 142 -25.26 -10.11 -40.89
CA LEU A 142 -26.67 -9.79 -40.65
C LEU A 142 -26.85 -8.28 -40.61
N PHE A 143 -28.04 -7.84 -40.19
CA PHE A 143 -28.37 -6.43 -40.06
C PHE A 143 -28.55 -6.09 -38.59
N GLU A 144 -27.83 -5.06 -38.12
CA GLU A 144 -27.95 -4.67 -36.71
C GLU A 144 -29.35 -4.17 -36.40
N ASP A 145 -30.04 -3.59 -37.37
CA ASP A 145 -31.44 -3.21 -37.22
C ASP A 145 -32.39 -4.25 -37.80
N GLY A 146 -31.87 -5.39 -38.23
CA GLY A 146 -32.69 -6.51 -38.64
C GLY A 146 -33.45 -6.33 -39.94
N GLY A 147 -33.89 -7.45 -40.51
CA GLY A 147 -34.65 -7.45 -41.74
C GLY A 147 -33.90 -7.90 -42.96
N ILE A 148 -32.57 -8.06 -42.88
CA ILE A 148 -31.79 -8.42 -44.06
C ILE A 148 -30.48 -9.06 -43.60
N ILE A 149 -30.03 -10.05 -44.36
CA ILE A 149 -28.69 -10.60 -44.27
C ILE A 149 -28.01 -10.34 -45.60
N ARG A 150 -26.69 -10.19 -45.55
CA ARG A 150 -25.93 -9.98 -46.77
C ARG A 150 -26.13 -11.13 -47.74
N ARG A 151 -26.71 -10.84 -48.90
CA ARG A 151 -26.96 -11.84 -49.93
C ARG A 151 -26.32 -11.35 -51.22
N THR A 152 -25.03 -11.59 -51.36
CA THR A 152 -24.26 -10.99 -52.44
C THR A 152 -23.71 -12.04 -53.39
N LYS A 153 -23.21 -11.57 -54.52
CA LYS A 153 -22.42 -12.41 -55.41
C LYS A 153 -21.23 -11.68 -56.03
N ARG A 154 -20.88 -10.48 -55.55
CA ARG A 154 -19.70 -9.76 -56.02
C ARG A 154 -19.07 -9.03 -54.82
N LYS A 155 -17.90 -8.44 -55.06
CA LYS A 155 -17.09 -7.84 -54.00
C LYS A 155 -17.10 -6.33 -54.10
N GLY A 156 -16.98 -5.68 -52.94
CA GLY A 156 -16.90 -4.23 -52.91
C GLY A 156 -15.50 -3.74 -53.22
N GLU A 157 -15.39 -2.43 -53.39
CA GLU A 157 -14.12 -1.81 -53.77
C GLU A 157 -13.52 -0.93 -52.67
N GLY A 158 -14.25 -0.66 -51.61
CA GLY A 158 -13.74 0.20 -50.56
C GLY A 158 -13.53 1.62 -50.98
N TYR A 159 -13.58 1.91 -52.29
CA TYR A 159 -13.40 3.28 -52.74
C TYR A 159 -14.71 4.04 -52.70
N SER A 160 -15.81 3.39 -53.10
CA SER A 160 -17.07 4.09 -53.35
C SER A 160 -18.15 3.57 -52.41
N ASN A 161 -18.20 4.13 -51.20
CA ASN A 161 -19.28 3.86 -50.25
C ASN A 161 -20.38 4.88 -50.44
N PRO A 162 -21.53 4.51 -50.99
CA PRO A 162 -22.64 5.46 -51.12
C PRO A 162 -22.93 6.16 -49.80
N ASN A 163 -23.36 7.41 -49.91
CA ASN A 163 -23.57 8.25 -48.74
C ASN A 163 -24.92 8.93 -48.83
N GLU A 164 -25.52 9.15 -47.65
CA GLU A 164 -26.86 9.71 -47.53
C GLU A 164 -27.00 10.97 -48.36
N GLY A 165 -27.91 10.94 -49.31
CA GLY A 165 -28.12 12.06 -50.23
C GLY A 165 -27.51 11.87 -51.59
N ALA A 166 -26.79 10.79 -51.82
CA ALA A 166 -26.25 10.48 -53.14
C ALA A 166 -27.33 9.76 -53.94
N THR A 167 -27.80 10.38 -55.03
CA THR A 167 -28.78 9.72 -55.87
C THR A 167 -28.09 8.62 -56.67
N VAL A 168 -28.70 7.43 -56.67
CA VAL A 168 -28.00 6.21 -57.05
C VAL A 168 -28.45 5.75 -58.44
N GLU A 169 -27.69 4.79 -58.98
CA GLU A 169 -28.00 4.08 -60.22
C GLU A 169 -28.10 2.60 -59.88
N ILE A 170 -29.29 2.17 -59.48
CA ILE A 170 -29.57 0.78 -59.12
C ILE A 170 -30.50 0.18 -60.17
N HIS A 171 -30.24 -1.07 -60.54
CA HIS A 171 -31.20 -1.84 -61.31
C HIS A 171 -31.88 -2.83 -60.37
N LEU A 172 -33.04 -3.31 -60.81
CA LEU A 172 -33.85 -4.21 -60.00
C LEU A 172 -34.01 -5.55 -60.72
N GLU A 173 -34.10 -6.62 -59.92
CA GLU A 173 -34.19 -7.96 -60.49
C GLU A 173 -35.52 -8.17 -61.20
N GLY A 174 -36.63 -8.07 -60.46
CA GLY A 174 -37.93 -8.20 -61.07
C GLY A 174 -38.86 -9.17 -60.39
N ARG A 175 -38.49 -9.60 -59.18
CA ARG A 175 -39.26 -10.60 -58.45
C ARG A 175 -38.91 -10.50 -56.97
N CYS A 176 -39.88 -10.08 -56.16
CA CYS A 176 -39.69 -9.92 -54.72
C CYS A 176 -40.33 -11.09 -53.99
N GLY A 177 -39.56 -11.75 -53.12
CA GLY A 177 -40.06 -12.82 -52.30
C GLY A 177 -40.58 -14.04 -53.04
N GLY A 178 -40.37 -14.13 -54.35
CA GLY A 178 -41.03 -15.13 -55.15
C GLY A 178 -42.18 -14.62 -55.98
N ARG A 179 -42.38 -13.30 -56.03
CA ARG A 179 -43.45 -12.67 -56.79
C ARG A 179 -42.86 -11.61 -57.69
N MET A 180 -43.18 -11.67 -58.98
CA MET A 180 -42.79 -10.61 -59.91
C MET A 180 -43.38 -9.29 -59.43
N PHE A 181 -42.52 -8.39 -58.98
CA PHE A 181 -42.96 -7.15 -58.38
C PHE A 181 -42.89 -6.01 -59.38
N ASP A 182 -43.77 -5.02 -59.20
CA ASP A 182 -43.91 -3.92 -60.14
C ASP A 182 -43.02 -2.75 -59.72
N CYS A 183 -41.96 -2.53 -60.47
CA CYS A 183 -41.11 -1.35 -60.31
C CYS A 183 -40.18 -1.26 -61.51
N ARG A 184 -39.28 -0.29 -61.50
CA ARG A 184 -38.31 -0.07 -62.55
C ARG A 184 -36.97 0.21 -61.88
N ASP A 185 -35.95 0.48 -62.68
CA ASP A 185 -34.62 0.81 -62.18
C ASP A 185 -34.51 2.34 -62.17
N VAL A 186 -35.00 2.95 -61.10
CA VAL A 186 -35.18 4.40 -61.01
C VAL A 186 -34.05 4.98 -60.16
N ALA A 187 -33.78 6.28 -60.36
CA ALA A 187 -32.70 6.95 -59.65
C ALA A 187 -33.12 7.13 -58.20
N PHE A 188 -32.84 6.10 -57.41
CA PHE A 188 -33.27 6.09 -56.03
C PHE A 188 -32.44 7.07 -55.20
N THR A 189 -33.00 7.47 -54.07
CA THR A 189 -32.28 8.21 -53.06
C THR A 189 -32.95 7.91 -51.73
N VAL A 190 -32.22 8.10 -50.64
CA VAL A 190 -32.69 7.69 -49.31
C VAL A 190 -34.08 8.23 -49.03
N GLY A 191 -34.33 9.48 -49.40
CA GLY A 191 -35.63 10.08 -49.21
C GLY A 191 -36.64 9.85 -50.32
N GLU A 192 -36.46 8.80 -51.13
CA GLU A 192 -37.30 8.58 -52.29
C GLU A 192 -38.04 7.25 -52.28
N GLY A 193 -37.56 6.28 -51.50
CA GLY A 193 -38.13 4.93 -51.57
C GLY A 193 -39.62 4.89 -51.26
N GLU A 194 -40.04 5.64 -50.24
CA GLU A 194 -41.45 5.64 -49.86
C GLU A 194 -42.34 6.21 -50.95
N ASP A 195 -41.80 7.02 -51.85
CA ASP A 195 -42.59 7.63 -52.89
C ASP A 195 -42.93 6.68 -54.02
N HIS A 196 -42.02 5.76 -54.36
CA HIS A 196 -42.19 4.91 -55.52
C HIS A 196 -42.43 3.45 -55.16
N ASP A 197 -42.71 3.15 -53.89
CA ASP A 197 -43.32 1.89 -53.45
C ASP A 197 -42.46 0.67 -53.79
N ILE A 198 -41.31 0.58 -53.11
CA ILE A 198 -40.54 -0.65 -53.06
C ILE A 198 -39.97 -0.84 -51.66
N PRO A 199 -39.40 -1.99 -51.33
CA PRO A 199 -38.82 -2.18 -50.00
C PRO A 199 -37.89 -1.06 -49.58
N ILE A 200 -38.28 -0.40 -48.49
CA ILE A 200 -37.63 0.84 -48.08
C ILE A 200 -36.35 0.62 -47.30
N GLY A 201 -36.11 -0.60 -46.81
CA GLY A 201 -34.82 -0.87 -46.18
C GLY A 201 -33.63 -0.58 -47.06
N ILE A 202 -33.89 -0.34 -48.35
CA ILE A 202 -32.89 0.04 -49.34
C ILE A 202 -31.96 1.11 -48.79
N ASP A 203 -32.51 2.03 -48.01
CA ASP A 203 -31.72 3.13 -47.46
C ASP A 203 -30.48 2.62 -46.74
N LYS A 204 -30.68 1.84 -45.68
CA LYS A 204 -29.55 1.29 -44.94
C LYS A 204 -28.97 0.04 -45.59
N ALA A 205 -29.60 -0.45 -46.67
CA ALA A 205 -29.08 -1.61 -47.36
C ALA A 205 -27.94 -1.24 -48.31
N LEU A 206 -28.17 -0.26 -49.18
CA LEU A 206 -27.16 0.17 -50.13
C LEU A 206 -25.86 0.58 -49.46
N GLU A 207 -25.85 0.76 -48.14
CA GLU A 207 -24.61 1.00 -47.43
C GLU A 207 -23.58 -0.06 -47.78
N LYS A 208 -23.91 -1.31 -47.51
CA LYS A 208 -23.04 -2.40 -47.90
C LYS A 208 -22.98 -2.60 -49.40
N MET A 209 -23.61 -1.72 -50.18
CA MET A 209 -23.55 -1.77 -51.64
C MET A 209 -22.59 -0.70 -52.13
N GLN A 210 -21.66 -1.10 -53.01
CA GLN A 210 -20.67 -0.22 -53.60
C GLN A 210 -20.79 -0.35 -55.12
N ARG A 211 -19.78 0.10 -55.85
CA ARG A 211 -19.74 -0.10 -57.29
C ARG A 211 -19.21 -1.50 -57.61
N GLU A 212 -19.94 -2.20 -58.48
CA GLU A 212 -19.60 -3.55 -58.94
C GLU A 212 -19.47 -4.52 -57.77
N GLU A 213 -20.57 -4.68 -57.05
CA GLU A 213 -20.72 -5.74 -56.06
C GLU A 213 -22.20 -6.12 -56.02
N GLN A 214 -22.56 -7.17 -56.76
CA GLN A 214 -23.96 -7.61 -56.81
C GLN A 214 -24.35 -8.24 -55.49
N CYS A 215 -25.57 -7.91 -55.02
CA CYS A 215 -26.02 -8.39 -53.72
C CYS A 215 -27.56 -8.44 -53.71
N ILE A 216 -28.11 -9.66 -53.80
CA ILE A 216 -29.53 -9.84 -53.59
C ILE A 216 -29.86 -9.46 -52.15
N LEU A 217 -31.13 -9.25 -51.87
CA LEU A 217 -31.56 -8.75 -50.58
C LEU A 217 -32.68 -9.61 -50.03
N TYR A 218 -32.48 -10.19 -48.85
CA TYR A 218 -33.61 -10.64 -48.06
C TYR A 218 -34.21 -9.44 -47.34
N LEU A 219 -35.53 -9.38 -47.30
CA LEU A 219 -36.23 -8.26 -46.67
C LEU A 219 -37.14 -8.75 -45.56
N GLY A 220 -36.98 -8.18 -44.38
CA GLY A 220 -37.91 -8.37 -43.29
C GLY A 220 -38.96 -7.27 -43.27
N PRO A 221 -40.10 -7.52 -42.63
CA PRO A 221 -41.22 -6.58 -42.72
C PRO A 221 -40.91 -5.23 -42.11
N ARG A 222 -40.35 -5.22 -40.91
CA ARG A 222 -40.08 -3.97 -40.22
C ARG A 222 -38.90 -3.20 -40.81
N TYR A 223 -38.25 -3.73 -41.85
CA TYR A 223 -37.13 -3.03 -42.45
C TYR A 223 -37.48 -2.39 -43.79
N GLY A 224 -38.21 -3.10 -44.64
CA GLY A 224 -38.59 -2.55 -45.93
C GLY A 224 -40.08 -2.33 -46.08
N PHE A 225 -40.59 -2.51 -47.29
CA PHE A 225 -42.01 -2.37 -47.58
C PHE A 225 -42.85 -3.47 -46.91
N GLY A 226 -42.22 -4.40 -46.20
CA GLY A 226 -42.91 -5.52 -45.59
C GLY A 226 -44.02 -5.13 -44.64
N GLU A 227 -43.66 -4.50 -43.51
CA GLU A 227 -44.69 -4.11 -42.56
C GLU A 227 -45.66 -3.08 -43.14
N ALA A 228 -45.29 -2.45 -44.26
CA ALA A 228 -46.08 -1.31 -44.73
C ALA A 228 -47.29 -1.74 -45.54
N GLY A 229 -47.31 -2.98 -46.03
CA GLY A 229 -48.50 -3.40 -46.72
C GLY A 229 -48.52 -2.91 -48.17
N LYS A 230 -48.98 -3.78 -49.06
CA LYS A 230 -48.79 -3.61 -50.50
C LYS A 230 -50.13 -3.65 -51.21
N PRO A 231 -50.60 -2.54 -51.78
CA PRO A 231 -51.82 -2.57 -52.59
C PRO A 231 -51.57 -2.78 -54.08
N LYS A 232 -50.30 -2.74 -54.51
CA LYS A 232 -49.95 -2.79 -55.93
C LYS A 232 -49.20 -4.05 -56.32
N PHE A 233 -48.46 -4.66 -55.40
CA PHE A 233 -47.58 -5.78 -55.74
C PHE A 233 -48.34 -7.10 -55.80
N GLY A 234 -49.09 -7.42 -54.75
CA GLY A 234 -49.73 -8.72 -54.64
C GLY A 234 -48.85 -9.74 -53.96
N ILE A 235 -48.42 -9.45 -52.73
CA ILE A 235 -47.50 -10.27 -51.97
C ILE A 235 -48.26 -10.94 -50.83
N GLU A 236 -48.12 -12.26 -50.71
CA GLU A 236 -48.71 -12.98 -49.59
C GLU A 236 -47.88 -12.81 -48.31
N PRO A 237 -46.59 -13.21 -48.30
CA PRO A 237 -45.82 -13.12 -47.05
C PRO A 237 -45.13 -11.78 -46.89
N ASN A 238 -45.47 -11.02 -45.85
CA ASN A 238 -44.82 -9.72 -45.65
C ASN A 238 -43.43 -9.85 -45.06
N ALA A 239 -43.10 -10.99 -44.44
CA ALA A 239 -41.78 -11.18 -43.86
C ALA A 239 -40.83 -11.88 -44.80
N GLU A 240 -41.33 -12.74 -45.68
CA GLU A 240 -40.50 -13.46 -46.65
C GLU A 240 -40.44 -12.62 -47.91
N LEU A 241 -39.40 -11.80 -48.02
CA LEU A 241 -39.21 -10.88 -49.13
C LEU A 241 -37.76 -10.93 -49.56
N ILE A 242 -37.53 -11.32 -50.81
CA ILE A 242 -36.17 -11.45 -51.35
C ILE A 242 -36.17 -10.96 -52.78
N TYR A 243 -35.19 -10.14 -53.12
CA TYR A 243 -34.99 -9.72 -54.50
C TYR A 243 -33.62 -9.06 -54.65
N GLU A 244 -33.17 -8.97 -55.88
CA GLU A 244 -31.85 -8.46 -56.20
C GLU A 244 -31.95 -7.05 -56.74
N VAL A 245 -31.06 -6.18 -56.27
CA VAL A 245 -30.96 -4.80 -56.74
C VAL A 245 -29.57 -4.58 -57.31
N THR A 246 -29.51 -4.05 -58.52
CA THR A 246 -28.24 -3.92 -59.24
C THR A 246 -27.82 -2.45 -59.25
N LEU A 247 -27.05 -2.07 -58.23
CA LEU A 247 -26.49 -0.69 -58.18
C LEU A 247 -25.40 -0.60 -59.26
N LYS A 248 -25.79 -0.28 -60.49
CA LYS A 248 -24.81 -0.12 -61.59
C LYS A 248 -23.73 0.86 -61.13
N SER A 249 -24.10 2.13 -60.93
CA SER A 249 -23.14 3.14 -60.40
C SER A 249 -23.91 4.05 -59.44
N PHE A 250 -23.36 5.23 -59.14
CA PHE A 250 -24.06 6.20 -58.25
C PHE A 250 -23.25 7.49 -58.15
N GLU A 251 -23.91 8.60 -57.84
CA GLU A 251 -23.16 9.87 -57.62
C GLU A 251 -22.75 9.92 -56.14
N LYS A 252 -22.13 11.02 -55.71
CA LYS A 252 -21.79 11.15 -54.31
C LYS A 252 -22.52 12.32 -53.69
N ALA A 253 -23.19 12.08 -52.58
CA ALA A 253 -23.75 13.15 -51.79
C ALA A 253 -22.63 14.09 -51.34
N LYS A 254 -22.92 15.39 -51.36
CA LYS A 254 -21.97 16.40 -50.89
C LYS A 254 -22.07 16.49 -49.37
N GLU A 255 -20.98 16.17 -48.69
CA GLU A 255 -21.00 15.94 -47.27
C GLU A 255 -20.43 17.16 -46.56
N SER A 256 -20.25 17.03 -45.25
CA SER A 256 -19.72 18.11 -44.41
C SER A 256 -18.48 18.72 -45.03
N TRP A 257 -17.40 17.93 -45.13
CA TRP A 257 -16.16 18.45 -45.66
C TRP A 257 -16.33 18.84 -47.12
N GLU A 258 -17.53 18.65 -47.63
CA GLU A 258 -17.82 18.79 -49.04
C GLU A 258 -18.80 19.91 -49.35
N MET A 259 -19.79 20.14 -48.49
CA MET A 259 -20.70 21.24 -48.69
C MET A 259 -20.06 22.56 -48.28
N ASP A 260 -20.86 23.64 -48.30
CA ASP A 260 -20.44 24.95 -47.83
C ASP A 260 -21.66 25.67 -47.25
N THR A 261 -21.39 26.66 -46.39
CA THR A 261 -22.44 27.28 -45.59
C THR A 261 -23.56 27.84 -46.46
N LYS A 262 -23.23 28.38 -47.63
CA LYS A 262 -24.28 28.86 -48.52
C LYS A 262 -25.12 27.72 -49.06
N GLU A 263 -24.47 26.70 -49.62
CA GLU A 263 -25.21 25.52 -50.03
C GLU A 263 -25.83 24.82 -48.82
N LYS A 264 -25.21 24.96 -47.65
CA LYS A 264 -25.87 24.48 -46.45
C LYS A 264 -27.22 25.13 -46.29
N LEU A 265 -27.27 26.45 -46.38
CA LEU A 265 -28.53 27.18 -46.28
C LEU A 265 -29.48 26.75 -47.39
N GLU A 266 -28.97 26.54 -48.59
CA GLU A 266 -29.80 26.15 -49.71
C GLU A 266 -30.51 24.82 -49.42
N GLN A 267 -29.72 23.76 -49.21
CA GLN A 267 -30.32 22.46 -48.91
C GLN A 267 -31.07 22.46 -47.60
N ALA A 268 -30.74 23.38 -46.68
CA ALA A 268 -31.51 23.49 -45.46
C ALA A 268 -32.92 23.97 -45.73
N ALA A 269 -33.04 25.03 -46.51
CA ALA A 269 -34.36 25.55 -46.86
C ALA A 269 -35.14 24.51 -47.65
N ILE A 270 -34.49 23.87 -48.61
CA ILE A 270 -35.20 22.91 -49.47
C ILE A 270 -35.74 21.74 -48.65
N VAL A 271 -34.93 21.20 -47.75
CA VAL A 271 -35.41 20.12 -46.88
C VAL A 271 -36.49 20.60 -45.91
N LYS A 272 -36.39 21.82 -45.42
CA LYS A 272 -37.43 22.35 -44.55
C LYS A 272 -38.76 22.37 -45.31
N GLU A 273 -38.73 22.79 -46.57
CA GLU A 273 -39.95 22.75 -47.39
C GLU A 273 -40.37 21.32 -47.59
N LYS A 274 -39.39 20.44 -47.82
CA LYS A 274 -39.68 19.02 -48.00
C LYS A 274 -40.31 18.46 -46.74
N GLY A 275 -39.88 18.93 -45.58
CA GLY A 275 -40.42 18.47 -44.31
C GLY A 275 -41.89 18.78 -44.20
N THR A 276 -42.31 19.96 -44.66
CA THR A 276 -43.74 20.27 -44.67
C THR A 276 -44.45 19.30 -45.60
N VAL A 277 -43.86 19.00 -46.75
CA VAL A 277 -44.44 18.02 -47.66
C VAL A 277 -44.51 16.63 -47.02
N TYR A 278 -43.47 16.26 -46.28
CA TYR A 278 -43.47 14.97 -45.61
C TYR A 278 -44.61 14.94 -44.61
N PHE A 279 -44.81 16.03 -43.90
CA PHE A 279 -45.92 16.11 -42.95
C PHE A 279 -47.26 16.03 -43.65
N LYS A 280 -47.38 16.71 -44.79
CA LYS A 280 -48.62 16.68 -45.56
C LYS A 280 -48.90 15.28 -46.08
N GLY A 281 -47.87 14.59 -46.56
CA GLY A 281 -48.03 13.24 -47.05
C GLY A 281 -48.13 12.29 -45.89
N GLY A 282 -47.82 12.77 -44.69
CA GLY A 282 -47.89 11.94 -43.51
C GLY A 282 -46.80 10.91 -43.38
N LYS A 283 -45.98 10.70 -44.40
CA LYS A 283 -44.93 9.72 -44.32
C LYS A 283 -43.74 10.30 -43.57
N TYR A 284 -43.17 9.50 -42.68
CA TYR A 284 -42.11 9.97 -41.79
C TYR A 284 -40.92 9.04 -41.67
N MET A 285 -41.07 7.75 -41.98
CA MET A 285 -39.93 6.86 -41.87
C MET A 285 -38.80 7.31 -42.79
N GLN A 286 -39.14 7.94 -43.91
CA GLN A 286 -38.13 8.66 -44.66
C GLN A 286 -37.51 9.78 -43.83
N ALA A 287 -38.35 10.51 -43.10
CA ALA A 287 -37.92 11.77 -42.50
C ALA A 287 -36.92 11.59 -41.38
N VAL A 288 -36.82 10.39 -40.80
CA VAL A 288 -35.95 10.20 -39.63
C VAL A 288 -34.52 10.59 -39.95
N ILE A 289 -33.94 9.99 -40.99
CA ILE A 289 -32.53 10.24 -41.28
C ILE A 289 -32.31 11.58 -41.99
N GLN A 290 -33.30 12.10 -42.72
CA GLN A 290 -33.10 13.41 -43.33
C GLN A 290 -33.10 14.50 -42.28
N TYR A 291 -34.00 14.40 -41.29
CA TYR A 291 -33.91 15.32 -40.17
C TYR A 291 -32.60 15.11 -39.41
N GLY A 292 -32.19 13.86 -39.24
CA GLY A 292 -30.90 13.60 -38.60
C GLY A 292 -29.75 14.24 -39.36
N LYS A 293 -29.83 14.24 -40.69
CA LYS A 293 -28.76 14.82 -41.49
C LYS A 293 -28.75 16.34 -41.36
N ILE A 294 -29.92 16.96 -41.29
CA ILE A 294 -29.94 18.40 -41.03
C ILE A 294 -29.33 18.70 -39.66
N VAL A 295 -29.67 17.87 -38.67
CA VAL A 295 -29.06 18.00 -37.35
C VAL A 295 -27.55 18.02 -37.47
N SER A 296 -27.01 16.96 -38.06
CA SER A 296 -25.57 16.88 -38.24
C SER A 296 -25.04 18.05 -39.04
N TRP A 297 -25.80 18.52 -40.03
CA TRP A 297 -25.43 19.74 -40.75
C TRP A 297 -25.03 20.81 -39.76
N LEU A 298 -25.96 21.14 -38.90
CA LEU A 298 -25.74 22.29 -38.04
C LEU A 298 -24.81 21.97 -36.88
N GLU A 299 -24.65 20.70 -36.52
CA GLU A 299 -23.90 20.33 -35.33
C GLU A 299 -22.45 20.72 -35.39
N MET A 300 -22.02 21.33 -36.50
CA MET A 300 -20.64 21.80 -36.63
C MET A 300 -20.63 23.30 -36.96
N GLU A 301 -19.56 24.00 -36.58
CA GLU A 301 -19.47 25.44 -36.88
C GLU A 301 -19.40 25.70 -38.39
N TYR A 302 -19.83 26.90 -38.81
CA TYR A 302 -19.82 27.24 -40.25
C TYR A 302 -18.72 28.26 -40.54
N GLY A 303 -18.32 29.01 -39.50
CA GLY A 303 -17.28 30.05 -39.68
C GLY A 303 -17.66 31.02 -40.79
N LEU A 304 -18.94 31.40 -40.87
CA LEU A 304 -19.41 32.34 -41.89
C LEU A 304 -20.39 33.34 -41.28
N SER A 305 -20.84 34.32 -42.08
CA SER A 305 -21.85 35.28 -41.58
C SER A 305 -23.09 34.51 -41.14
N GLU A 306 -23.48 34.66 -39.87
CA GLU A 306 -24.63 33.95 -39.33
C GLU A 306 -25.57 34.92 -38.65
N LYS A 307 -25.90 36.02 -39.30
CA LYS A 307 -26.85 36.96 -38.73
C LYS A 307 -28.12 36.21 -38.38
N GLU A 308 -28.47 35.21 -39.19
CA GLU A 308 -29.63 34.39 -38.91
C GLU A 308 -29.21 33.03 -38.38
N SER A 309 -28.21 33.03 -37.49
CA SER A 309 -27.94 31.83 -36.71
C SER A 309 -29.20 31.33 -36.06
N LYS A 310 -30.03 32.26 -35.59
CA LYS A 310 -31.32 31.88 -35.00
C LYS A 310 -32.21 31.19 -36.03
N ALA A 311 -32.24 31.70 -37.27
CA ALA A 311 -33.13 31.09 -38.27
C ALA A 311 -32.67 29.69 -38.63
N SER A 312 -31.37 29.51 -38.80
CA SER A 312 -30.83 28.18 -39.02
C SER A 312 -31.22 27.24 -37.88
N GLU A 313 -30.91 27.66 -36.64
CA GLU A 313 -31.25 26.83 -35.49
C GLU A 313 -32.75 26.61 -35.38
N SER A 314 -33.56 27.51 -35.94
CA SER A 314 -35.01 27.35 -35.91
C SER A 314 -35.45 26.26 -36.86
N PHE A 315 -34.89 26.26 -38.05
CA PHE A 315 -35.07 25.12 -38.94
C PHE A 315 -34.71 23.84 -38.20
N LEU A 316 -33.57 23.86 -37.50
CA LEU A 316 -33.11 22.70 -36.77
C LEU A 316 -34.12 22.28 -35.69
N LEU A 317 -34.68 23.25 -35.00
CA LEU A 317 -35.58 22.96 -33.90
C LEU A 317 -36.93 22.48 -34.39
N ALA A 318 -37.45 23.07 -35.48
CA ALA A 318 -38.65 22.52 -36.08
C ALA A 318 -38.41 21.09 -36.55
N ALA A 319 -37.18 20.81 -36.99
CA ALA A 319 -36.82 19.43 -37.31
C ALA A 319 -36.90 18.55 -36.07
N PHE A 320 -36.34 19.04 -34.96
CA PHE A 320 -36.52 18.35 -33.68
C PHE A 320 -37.99 18.05 -33.42
N LEU A 321 -38.83 19.05 -33.66
CA LEU A 321 -40.26 18.94 -33.40
C LEU A 321 -40.86 17.80 -34.20
N ASN A 322 -40.71 17.85 -35.52
CA ASN A 322 -41.32 16.82 -36.34
C ASN A 322 -40.68 15.46 -36.11
N LEU A 323 -39.40 15.43 -35.72
CA LEU A 323 -38.77 14.17 -35.36
C LEU A 323 -39.47 13.54 -34.17
N ALA A 324 -39.62 14.31 -33.10
CA ALA A 324 -40.41 13.83 -31.97
C ALA A 324 -41.83 13.50 -32.38
N MET A 325 -42.38 14.23 -33.34
CA MET A 325 -43.73 13.97 -33.82
C MET A 325 -43.82 12.55 -34.37
N CYS A 326 -42.87 12.18 -35.24
CA CYS A 326 -42.90 10.84 -35.81
C CYS A 326 -42.58 9.78 -34.76
N TYR A 327 -41.69 10.09 -33.83
CA TYR A 327 -41.39 9.15 -32.74
C TYR A 327 -42.63 8.88 -31.91
N LEU A 328 -43.47 9.90 -31.73
CA LEU A 328 -44.79 9.69 -31.15
C LEU A 328 -45.66 8.86 -32.08
N LYS A 329 -45.57 9.11 -33.38
CA LYS A 329 -46.42 8.41 -34.35
C LYS A 329 -46.22 6.91 -34.27
N LEU A 330 -44.96 6.44 -34.26
CA LEU A 330 -44.74 5.01 -34.27
C LEU A 330 -43.74 4.54 -33.22
N ARG A 331 -42.77 5.38 -32.87
CA ARG A 331 -41.61 4.88 -32.16
C ARG A 331 -41.87 4.77 -30.65
N GLU A 332 -40.92 4.14 -29.96
CA GLU A 332 -41.01 3.91 -28.53
C GLU A 332 -40.42 5.05 -27.70
N TYR A 333 -40.32 6.24 -28.29
CA TYR A 333 -40.08 7.52 -27.64
C TYR A 333 -38.64 7.69 -27.16
N THR A 334 -37.79 6.67 -27.25
CA THR A 334 -36.40 6.86 -26.86
C THR A 334 -35.71 7.87 -27.77
N LYS A 335 -35.92 7.74 -29.08
CA LYS A 335 -35.38 8.72 -30.01
C LYS A 335 -36.15 10.03 -29.93
N ALA A 336 -37.41 9.98 -29.49
CA ALA A 336 -38.11 11.22 -29.15
C ALA A 336 -37.37 11.94 -28.03
N VAL A 337 -36.98 11.21 -26.98
CA VAL A 337 -36.19 11.79 -25.92
C VAL A 337 -34.91 12.38 -26.48
N GLU A 338 -34.28 11.66 -27.42
CA GLU A 338 -33.05 12.17 -28.03
C GLU A 338 -33.28 13.50 -28.73
N CYS A 339 -34.22 13.54 -29.68
CA CYS A 339 -34.40 14.74 -30.50
C CYS A 339 -34.82 15.92 -29.62
N CYS A 340 -35.81 15.73 -28.77
CA CYS A 340 -36.25 16.86 -27.96
C CYS A 340 -35.24 17.21 -26.87
N ASP A 341 -34.37 16.28 -26.49
CA ASP A 341 -33.32 16.64 -25.53
C ASP A 341 -32.27 17.52 -26.19
N LYS A 342 -31.94 17.24 -27.45
CA LYS A 342 -31.12 18.20 -28.21
C LYS A 342 -31.83 19.54 -28.33
N ALA A 343 -33.15 19.50 -28.54
CA ALA A 343 -33.95 20.73 -28.55
C ALA A 343 -33.75 21.53 -27.26
N LEU A 344 -33.99 20.88 -26.12
CA LEU A 344 -33.79 21.54 -24.83
C LEU A 344 -32.36 22.04 -24.69
N GLY A 345 -31.39 21.27 -25.21
CA GLY A 345 -30.02 21.70 -25.20
C GLY A 345 -29.80 22.97 -26.01
N LEU A 346 -30.73 23.24 -26.94
CA LEU A 346 -30.64 24.49 -27.75
C LEU A 346 -31.80 25.40 -27.34
N ASP A 347 -33.00 25.19 -27.87
CA ASP A 347 -34.16 25.98 -27.43
C ASP A 347 -35.05 25.08 -26.58
N SER A 348 -35.11 25.35 -25.28
CA SER A 348 -35.96 24.57 -24.35
C SER A 348 -37.32 25.26 -24.20
N ALA A 349 -37.51 26.40 -24.86
CA ALA A 349 -38.78 27.16 -24.74
C ALA A 349 -39.75 26.73 -25.84
N ASN A 350 -39.48 25.61 -26.51
CA ASN A 350 -40.38 25.10 -27.55
C ASN A 350 -41.80 25.02 -27.03
N GLU A 351 -42.72 25.76 -27.65
CA GLU A 351 -44.12 25.76 -27.21
C GLU A 351 -44.74 24.38 -27.32
N LYS A 352 -44.24 23.56 -28.24
CA LYS A 352 -44.73 22.20 -28.38
C LYS A 352 -43.68 21.12 -28.15
N GLY A 353 -42.40 21.43 -28.32
CA GLY A 353 -41.39 20.38 -28.30
C GLY A 353 -41.29 19.69 -26.96
N LEU A 354 -40.89 20.44 -25.94
CA LEU A 354 -40.83 19.86 -24.61
C LEU A 354 -42.21 19.37 -24.17
N TYR A 355 -43.27 19.98 -24.69
CA TYR A 355 -44.60 19.46 -24.37
C TYR A 355 -44.76 18.03 -24.84
N ARG A 356 -44.34 17.75 -26.07
CA ARG A 356 -44.46 16.38 -26.55
C ARG A 356 -43.47 15.48 -25.84
N ARG A 357 -42.34 16.01 -25.39
CA ARG A 357 -41.41 15.18 -24.64
C ARG A 357 -42.02 14.75 -23.31
N GLY A 358 -42.66 15.68 -22.61
CA GLY A 358 -43.36 15.33 -21.38
C GLY A 358 -44.53 14.40 -21.63
N GLU A 359 -45.23 14.60 -22.75
CA GLU A 359 -46.32 13.70 -23.10
C GLU A 359 -45.80 12.29 -23.32
N ALA A 360 -44.65 12.17 -23.99
CA ALA A 360 -43.98 10.88 -24.09
C ALA A 360 -43.66 10.32 -22.71
N GLN A 361 -43.15 11.18 -21.82
CA GLN A 361 -42.85 10.73 -20.46
C GLN A 361 -44.06 10.13 -19.78
N LEU A 362 -45.22 10.78 -19.91
CA LEU A 362 -46.44 10.20 -19.38
C LEU A 362 -46.83 8.92 -20.12
N LEU A 363 -46.70 8.91 -21.43
CA LEU A 363 -46.89 7.65 -22.13
C LEU A 363 -45.75 6.69 -21.87
N MET A 364 -44.57 7.20 -21.53
CA MET A 364 -43.57 6.38 -20.86
C MET A 364 -43.97 6.06 -19.43
N ASN A 365 -45.09 6.59 -18.95
CA ASN A 365 -45.64 6.43 -17.61
C ASN A 365 -44.78 7.04 -16.52
N GLU A 366 -43.73 7.79 -16.89
CA GLU A 366 -42.95 8.53 -15.90
C GLU A 366 -43.65 9.88 -15.67
N PHE A 367 -44.70 9.83 -14.86
CA PHE A 367 -45.56 10.98 -14.70
C PHE A 367 -45.00 12.02 -13.75
N GLU A 368 -43.86 11.76 -13.11
CA GLU A 368 -43.29 12.69 -12.13
C GLU A 368 -42.38 13.72 -12.79
N SER A 369 -41.39 13.26 -13.54
CA SER A 369 -40.68 14.16 -14.44
C SER A 369 -41.67 14.84 -15.37
N ALA A 370 -42.76 14.13 -15.71
CA ALA A 370 -43.84 14.76 -16.45
C ALA A 370 -44.47 15.87 -15.65
N LYS A 371 -44.69 15.67 -14.35
CA LYS A 371 -45.19 16.76 -13.53
C LYS A 371 -44.27 17.96 -13.64
N GLY A 372 -42.98 17.73 -13.49
CA GLY A 372 -41.99 18.79 -13.57
C GLY A 372 -42.06 19.58 -14.87
N ASP A 373 -41.76 18.91 -15.97
CA ASP A 373 -41.71 19.64 -17.24
C ASP A 373 -43.07 20.12 -17.68
N PHE A 374 -44.16 19.49 -17.23
CA PHE A 374 -45.48 19.94 -17.61
C PHE A 374 -45.83 21.24 -16.91
N GLU A 375 -45.52 21.33 -15.62
CA GLU A 375 -45.69 22.61 -14.99
C GLU A 375 -44.78 23.65 -15.62
N LYS A 376 -43.59 23.24 -16.08
CA LYS A 376 -42.74 24.18 -16.80
C LYS A 376 -43.43 24.70 -18.04
N VAL A 377 -43.93 23.80 -18.87
CA VAL A 377 -44.56 24.22 -20.12
C VAL A 377 -45.82 25.02 -19.83
N LEU A 378 -46.46 24.75 -18.71
CA LEU A 378 -47.60 25.58 -18.34
C LEU A 378 -47.15 26.98 -17.96
N GLU A 379 -45.98 27.10 -17.31
CA GLU A 379 -45.43 28.43 -17.11
C GLU A 379 -45.33 29.13 -18.45
N VAL A 380 -44.63 28.51 -19.40
CA VAL A 380 -44.45 29.20 -20.66
C VAL A 380 -45.74 29.22 -21.46
N ASN A 381 -46.57 28.19 -21.33
CA ASN A 381 -47.86 28.17 -22.01
C ASN A 381 -48.97 28.08 -20.98
N PRO A 382 -49.47 29.22 -20.50
CA PRO A 382 -50.72 29.23 -19.74
C PRO A 382 -51.96 29.34 -20.62
N GLN A 383 -51.84 29.15 -21.93
CA GLN A 383 -52.94 29.40 -22.84
C GLN A 383 -53.75 28.15 -23.15
N ASN A 384 -53.11 27.13 -23.71
CA ASN A 384 -53.85 25.98 -24.20
C ASN A 384 -54.16 25.01 -23.06
N LYS A 385 -55.08 24.09 -23.34
CA LYS A 385 -55.52 23.09 -22.36
C LYS A 385 -54.89 21.73 -22.55
N ALA A 386 -54.18 21.51 -23.66
CA ALA A 386 -53.67 20.17 -23.94
C ALA A 386 -52.70 19.69 -22.87
N ALA A 387 -51.74 20.54 -22.51
CA ALA A 387 -50.74 20.12 -21.54
C ALA A 387 -51.31 20.00 -20.15
N ARG A 388 -52.27 20.87 -19.79
CA ARG A 388 -52.90 20.76 -18.48
C ARG A 388 -53.73 19.48 -18.39
N LEU A 389 -54.50 19.18 -19.42
CA LEU A 389 -55.22 17.92 -19.43
C LEU A 389 -54.25 16.74 -19.43
N GLN A 390 -53.09 16.91 -20.06
CA GLN A 390 -52.12 15.82 -20.08
C GLN A 390 -51.54 15.57 -18.70
N ILE A 391 -51.22 16.63 -17.96
CA ILE A 391 -50.72 16.44 -16.60
C ILE A 391 -51.83 15.90 -15.69
N SER A 392 -53.08 16.24 -15.99
CA SER A 392 -54.19 15.61 -15.30
C SER A 392 -54.19 14.11 -15.56
N MET A 393 -53.97 13.71 -16.81
CA MET A 393 -53.81 12.29 -17.12
C MET A 393 -52.61 11.70 -16.42
N CYS A 394 -51.56 12.49 -16.19
CA CYS A 394 -50.45 12.00 -15.39
C CYS A 394 -50.92 11.63 -13.99
N GLN A 395 -51.73 12.50 -13.39
CA GLN A 395 -52.30 12.18 -12.08
C GLN A 395 -53.17 10.92 -12.17
N LYS A 396 -53.93 10.78 -13.25
CA LYS A 396 -54.79 9.60 -13.41
C LYS A 396 -53.96 8.32 -13.49
N LYS A 397 -52.90 8.33 -14.29
CA LYS A 397 -52.07 7.14 -14.45
C LYS A 397 -51.29 6.84 -13.18
N ALA A 398 -50.91 7.87 -12.44
CA ALA A 398 -50.33 7.66 -11.11
C ALA A 398 -51.30 6.92 -10.22
N LYS A 399 -52.54 7.42 -10.11
CA LYS A 399 -53.54 6.74 -9.31
C LYS A 399 -53.82 5.34 -9.82
N GLU A 400 -53.68 5.12 -11.12
CA GLU A 400 -53.93 3.80 -11.67
C GLU A 400 -52.84 2.82 -11.26
N HIS A 401 -51.58 3.22 -11.39
CA HIS A 401 -50.50 2.40 -10.85
C HIS A 401 -50.66 2.19 -9.35
N ASN A 402 -51.18 3.20 -8.66
CA ASN A 402 -51.48 3.08 -7.24
C ASN A 402 -52.41 1.91 -7.04
N GLU A 403 -53.65 2.03 -7.53
CA GLU A 403 -54.63 0.98 -7.35
C GLU A 403 -54.10 -0.36 -7.83
N ARG A 404 -53.24 -0.35 -8.84
CA ARG A 404 -52.55 -1.55 -9.28
C ARG A 404 -51.82 -2.20 -8.11
N ASP A 405 -50.86 -1.50 -7.53
CA ASP A 405 -50.12 -2.09 -6.42
C ASP A 405 -51.05 -2.38 -5.25
N ARG A 406 -52.04 -1.53 -5.02
CA ARG A 406 -53.03 -1.78 -3.97
C ARG A 406 -53.61 -3.16 -4.10
N ARG A 407 -54.16 -3.46 -5.27
CA ARG A 407 -54.71 -4.79 -5.51
C ARG A 407 -53.63 -5.85 -5.34
N ILE A 408 -52.53 -5.73 -6.10
CA ILE A 408 -51.52 -6.77 -6.08
C ILE A 408 -50.84 -6.88 -4.72
N TYR A 409 -51.09 -5.94 -3.81
CA TYR A 409 -50.39 -5.96 -2.51
C TYR A 409 -51.37 -5.74 -1.36
N ALA A 410 -52.29 -6.69 -1.16
CA ALA A 410 -53.24 -6.59 -0.02
C ALA A 410 -52.78 -7.58 1.06
N ASN A 411 -52.17 -7.07 2.14
CA ASN A 411 -51.62 -7.98 3.18
C ASN A 411 -50.78 -9.06 2.49
N MET A 412 -49.97 -8.64 1.53
CA MET A 412 -49.17 -9.59 0.78
C MET A 412 -48.50 -10.46 1.80
N PHE A 413 -48.16 -9.88 2.93
CA PHE A 413 -47.53 -10.64 3.97
C PHE A 413 -48.36 -11.79 4.53
N LYS A 414 -49.67 -11.56 4.74
CA LYS A 414 -50.54 -12.59 5.31
C LYS A 414 -50.48 -13.89 4.51
N LYS A 415 -50.18 -13.77 3.23
CA LYS A 415 -50.07 -14.97 2.38
C LYS A 415 -48.96 -15.85 2.89
N PHE A 416 -47.88 -15.24 3.38
CA PHE A 416 -46.80 -16.03 3.96
C PHE A 416 -47.31 -16.78 5.19
N ALA A 417 -48.14 -16.15 6.00
CA ALA A 417 -48.69 -16.80 7.18
C ALA A 417 -49.51 -18.03 6.83
N GLU A 418 -50.12 -18.05 5.65
CA GLU A 418 -50.86 -19.22 5.20
C GLU A 418 -49.95 -20.43 5.15
N GLN A 419 -48.75 -20.25 4.60
CA GLN A 419 -47.78 -21.33 4.53
C GLN A 419 -47.50 -21.90 5.91
N ASP A 420 -47.39 -21.03 6.92
CA ASP A 420 -47.12 -21.49 8.26
C ASP A 420 -48.25 -22.40 8.73
N ALA A 421 -47.88 -23.56 9.27
CA ALA A 421 -48.85 -24.55 9.70
C ALA A 421 -49.60 -24.07 10.94
N GLU B 15 57.36 1.89 42.82
CA GLU B 15 57.85 3.21 43.20
C GLU B 15 58.45 3.92 41.99
N GLU B 16 59.49 3.33 41.42
CA GLU B 16 60.15 3.93 40.29
C GLU B 16 59.18 4.09 39.13
N VAL B 17 59.14 5.29 38.56
CA VAL B 17 58.20 5.54 37.48
C VAL B 17 58.93 5.36 36.16
N GLU B 18 58.46 4.43 35.35
CA GLU B 18 58.93 4.33 33.98
C GLU B 18 57.91 5.05 33.09
N THR B 19 57.92 6.36 33.21
CA THR B 19 57.00 7.18 32.42
C THR B 19 57.36 7.26 30.96
N PHE B 20 56.49 6.74 30.10
CA PHE B 20 56.71 6.82 28.67
C PHE B 20 55.46 7.39 28.06
N ALA B 21 55.61 8.10 26.95
CA ALA B 21 54.46 8.47 26.17
C ALA B 21 53.97 7.25 25.38
N PHE B 22 52.74 7.35 24.91
CA PHE B 22 52.20 6.25 24.12
C PHE B 22 52.96 6.14 22.81
N GLN B 23 53.32 4.92 22.45
CA GLN B 23 53.94 4.66 21.17
C GLN B 23 52.88 4.17 20.22
N ALA B 24 53.30 3.65 19.07
CA ALA B 24 52.35 3.14 18.09
C ALA B 24 53.10 2.29 17.09
N GLU B 25 52.34 1.48 16.37
CA GLU B 25 52.85 0.74 15.23
C GLU B 25 52.14 1.23 13.98
N ILE B 26 52.84 1.18 12.86
CA ILE B 26 52.37 1.79 11.64
C ILE B 26 51.70 0.78 10.73
N ALA B 27 52.34 -0.36 10.51
CA ALA B 27 51.84 -1.31 9.51
C ALA B 27 50.42 -1.73 9.82
N GLN B 28 50.23 -2.33 10.98
CA GLN B 28 48.90 -2.80 11.36
C GLN B 28 47.93 -1.63 11.43
N LEU B 29 48.40 -0.49 11.92
CA LEU B 29 47.53 0.67 12.01
C LEU B 29 46.94 1.00 10.66
N MET B 30 47.82 1.30 9.71
CA MET B 30 47.41 1.66 8.36
C MET B 30 46.49 0.61 7.78
N SER B 31 46.93 -0.65 7.80
CA SER B 31 46.15 -1.71 7.19
C SER B 31 44.73 -1.72 7.75
N LEU B 32 44.63 -1.73 9.07
CA LEU B 32 43.35 -1.64 9.74
C LEU B 32 42.55 -0.48 9.21
N ILE B 33 43.15 0.71 9.19
CA ILE B 33 42.43 1.87 8.70
C ILE B 33 41.81 1.56 7.36
N ILE B 34 42.62 1.05 6.45
CA ILE B 34 42.17 0.74 5.11
C ILE B 34 40.94 -0.15 5.17
N ASN B 35 41.11 -1.34 5.71
CA ASN B 35 40.13 -2.38 5.55
C ASN B 35 39.03 -2.34 6.59
N THR B 36 38.99 -1.30 7.42
CA THR B 36 38.00 -1.27 8.48
C THR B 36 37.21 0.02 8.55
N PHE B 37 37.83 1.12 8.14
CA PHE B 37 37.28 2.41 8.54
C PHE B 37 35.94 2.72 7.90
N TYR B 38 35.69 2.14 6.73
CA TYR B 38 34.48 2.46 5.99
C TYR B 38 33.88 1.22 5.37
N SER B 39 32.56 1.22 5.18
CA SER B 39 31.90 0.07 4.58
C SER B 39 31.64 0.26 3.10
N ASN B 40 31.65 1.50 2.64
CA ASN B 40 31.34 1.76 1.25
C ASN B 40 32.60 2.03 0.47
N LYS B 41 32.86 1.22 -0.54
CA LYS B 41 34.08 1.38 -1.33
C LYS B 41 34.15 2.70 -2.07
N GLU B 42 33.03 3.18 -2.57
CA GLU B 42 33.02 4.38 -3.39
C GLU B 42 33.33 5.66 -2.67
N ILE B 43 33.38 5.64 -1.35
CA ILE B 43 33.55 6.88 -0.63
C ILE B 43 34.85 7.57 -0.99
N PHE B 44 35.81 6.86 -1.57
CA PHE B 44 37.12 7.45 -1.80
C PHE B 44 37.11 8.71 -2.62
N LEU B 45 36.27 8.75 -3.63
CA LEU B 45 36.21 9.94 -4.40
C LEU B 45 35.26 10.93 -3.77
N ARG B 46 35.62 11.48 -2.62
CA ARG B 46 34.78 12.48 -2.01
C ARG B 46 35.71 13.32 -1.24
N GLU B 47 36.57 12.64 -0.53
CA GLU B 47 37.53 13.33 0.30
C GLU B 47 38.74 13.78 -0.51
N LEU B 48 39.05 13.07 -1.60
CA LEU B 48 39.96 13.65 -2.57
C LEU B 48 39.51 15.06 -2.90
N ILE B 49 38.24 15.17 -3.28
CA ILE B 49 37.63 16.45 -3.55
C ILE B 49 37.75 17.37 -2.36
N SER B 50 37.39 16.89 -1.16
CA SER B 50 37.39 17.74 0.05
C SER B 50 38.74 18.34 0.30
N ASN B 51 39.78 17.54 0.17
CA ASN B 51 41.12 18.05 0.35
C ASN B 51 41.32 19.13 -0.66
N SER B 52 41.08 18.77 -1.91
CA SER B 52 41.29 19.73 -2.98
C SER B 52 40.58 21.04 -2.65
N SER B 53 39.36 20.92 -2.15
CA SER B 53 38.49 22.07 -1.94
C SER B 53 39.08 23.00 -0.92
N ASP B 54 39.38 22.46 0.25
CA ASP B 54 39.94 23.29 1.29
C ASP B 54 41.28 23.86 0.87
N ALA B 55 42.07 23.09 0.14
CA ALA B 55 43.35 23.60 -0.33
C ALA B 55 43.14 24.85 -1.15
N LEU B 56 42.41 24.70 -2.25
CA LEU B 56 42.08 25.83 -3.09
C LEU B 56 41.45 26.95 -2.30
N ASP B 57 40.65 26.62 -1.29
CA ASP B 57 39.94 27.64 -0.52
C ASP B 57 40.92 28.50 0.23
N LYS B 58 41.71 27.88 1.09
CA LYS B 58 42.75 28.60 1.81
C LYS B 58 43.48 29.48 0.81
N ILE B 59 44.01 28.86 -0.24
CA ILE B 59 44.88 29.64 -1.10
C ILE B 59 44.10 30.76 -1.76
N ARG B 60 42.81 30.56 -1.93
CA ARG B 60 41.98 31.59 -2.52
C ARG B 60 42.07 32.77 -1.62
N TYR B 61 41.84 32.54 -0.34
CA TYR B 61 41.85 33.64 0.61
C TYR B 61 43.21 34.28 0.54
N GLU B 62 44.24 33.47 0.43
CA GLU B 62 45.58 33.99 0.36
C GLU B 62 45.76 34.83 -0.89
N SER B 63 45.13 34.40 -1.97
CA SER B 63 45.24 35.14 -3.21
C SER B 63 44.59 36.50 -3.05
N LEU B 64 43.43 36.53 -2.43
CA LEU B 64 42.78 37.80 -2.18
C LEU B 64 43.69 38.68 -1.35
N THR B 65 44.44 38.06 -0.44
CA THR B 65 45.49 38.80 0.22
C THR B 65 46.49 39.30 -0.82
N ASP B 66 47.20 38.38 -1.45
CA ASP B 66 48.23 38.78 -2.39
C ASP B 66 48.10 37.98 -3.67
N PRO B 67 48.26 38.64 -4.83
CA PRO B 67 47.90 38.03 -6.11
C PRO B 67 48.96 37.20 -6.81
N SER B 68 50.04 36.83 -6.14
CA SER B 68 51.13 36.12 -6.81
C SER B 68 50.81 34.69 -7.26
N LYS B 69 50.21 33.89 -6.39
CA LYS B 69 49.91 32.52 -6.77
C LYS B 69 48.93 32.50 -7.91
N LEU B 70 47.83 33.22 -7.76
CA LEU B 70 46.80 33.13 -8.79
C LEU B 70 47.25 33.79 -10.07
N ASP B 71 48.09 34.83 -10.01
CA ASP B 71 48.62 35.41 -11.24
C ASP B 71 48.99 34.31 -12.22
N SER B 72 49.91 33.44 -11.82
CA SER B 72 50.27 32.31 -12.68
C SER B 72 49.15 31.28 -12.88
N GLY B 73 48.48 30.89 -11.80
CA GLY B 73 47.41 29.91 -11.91
C GLY B 73 46.27 30.38 -12.78
N LYS B 74 45.47 31.33 -12.29
CA LYS B 74 44.35 31.89 -13.07
C LYS B 74 43.34 30.82 -13.43
N GLU B 75 43.20 29.80 -12.59
CA GLU B 75 42.30 28.68 -12.89
C GLU B 75 41.83 28.07 -11.59
N LEU B 76 40.57 27.64 -11.54
CA LEU B 76 40.04 27.06 -10.32
C LEU B 76 39.42 25.69 -10.54
N HIS B 77 39.43 25.21 -11.78
CA HIS B 77 38.76 23.94 -12.10
C HIS B 77 39.39 22.69 -11.51
N ILE B 78 38.59 21.62 -11.45
CA ILE B 78 39.12 20.32 -10.95
C ILE B 78 38.61 19.24 -11.91
N ASN B 79 39.48 18.40 -12.46
CA ASN B 79 39.02 17.39 -13.41
C ASN B 79 39.48 15.99 -13.05
N LEU B 80 38.75 14.98 -13.51
CA LEU B 80 39.13 13.58 -13.23
C LEU B 80 39.41 12.88 -14.57
N ILE B 81 40.46 12.07 -14.64
CA ILE B 81 40.78 11.32 -15.89
C ILE B 81 40.73 9.81 -15.60
N PRO B 82 39.74 9.07 -16.15
CA PRO B 82 39.68 7.62 -15.97
C PRO B 82 40.87 6.94 -16.66
N ASN B 83 41.20 7.39 -17.88
CA ASN B 83 42.35 6.82 -18.64
C ASN B 83 42.26 5.30 -18.65
N LYS B 84 41.17 4.75 -19.17
CA LYS B 84 40.99 3.30 -19.21
C LYS B 84 42.12 2.60 -19.94
N GLN B 85 42.54 3.15 -21.08
CA GLN B 85 43.60 2.52 -21.85
C GLN B 85 44.83 2.23 -21.02
N ASP B 86 44.96 2.83 -19.85
CA ASP B 86 46.01 2.48 -18.93
C ASP B 86 45.51 2.21 -17.53
N ARG B 87 44.20 2.27 -17.32
CA ARG B 87 43.61 2.03 -15.99
C ARG B 87 44.19 3.00 -14.97
N THR B 88 44.64 4.14 -15.45
CA THR B 88 45.29 5.12 -14.60
C THR B 88 44.25 6.16 -14.21
N LEU B 89 43.60 5.92 -13.09
CA LEU B 89 42.66 6.89 -12.60
C LEU B 89 43.49 8.02 -12.05
N THR B 90 42.96 9.23 -12.05
CA THR B 90 43.63 10.39 -11.50
C THR B 90 42.64 11.53 -11.38
N ILE B 91 42.97 12.47 -10.49
CA ILE B 91 42.27 13.74 -10.39
C ILE B 91 43.34 14.82 -10.41
N VAL B 92 42.93 16.03 -10.75
CA VAL B 92 43.83 17.18 -10.79
C VAL B 92 43.15 18.38 -10.15
N ASP B 93 43.94 19.20 -9.48
CA ASP B 93 43.43 20.38 -8.81
C ASP B 93 44.36 21.55 -9.08
N THR B 94 43.88 22.74 -8.75
CA THR B 94 44.66 23.96 -8.85
C THR B 94 45.21 24.39 -7.50
N GLY B 95 45.46 23.44 -6.62
CA GLY B 95 45.90 23.74 -5.29
C GLY B 95 47.28 24.34 -5.24
N ILE B 96 47.72 24.65 -4.05
CA ILE B 96 49.05 25.17 -3.92
C ILE B 96 49.96 24.02 -3.54
N GLY B 97 49.40 22.96 -2.96
CA GLY B 97 50.19 21.80 -2.56
C GLY B 97 51.05 22.14 -1.37
N MET B 98 52.12 21.41 -1.13
CA MET B 98 52.90 21.68 0.07
C MET B 98 54.38 21.47 -0.21
N THR B 99 55.25 21.89 0.70
CA THR B 99 56.69 21.81 0.43
C THR B 99 57.12 20.37 0.40
N LYS B 100 58.21 20.03 -0.25
CA LYS B 100 58.53 18.62 -0.40
C LYS B 100 58.57 18.05 0.97
N ALA B 101 59.22 18.76 1.87
CA ALA B 101 59.29 18.30 3.20
C ALA B 101 57.94 18.45 3.86
N ASP B 102 57.45 19.67 3.94
CA ASP B 102 56.19 19.89 4.63
C ASP B 102 55.11 18.97 4.11
N LEU B 103 55.14 18.70 2.81
CA LEU B 103 54.23 17.71 2.26
C LEU B 103 54.31 16.42 3.03
N ILE B 104 55.53 15.90 3.22
CA ILE B 104 55.69 14.73 4.08
C ILE B 104 55.08 15.01 5.43
N ASN B 105 55.56 16.07 6.08
CA ASN B 105 55.24 16.36 7.46
C ASN B 105 53.75 16.41 7.70
N ASN B 106 52.93 16.58 6.67
CA ASN B 106 51.48 16.51 6.86
C ASN B 106 50.88 15.25 6.23
N LEU B 107 51.65 14.56 5.38
CA LEU B 107 51.19 13.31 4.77
C LEU B 107 51.57 12.10 5.63
N GLY B 108 52.84 11.70 5.62
CA GLY B 108 53.22 10.51 6.37
C GLY B 108 52.77 10.57 7.80
N THR B 109 52.59 11.78 8.32
CA THR B 109 52.00 11.96 9.64
C THR B 109 50.51 11.70 9.55
N ILE B 110 50.13 10.44 9.75
CA ILE B 110 48.73 10.09 9.77
C ILE B 110 48.03 10.91 10.84
N ALA B 111 46.85 11.43 10.50
CA ALA B 111 45.94 12.18 11.35
C ALA B 111 46.42 13.60 11.60
N LYS B 112 47.58 14.00 11.09
CA LYS B 112 48.05 15.37 11.20
C LYS B 112 47.55 16.14 9.98
N SER B 113 46.51 16.93 10.15
CA SER B 113 45.95 17.66 9.03
C SER B 113 46.66 18.99 8.90
N GLY B 114 47.48 19.13 7.86
CA GLY B 114 48.16 20.40 7.61
C GLY B 114 47.11 21.44 7.35
N THR B 115 46.04 21.04 6.67
CA THR B 115 44.96 21.96 6.41
C THR B 115 44.29 22.43 7.70
N LYS B 116 44.07 21.53 8.65
CA LYS B 116 43.50 21.92 9.93
C LYS B 116 44.54 22.74 10.67
N ALA B 117 45.80 22.50 10.39
CA ALA B 117 46.89 23.22 11.02
C ALA B 117 46.82 24.69 10.66
N PHE B 118 47.01 25.00 9.38
CA PHE B 118 47.00 26.38 8.96
C PHE B 118 45.64 27.02 9.19
N MET B 119 44.57 26.22 9.14
CA MET B 119 43.25 26.72 9.48
C MET B 119 43.28 27.35 10.86
N GLU B 120 43.60 26.55 11.87
CA GLU B 120 43.75 27.07 13.22
C GLU B 120 44.68 28.27 13.23
N ALA B 121 45.79 28.18 12.50
CA ALA B 121 46.76 29.25 12.48
C ALA B 121 46.15 30.56 11.98
N LEU B 122 45.02 30.48 11.29
CA LEU B 122 44.43 31.69 10.72
C LEU B 122 43.89 32.64 11.76
N GLN B 123 44.35 33.89 11.70
CA GLN B 123 43.86 34.90 12.64
C GLN B 123 42.47 35.37 12.26
N ALA B 124 42.28 35.83 11.04
CA ALA B 124 41.00 36.34 10.57
C ALA B 124 40.40 35.20 9.76
N GLY B 125 39.88 34.19 10.48
CA GLY B 125 39.31 33.01 9.80
C GLY B 125 37.91 33.29 9.27
N ALA B 126 37.83 33.89 8.06
CA ALA B 126 36.51 34.23 7.47
C ALA B 126 36.08 33.14 6.50
N ASP B 127 34.87 32.61 6.65
CA ASP B 127 34.37 31.52 5.78
C ASP B 127 35.46 30.54 5.35
N ILE B 128 36.24 30.07 6.30
CA ILE B 128 37.32 29.07 5.98
C ILE B 128 36.63 27.79 5.50
N SER B 129 35.57 27.37 6.19
CA SER B 129 34.79 26.16 5.76
C SER B 129 35.74 25.01 5.43
N MET B 130 36.57 24.58 6.39
CA MET B 130 37.46 23.43 6.18
C MET B 130 36.71 22.11 6.29
N ILE B 131 36.45 21.45 5.17
CA ILE B 131 35.70 20.19 5.19
C ILE B 131 36.34 19.05 5.96
N GLY B 132 37.65 18.85 5.80
CA GLY B 132 38.29 17.71 6.44
C GLY B 132 39.36 18.05 7.46
N GLN B 133 39.19 17.58 8.68
CA GLN B 133 40.21 17.79 9.71
C GLN B 133 40.72 16.47 10.29
N PHE B 134 40.05 15.37 9.97
CA PHE B 134 40.43 14.06 10.53
C PHE B 134 41.80 13.54 10.12
N GLY B 135 42.18 13.75 8.87
CA GLY B 135 43.47 13.31 8.39
C GLY B 135 43.56 11.91 7.79
N VAL B 136 42.46 11.17 7.75
CA VAL B 136 42.45 9.83 7.17
C VAL B 136 41.89 9.70 5.75
N GLY B 137 41.42 10.79 5.16
CA GLY B 137 40.82 10.75 3.83
C GLY B 137 41.73 10.34 2.69
N PHE B 138 42.97 10.78 2.70
CA PHE B 138 43.93 10.49 1.64
C PHE B 138 44.29 9.03 1.55
N TYR B 139 44.54 8.37 2.68
CA TYR B 139 44.97 7.01 2.55
C TYR B 139 43.81 6.13 2.15
N SER B 140 42.62 6.69 2.06
CA SER B 140 41.52 5.87 1.63
C SER B 140 41.74 5.37 0.23
N ALA B 141 42.83 5.77 -0.40
CA ALA B 141 42.96 5.39 -1.81
C ALA B 141 43.38 3.94 -1.96
N TYR B 142 44.32 3.48 -1.13
CA TYR B 142 44.80 2.11 -1.26
C TYR B 142 43.66 1.12 -1.24
N LEU B 143 42.52 1.51 -0.66
CA LEU B 143 41.32 0.68 -0.75
C LEU B 143 41.05 0.30 -2.20
N VAL B 144 41.14 1.27 -3.10
CA VAL B 144 41.08 1.00 -4.52
C VAL B 144 42.48 1.02 -5.15
N ALA B 145 43.25 2.05 -4.87
CA ALA B 145 44.57 2.19 -5.46
C ALA B 145 45.45 1.02 -5.08
N GLU B 146 46.25 0.55 -6.03
CA GLU B 146 47.35 -0.35 -5.70
C GLU B 146 48.58 0.43 -5.26
N LYS B 147 48.82 1.56 -5.92
CA LYS B 147 49.88 2.48 -5.53
C LYS B 147 49.34 3.89 -5.59
N VAL B 148 49.65 4.68 -4.57
CA VAL B 148 49.20 6.06 -4.48
C VAL B 148 50.40 6.93 -4.78
N THR B 149 50.42 7.54 -5.96
CA THR B 149 51.52 8.38 -6.40
C THR B 149 50.99 9.75 -6.78
N VAL B 150 51.70 10.79 -6.36
CA VAL B 150 51.22 12.15 -6.52
C VAL B 150 52.37 13.14 -6.72
N ILE B 151 52.40 13.73 -7.93
CA ILE B 151 53.40 14.76 -8.26
C ILE B 151 52.73 16.09 -7.98
N THR B 152 53.47 17.09 -7.51
CA THR B 152 52.86 18.33 -7.05
C THR B 152 53.92 19.42 -6.98
N LYS B 153 53.50 20.66 -7.24
CA LYS B 153 54.30 21.87 -7.07
C LYS B 153 53.73 22.71 -5.93
N HIS B 154 54.50 23.70 -5.50
CA HIS B 154 54.06 24.55 -4.40
C HIS B 154 54.51 25.98 -4.66
N ASN B 155 54.15 26.90 -3.79
CA ASN B 155 54.42 28.32 -3.98
C ASN B 155 55.91 28.62 -3.97
N ASP B 156 56.41 28.97 -5.17
CA ASP B 156 57.84 29.27 -5.37
C ASP B 156 58.65 28.03 -5.15
N ASP B 157 58.12 26.87 -5.58
CA ASP B 157 58.74 25.61 -5.25
C ASP B 157 58.78 24.72 -6.48
N GLU B 158 59.36 23.54 -6.34
CA GLU B 158 59.63 22.65 -7.45
C GLU B 158 58.66 21.48 -7.41
N GLN B 159 58.52 20.80 -8.55
CA GLN B 159 57.59 19.69 -8.64
C GLN B 159 58.14 18.50 -7.86
N TYR B 160 57.24 17.72 -7.29
CA TYR B 160 57.66 16.60 -6.46
C TYR B 160 56.64 15.48 -6.57
N ALA B 161 57.12 14.31 -7.01
CA ALA B 161 56.27 13.14 -7.17
C ALA B 161 56.43 12.25 -5.94
N TRP B 162 55.49 12.38 -5.03
CA TRP B 162 55.37 11.46 -3.92
C TRP B 162 55.04 10.08 -4.44
N GLU B 163 55.37 9.06 -3.66
CA GLU B 163 54.99 7.70 -3.99
C GLU B 163 54.35 7.07 -2.76
N SER B 164 53.49 6.08 -3.00
CA SER B 164 52.96 5.25 -1.93
C SER B 164 52.22 4.05 -2.49
N SER B 165 52.23 2.96 -1.71
CA SER B 165 51.51 1.75 -2.09
C SER B 165 51.18 1.05 -0.77
N ALA B 166 51.10 1.81 0.34
CA ALA B 166 50.80 1.27 1.66
C ALA B 166 51.78 0.16 2.04
N GLY B 167 53.00 0.25 1.52
CA GLY B 167 54.03 -0.71 1.84
C GLY B 167 54.80 -0.38 3.09
N GLY B 168 54.26 0.49 3.92
CA GLY B 168 54.93 0.91 5.13
C GLY B 168 55.80 2.14 4.98
N SER B 169 56.25 2.42 3.76
CA SER B 169 57.17 3.53 3.52
C SER B 169 56.65 4.39 2.39
N PHE B 170 57.48 5.35 1.98
CA PHE B 170 57.17 6.26 0.88
C PHE B 170 58.45 7.01 0.56
N THR B 171 58.39 7.79 -0.52
CA THR B 171 59.56 8.54 -0.95
C THR B 171 59.15 9.63 -1.91
N VAL B 172 60.13 10.11 -2.66
CA VAL B 172 59.92 10.97 -3.81
C VAL B 172 61.10 10.77 -4.75
N ARG B 173 60.81 10.62 -6.03
CA ARG B 173 61.85 10.51 -7.05
C ARG B 173 61.27 11.17 -8.31
N THR B 174 61.64 12.43 -8.52
CA THR B 174 60.92 13.21 -9.52
C THR B 174 61.84 14.24 -10.17
N ASP B 175 61.57 14.52 -11.45
CA ASP B 175 62.26 15.56 -12.20
C ASP B 175 61.64 15.66 -13.58
N THR B 176 61.80 16.83 -14.21
CA THR B 176 61.45 17.02 -15.61
C THR B 176 59.98 16.67 -15.88
N GLY B 177 59.18 16.63 -14.82
CA GLY B 177 57.74 16.34 -14.98
C GLY B 177 57.00 17.54 -15.57
N GLU B 178 55.88 17.30 -16.25
CA GLU B 178 55.14 18.40 -16.91
C GLU B 178 54.86 19.49 -15.87
N PRO B 179 55.14 20.77 -16.16
CA PRO B 179 54.95 21.84 -15.18
C PRO B 179 53.48 22.00 -14.78
N MET B 180 52.58 22.09 -15.76
CA MET B 180 51.12 22.28 -15.48
C MET B 180 50.94 23.15 -14.23
N GLY B 181 51.61 24.31 -14.21
CA GLY B 181 51.49 25.23 -13.05
C GLY B 181 51.78 24.53 -11.74
N ARG B 182 50.86 24.61 -10.78
CA ARG B 182 51.03 23.92 -9.48
C ARG B 182 50.86 22.41 -9.69
N GLY B 183 50.04 22.01 -10.66
CA GLY B 183 49.86 20.58 -10.97
C GLY B 183 49.63 19.76 -9.72
N THR B 184 48.71 20.21 -8.85
CA THR B 184 48.37 19.44 -7.62
C THR B 184 47.45 18.28 -8.01
N LYS B 185 47.98 17.28 -8.71
CA LYS B 185 47.18 16.14 -9.14
C LYS B 185 47.61 14.89 -8.41
N VAL B 186 46.72 13.91 -8.31
CA VAL B 186 47.08 12.62 -7.70
C VAL B 186 46.58 11.45 -8.55
N ILE B 187 47.48 10.53 -8.91
CA ILE B 187 47.11 9.41 -9.77
C ILE B 187 46.69 8.26 -8.88
N LEU B 188 45.79 7.42 -9.41
CA LEU B 188 45.33 6.22 -8.72
C LEU B 188 45.49 5.02 -9.63
N HIS B 189 45.69 3.85 -9.03
CA HIS B 189 45.84 2.60 -9.76
C HIS B 189 45.02 1.53 -9.04
N LEU B 190 43.80 1.31 -9.51
CA LEU B 190 42.92 0.33 -8.88
C LEU B 190 43.30 -1.09 -9.31
N LYS B 191 43.07 -2.03 -8.41
CA LYS B 191 43.34 -3.43 -8.68
C LYS B 191 42.62 -3.90 -9.93
N GLU B 192 43.24 -4.85 -10.63
CA GLU B 192 42.54 -5.66 -11.62
C GLU B 192 41.24 -6.17 -11.03
N ASP B 193 41.33 -6.81 -9.87
CA ASP B 193 40.13 -7.18 -9.12
C ASP B 193 39.39 -5.92 -8.73
N GLN B 194 38.06 -6.02 -8.67
CA GLN B 194 37.23 -4.91 -8.28
C GLN B 194 37.63 -3.66 -9.06
N THR B 195 37.59 -3.79 -10.37
CA THR B 195 38.11 -2.78 -11.28
C THR B 195 37.06 -1.75 -11.68
N GLU B 196 36.14 -1.44 -10.79
CA GLU B 196 34.97 -0.65 -11.16
C GLU B 196 35.39 0.82 -11.29
N TYR B 197 34.38 1.67 -11.41
CA TYR B 197 34.54 3.11 -11.39
C TYR B 197 35.25 3.65 -12.62
N LEU B 198 35.71 2.79 -13.52
CA LEU B 198 36.08 3.30 -14.83
C LEU B 198 34.84 3.72 -15.60
N GLU B 199 33.72 3.10 -15.28
CA GLU B 199 32.45 3.48 -15.87
C GLU B 199 32.06 4.87 -15.40
N GLU B 200 32.04 5.80 -16.35
CA GLU B 200 31.85 7.20 -16.02
C GLU B 200 30.49 7.45 -15.38
N ARG B 201 29.42 7.00 -16.04
CA ARG B 201 28.08 7.26 -15.53
C ARG B 201 27.93 6.79 -14.09
N ARG B 202 28.65 5.74 -13.71
CA ARG B 202 28.78 5.44 -12.30
C ARG B 202 29.39 6.61 -11.54
N ILE B 203 30.47 7.16 -12.07
CA ILE B 203 31.09 8.31 -11.41
C ILE B 203 30.08 9.43 -11.25
N LYS B 204 29.19 9.59 -12.23
CA LYS B 204 28.26 10.70 -12.22
C LYS B 204 27.20 10.51 -11.15
N GLU B 205 26.58 9.33 -11.12
CA GLU B 205 25.64 9.06 -10.04
C GLU B 205 26.33 9.16 -8.70
N ILE B 206 27.63 8.88 -8.67
CA ILE B 206 28.38 9.03 -7.44
C ILE B 206 28.47 10.50 -7.06
N VAL B 207 28.87 11.33 -8.02
CA VAL B 207 29.19 12.71 -7.69
C VAL B 207 27.95 13.54 -7.46
N LYS B 208 26.79 13.07 -7.92
CA LYS B 208 25.52 13.63 -7.45
C LYS B 208 24.94 12.88 -6.27
N LYS B 209 25.45 11.71 -5.94
CA LYS B 209 25.14 11.16 -4.62
C LYS B 209 25.81 11.99 -3.54
N HIS B 210 27.01 12.50 -3.86
CA HIS B 210 27.74 13.35 -2.91
C HIS B 210 28.75 14.21 -3.63
N SER B 211 29.06 15.40 -3.10
CA SER B 211 30.05 16.35 -3.70
C SER B 211 29.44 17.05 -4.93
N GLN B 212 28.13 16.91 -5.14
CA GLN B 212 27.47 17.64 -6.26
C GLN B 212 27.35 19.12 -5.87
N PHE B 213 27.36 19.41 -4.56
CA PHE B 213 27.25 20.82 -4.09
C PHE B 213 28.61 21.30 -3.60
N ILE B 214 29.36 22.00 -4.46
CA ILE B 214 30.66 22.56 -4.06
C ILE B 214 30.76 23.88 -4.84
N GLY B 215 31.16 24.98 -4.19
CA GLY B 215 31.15 26.22 -4.91
C GLY B 215 32.40 26.42 -5.75
N TYR B 216 32.80 25.40 -6.49
CA TYR B 216 34.06 25.46 -7.21
C TYR B 216 34.01 24.57 -8.44
N PRO B 217 34.78 24.88 -9.46
CA PRO B 217 34.59 24.24 -10.77
C PRO B 217 35.06 22.81 -10.75
N ILE B 218 34.22 21.93 -11.28
CA ILE B 218 34.48 20.51 -11.35
C ILE B 218 34.13 20.03 -12.75
N THR B 219 34.74 18.93 -13.15
CA THR B 219 34.42 18.32 -14.44
C THR B 219 35.07 16.96 -14.55
N LEU B 220 34.77 16.30 -15.64
CA LEU B 220 35.52 15.16 -16.11
C LEU B 220 35.82 15.37 -17.58
N PHE B 221 36.95 14.82 -18.04
CA PHE B 221 37.30 14.79 -19.44
C PHE B 221 37.48 13.34 -19.86
N VAL B 222 37.02 13.01 -21.07
CA VAL B 222 37.23 11.67 -21.62
C VAL B 222 37.00 11.71 -23.13
N GLU B 223 37.86 10.99 -23.86
CA GLU B 223 37.83 10.95 -25.31
C GLU B 223 36.56 10.30 -25.85
N LYS B 224 35.67 9.85 -24.98
CA LYS B 224 34.45 9.20 -25.43
C LYS B 224 33.82 10.00 -26.57
N GLU B 225 33.47 9.29 -27.63
CA GLU B 225 33.05 9.86 -28.90
C GLU B 225 32.14 8.82 -29.55
N ARG B 226 31.93 8.95 -30.87
CA ARG B 226 31.35 7.83 -31.59
C ARG B 226 32.29 7.25 -32.64
N ASP B 227 33.55 7.72 -32.68
CA ASP B 227 34.58 7.13 -33.53
C ASP B 227 34.09 6.92 -34.95
N LYS B 228 33.27 7.86 -35.42
CA LYS B 228 32.39 7.56 -36.55
C LYS B 228 33.20 7.45 -37.83
N GLU B 229 34.36 8.08 -37.91
CA GLU B 229 35.21 7.88 -39.09
C GLU B 229 36.10 6.67 -38.83
N LYS B 279 34.65 14.92 -36.99
CA LYS B 279 33.97 14.94 -38.27
C LYS B 279 32.46 14.79 -38.09
N ILE B 280 31.94 13.62 -38.36
CA ILE B 280 30.50 13.38 -38.19
C ILE B 280 30.13 13.52 -36.72
N LYS B 281 31.00 13.03 -35.84
CA LYS B 281 30.75 13.15 -34.41
C LYS B 281 30.75 14.61 -33.98
N GLU B 282 29.81 14.99 -33.13
CA GLU B 282 29.70 16.38 -32.69
C GLU B 282 30.89 16.89 -31.87
N LYS B 283 31.36 16.09 -30.92
CA LYS B 283 32.44 16.54 -30.04
C LYS B 283 33.63 15.58 -29.99
N TYR B 284 34.84 16.10 -30.19
CA TYR B 284 36.03 15.26 -30.10
C TYR B 284 36.26 14.71 -28.69
N ILE B 285 36.09 15.57 -27.68
CA ILE B 285 36.34 15.15 -26.30
C ILE B 285 35.22 15.59 -25.38
N ASP B 286 34.94 14.81 -24.35
CA ASP B 286 33.87 15.16 -23.42
C ASP B 286 34.30 16.07 -22.30
N GLN B 287 34.51 17.34 -22.57
CA GLN B 287 34.81 18.28 -21.50
C GLN B 287 33.47 18.48 -20.86
N GLU B 288 33.19 17.75 -19.79
CA GLU B 288 31.83 17.81 -19.25
C GLU B 288 31.85 18.19 -17.77
N GLU B 289 31.27 19.32 -17.43
CA GLU B 289 31.25 19.77 -16.04
C GLU B 289 30.18 19.05 -15.24
N LEU B 290 30.35 18.97 -13.93
CA LEU B 290 29.38 18.23 -13.09
C LEU B 290 28.78 19.16 -12.03
N ASN B 291 29.27 20.40 -11.95
CA ASN B 291 28.78 21.35 -10.91
C ASN B 291 27.31 21.65 -11.16
N LYS B 292 26.94 21.95 -12.40
CA LYS B 292 25.51 22.19 -12.75
C LYS B 292 24.87 23.13 -11.73
N THR B 293 23.88 22.66 -10.98
CA THR B 293 23.19 23.51 -10.00
C THR B 293 24.12 24.01 -8.91
N LYS B 294 23.96 25.28 -8.56
CA LYS B 294 24.73 25.84 -7.47
C LYS B 294 23.90 25.83 -6.16
N PRO B 295 24.55 25.71 -4.97
CA PRO B 295 23.75 25.62 -3.75
C PRO B 295 23.05 26.93 -3.52
N ILE B 296 21.73 26.90 -3.42
CA ILE B 296 20.99 28.12 -3.19
C ILE B 296 20.97 28.49 -1.72
N TRP B 297 20.69 27.53 -0.86
CA TRP B 297 20.37 27.85 0.53
C TRP B 297 21.46 28.68 1.18
N THR B 298 22.70 28.57 0.70
CA THR B 298 23.74 29.40 1.26
C THR B 298 23.49 30.87 0.97
N ARG B 299 22.94 31.18 -0.17
CA ARG B 299 22.64 32.57 -0.40
C ARG B 299 21.51 32.96 0.53
N ASN B 300 21.55 34.18 1.00
CA ASN B 300 20.50 34.67 1.93
C ASN B 300 19.16 34.78 1.19
N PRO B 301 18.03 34.32 1.77
CA PRO B 301 16.72 34.44 1.14
C PRO B 301 16.19 35.88 1.15
N ASP B 302 15.03 36.13 0.53
CA ASP B 302 14.41 37.48 0.50
C ASP B 302 15.26 38.39 -0.40
N ASP B 303 16.31 37.85 -1.03
CA ASP B 303 17.14 38.65 -1.97
C ASP B 303 17.04 38.02 -3.35
N ILE B 304 16.37 36.87 -3.45
CA ILE B 304 16.21 36.16 -4.73
C ILE B 304 14.73 35.83 -4.95
N THR B 305 14.32 35.65 -6.20
CA THR B 305 12.89 35.39 -6.49
C THR B 305 12.60 33.89 -6.32
N ASN B 306 11.34 33.48 -6.54
CA ASN B 306 10.95 32.09 -6.37
C ASN B 306 11.56 31.23 -7.46
N GLU B 307 11.68 31.79 -8.67
CA GLU B 307 12.25 31.06 -9.78
C GLU B 307 13.59 30.45 -9.40
N GLU B 308 14.40 31.21 -8.68
CA GLU B 308 15.64 30.67 -8.14
C GLU B 308 15.40 29.32 -7.50
N TYR B 309 14.59 29.31 -6.46
CA TYR B 309 14.17 28.05 -5.88
C TYR B 309 13.58 27.14 -6.94
N GLY B 310 12.79 27.71 -7.84
CA GLY B 310 12.13 26.90 -8.83
C GLY B 310 13.15 26.14 -9.64
N GLU B 311 13.94 26.89 -10.41
CA GLU B 311 15.01 26.29 -11.18
C GLU B 311 15.79 25.31 -10.33
N PHE B 312 15.99 25.66 -9.07
CA PHE B 312 16.83 24.83 -8.22
C PHE B 312 16.23 23.44 -8.07
N TYR B 313 15.03 23.37 -7.51
CA TYR B 313 14.39 22.06 -7.35
C TYR B 313 14.31 21.35 -8.68
N LYS B 314 13.96 22.08 -9.74
CA LYS B 314 13.90 21.46 -11.05
C LYS B 314 15.18 20.71 -11.34
N SER B 315 16.30 21.37 -11.10
CA SER B 315 17.53 20.68 -11.31
C SER B 315 17.88 19.79 -10.13
N LEU B 316 17.02 19.73 -9.11
CA LEU B 316 17.26 18.83 -8.00
C LEU B 316 16.57 17.49 -8.23
N THR B 317 15.24 17.49 -8.23
CA THR B 317 14.51 16.25 -8.37
C THR B 317 14.24 15.89 -9.80
N ASN B 318 14.31 16.88 -10.69
CA ASN B 318 14.03 16.68 -12.11
C ASN B 318 12.55 16.35 -12.30
N ASP B 319 11.70 17.12 -11.63
CA ASP B 319 10.27 17.07 -11.86
C ASP B 319 9.91 17.99 -13.01
N TRP B 320 9.28 17.42 -14.04
CA TRP B 320 8.80 18.25 -15.14
C TRP B 320 7.99 19.42 -14.62
N GLU B 321 7.24 19.22 -13.55
CA GLU B 321 6.37 20.24 -13.02
C GLU B 321 7.14 21.11 -12.04
N ASP B 322 6.51 22.20 -11.63
CA ASP B 322 7.15 23.19 -10.78
C ASP B 322 7.14 22.74 -9.33
N HIS B 323 7.44 23.67 -8.45
CA HIS B 323 7.26 23.51 -7.02
C HIS B 323 6.04 24.30 -6.58
N LEU B 324 5.49 23.94 -5.43
CA LEU B 324 4.36 24.71 -4.92
C LEU B 324 4.84 25.95 -4.19
N ALA B 325 5.47 25.73 -3.05
CA ALA B 325 5.97 26.80 -2.23
C ALA B 325 7.22 26.28 -1.57
N VAL B 326 7.87 27.13 -0.80
CA VAL B 326 9.14 26.74 -0.23
C VAL B 326 9.48 27.74 0.86
N LYS B 327 10.20 27.32 1.89
CA LYS B 327 10.54 28.29 2.90
C LYS B 327 11.95 28.08 3.42
N HIS B 328 12.54 29.19 3.82
CA HIS B 328 13.96 29.33 4.05
C HIS B 328 14.18 29.91 5.44
N PHE B 329 14.97 29.23 6.26
CA PHE B 329 15.08 29.60 7.65
C PHE B 329 16.55 29.69 8.04
N SER B 330 16.99 30.89 8.37
CA SER B 330 18.31 31.10 8.94
C SER B 330 18.21 30.77 10.41
N VAL B 331 18.83 29.70 10.83
CA VAL B 331 18.87 29.39 12.24
C VAL B 331 20.00 30.15 12.89
N GLU B 332 19.80 30.53 14.14
CA GLU B 332 20.82 31.26 14.89
C GLU B 332 21.05 30.68 16.28
N GLY B 333 20.56 29.47 16.54
CA GLY B 333 20.76 28.85 17.84
C GLY B 333 22.23 28.56 18.13
N GLN B 334 22.48 27.82 19.20
CA GLN B 334 23.85 27.45 19.54
C GLN B 334 24.50 26.65 18.42
N LEU B 335 23.82 25.61 17.95
CA LEU B 335 24.16 24.93 16.72
C LEU B 335 23.05 25.24 15.73
N GLU B 336 23.31 26.19 14.86
CA GLU B 336 22.32 26.72 13.97
C GLU B 336 22.66 26.32 12.55
N PHE B 337 21.74 26.57 11.63
CA PHE B 337 21.81 25.89 10.35
C PHE B 337 21.01 26.64 9.30
N ARG B 338 21.12 26.16 8.07
CA ARG B 338 20.26 26.60 6.98
C ARG B 338 19.06 25.66 6.93
N ALA B 339 17.88 26.20 7.14
CA ALA B 339 16.64 25.46 6.98
C ALA B 339 15.95 26.00 5.75
N LEU B 340 15.73 25.12 4.78
CA LEU B 340 15.17 25.50 3.49
C LEU B 340 14.33 24.34 3.01
N LEU B 341 13.03 24.58 2.83
CA LEU B 341 12.05 23.51 2.67
C LEU B 341 11.10 23.82 1.54
N PHE B 342 11.12 22.99 0.49
CA PHE B 342 10.16 23.07 -0.58
C PHE B 342 8.82 22.46 -0.17
N VAL B 343 7.86 22.57 -1.08
CA VAL B 343 6.68 21.70 -1.12
C VAL B 343 6.26 21.58 -2.58
N PRO B 344 6.11 20.37 -3.08
CA PRO B 344 5.81 20.21 -4.51
C PRO B 344 4.45 20.76 -4.87
N ARG B 345 4.35 21.24 -6.11
CA ARG B 345 3.11 21.73 -6.65
C ARG B 345 2.20 20.61 -7.14
N ARG B 346 2.56 19.36 -6.88
CA ARG B 346 1.75 18.23 -7.31
C ARG B 346 1.69 17.19 -6.20
N ALA B 347 0.88 16.16 -6.43
CA ALA B 347 0.84 15.08 -5.47
C ALA B 347 1.81 13.97 -5.88
N PRO B 348 2.55 13.39 -4.93
CA PRO B 348 3.59 12.42 -5.27
C PRO B 348 2.97 11.08 -5.62
N PHE B 349 3.15 10.65 -6.86
CA PHE B 349 2.44 9.46 -7.31
C PHE B 349 2.86 8.20 -6.56
N ASP B 350 4.11 7.77 -6.81
CA ASP B 350 4.59 6.51 -6.25
C ASP B 350 5.25 6.71 -4.92
N LEU B 351 4.63 6.16 -3.86
CA LEU B 351 5.16 6.32 -2.51
C LEU B 351 4.42 5.41 -1.54
N PHE B 352 4.80 5.41 -0.25
CA PHE B 352 4.10 4.65 0.80
C PHE B 352 4.43 3.16 0.88
N GLU B 353 5.31 2.67 0.02
CA GLU B 353 5.73 1.28 0.13
C GLU B 353 6.96 1.19 1.00
N ASN B 354 7.59 2.31 1.28
CA ASN B 354 8.77 2.34 2.16
C ASN B 354 9.86 1.39 1.71
N ARG B 355 10.10 1.31 0.40
CA ARG B 355 11.14 0.43 -0.11
C ARG B 355 12.49 1.00 0.25
N LYS B 356 12.73 2.25 -0.11
CA LYS B 356 13.99 2.91 0.21
C LYS B 356 13.84 4.25 0.91
N LYS B 357 12.62 4.76 1.02
CA LYS B 357 12.45 6.11 1.58
C LYS B 357 11.57 6.23 2.82
N LYS B 358 12.09 6.87 3.86
CA LYS B 358 11.27 7.12 5.04
C LYS B 358 10.90 8.59 5.09
N ASN B 359 11.64 9.42 4.35
CA ASN B 359 11.40 10.87 4.35
C ASN B 359 11.84 11.44 3.01
N ASN B 360 11.90 12.77 2.90
CA ASN B 360 12.38 13.40 1.67
C ASN B 360 13.32 14.55 2.01
N ILE B 361 13.70 14.66 3.28
CA ILE B 361 14.63 15.70 3.75
C ILE B 361 16.10 15.31 3.56
N LYS B 362 16.96 16.30 3.36
CA LYS B 362 18.39 16.04 3.21
C LYS B 362 19.20 16.93 4.15
N LEU B 363 20.36 16.47 4.61
CA LEU B 363 21.18 17.22 5.57
C LEU B 363 22.62 17.46 5.13
N TYR B 364 23.13 18.67 5.30
CA TYR B 364 24.49 19.04 4.94
C TYR B 364 25.21 19.60 6.15
N VAL B 365 26.51 19.35 6.22
CA VAL B 365 27.38 20.15 7.06
C VAL B 365 28.56 20.52 6.18
N ARG B 366 29.24 21.58 6.58
CA ARG B 366 30.38 22.09 5.84
C ARG B 366 30.11 22.08 4.35
N ARG B 367 28.87 22.36 3.97
CA ARG B 367 28.49 22.42 2.57
C ARG B 367 28.88 21.12 1.86
N VAL B 368 28.42 19.99 2.39
CA VAL B 368 28.68 18.71 1.75
C VAL B 368 27.61 17.71 2.14
N PHE B 369 27.42 16.71 1.29
CA PHE B 369 26.40 15.69 1.49
C PHE B 369 26.70 14.89 2.75
N ILE B 370 25.67 14.69 3.55
CA ILE B 370 25.82 13.91 4.78
C ILE B 370 24.78 12.80 4.74
N MET B 371 24.79 11.95 5.76
CA MET B 371 23.73 10.96 5.90
C MET B 371 22.40 11.67 5.99
N ASP B 372 21.47 11.27 5.13
CA ASP B 372 20.15 11.86 5.07
C ASP B 372 19.12 10.74 5.04
N ASN B 373 17.84 11.12 4.92
CA ASN B 373 16.74 10.16 4.86
C ASN B 373 16.75 9.21 6.05
N CYS B 374 16.57 9.77 7.24
CA CYS B 374 16.50 8.95 8.43
C CYS B 374 15.23 9.34 9.11
N GLU B 375 14.57 8.38 9.75
CA GLU B 375 13.37 8.70 10.49
C GLU B 375 13.74 9.47 11.71
N GLU B 376 15.03 9.73 11.89
CA GLU B 376 15.52 10.50 13.03
C GLU B 376 15.12 11.97 13.03
N LEU B 377 15.12 12.59 11.84
CA LEU B 377 14.88 14.02 11.77
C LEU B 377 13.44 14.43 11.50
N ILE B 378 12.78 13.74 10.58
CA ILE B 378 11.37 14.04 10.34
C ILE B 378 10.55 12.80 10.59
N PRO B 379 9.40 12.96 11.27
CA PRO B 379 8.54 11.83 11.60
C PRO B 379 7.86 11.22 10.37
N GLU B 380 7.35 10.01 10.51
CA GLU B 380 6.73 9.34 9.36
C GLU B 380 5.56 10.18 8.88
N TYR B 381 4.80 10.76 9.79
CA TYR B 381 3.75 11.67 9.35
C TYR B 381 4.39 12.88 8.70
N LEU B 382 3.79 13.38 7.62
CA LEU B 382 4.37 14.51 6.86
C LEU B 382 5.78 14.22 6.34
N ASN B 383 6.04 12.96 6.00
CA ASN B 383 7.35 12.57 5.45
C ASN B 383 7.55 13.13 4.05
N PHE B 384 6.46 13.47 3.37
CA PHE B 384 6.55 13.95 1.99
C PHE B 384 7.39 15.21 1.87
N ILE B 385 7.29 16.11 2.84
CA ILE B 385 8.06 17.36 2.81
C ILE B 385 9.48 17.22 2.26
N ARG B 386 9.81 17.97 1.20
CA ARG B 386 11.14 17.96 0.62
C ARG B 386 11.79 19.31 0.82
N GLY B 387 12.91 19.30 1.53
CA GLY B 387 13.78 20.44 1.66
C GLY B 387 15.15 19.91 2.02
N VAL B 388 16.10 20.81 2.18
CA VAL B 388 17.46 20.40 2.55
C VAL B 388 17.99 21.32 3.63
N VAL B 389 18.66 20.73 4.59
CA VAL B 389 19.16 21.45 5.75
C VAL B 389 20.67 21.38 5.75
N ASP B 390 21.29 22.42 6.29
CA ASP B 390 22.74 22.44 6.41
C ASP B 390 23.13 23.28 7.61
N SER B 391 23.84 22.66 8.55
CA SER B 391 24.62 23.38 9.55
C SER B 391 26.07 22.99 9.34
N GLU B 392 26.90 23.98 9.03
CA GLU B 392 28.22 23.70 8.48
C GLU B 392 29.07 22.80 9.37
N ASP B 393 28.72 22.63 10.65
CA ASP B 393 29.58 21.86 11.54
C ASP B 393 28.75 21.17 12.61
N LEU B 394 28.74 19.84 12.57
CA LEU B 394 28.15 19.00 13.59
C LEU B 394 29.14 17.92 13.98
N PRO B 395 28.98 17.35 15.17
CA PRO B 395 29.80 16.19 15.54
C PRO B 395 29.65 15.10 14.50
N LEU B 396 30.78 14.58 14.04
CA LEU B 396 30.73 13.53 13.02
C LEU B 396 31.60 12.36 13.41
N ASN B 397 31.79 11.43 12.49
CA ASN B 397 32.59 10.24 12.77
C ASN B 397 33.73 10.15 11.77
N ILE B 398 34.49 9.07 11.90
CA ILE B 398 35.54 8.79 10.93
C ILE B 398 34.92 8.41 9.60
N SER B 399 34.14 7.34 9.59
CA SER B 399 33.24 7.14 8.48
C SER B 399 32.28 8.31 8.36
N ARG B 400 32.03 9.02 9.47
CA ARG B 400 31.30 10.27 9.46
C ARG B 400 29.84 10.03 9.12
N GLU B 401 29.52 8.80 8.73
CA GLU B 401 28.17 8.53 8.25
C GLU B 401 27.18 8.51 9.39
N MET B 402 27.45 7.70 10.40
CA MET B 402 26.57 7.69 11.55
C MET B 402 26.71 8.99 12.33
N LEU B 403 25.88 9.17 13.34
CA LEU B 403 25.92 10.38 14.14
C LEU B 403 26.00 10.03 15.62
N GLN B 404 26.64 10.93 16.37
CA GLN B 404 26.94 10.64 17.77
C GLN B 404 25.76 10.94 18.68
N GLN B 405 25.38 12.21 18.79
CA GLN B 405 24.25 12.58 19.63
C GLN B 405 22.99 12.67 18.78
N SER B 406 21.91 12.09 19.31
CA SER B 406 20.62 12.18 18.64
C SER B 406 19.69 13.16 19.32
N LYS B 407 20.00 13.58 20.55
CA LYS B 407 19.26 14.67 21.18
C LYS B 407 19.22 15.89 20.27
N ILE B 408 20.35 16.16 19.62
CA ILE B 408 20.39 17.26 18.66
C ILE B 408 19.44 17.00 17.50
N LEU B 409 19.42 15.77 16.99
CA LEU B 409 18.42 15.41 15.99
C LEU B 409 17.06 15.82 16.47
N LYS B 410 16.79 15.63 17.76
CA LYS B 410 15.47 15.91 18.28
C LYS B 410 15.17 17.40 18.30
N VAL B 411 16.15 18.21 18.67
CA VAL B 411 15.91 19.65 18.75
C VAL B 411 15.75 20.24 17.36
N ILE B 412 16.53 19.77 16.39
CA ILE B 412 16.36 20.22 15.02
C ILE B 412 15.07 19.68 14.43
N ARG B 413 14.63 18.50 14.85
CA ARG B 413 13.34 18.00 14.40
C ARG B 413 12.23 18.91 14.89
N LYS B 414 12.29 19.26 16.17
CA LYS B 414 11.39 20.25 16.71
C LYS B 414 11.32 21.44 15.79
N ASN B 415 12.49 21.97 15.45
CA ASN B 415 12.53 23.17 14.61
C ASN B 415 11.90 22.91 13.27
N LEU B 416 12.32 21.83 12.60
CA LEU B 416 11.76 21.43 11.33
C LEU B 416 10.25 21.46 11.34
N VAL B 417 9.66 20.71 12.25
CA VAL B 417 8.22 20.55 12.23
C VAL B 417 7.54 21.85 12.55
N LYS B 418 8.01 22.55 13.59
CA LYS B 418 7.44 23.86 13.89
C LYS B 418 7.41 24.71 12.64
N LYS B 419 8.55 24.82 11.97
CA LYS B 419 8.65 25.75 10.86
C LYS B 419 7.81 25.32 9.68
N CYS B 420 7.87 24.06 9.28
CA CYS B 420 7.09 23.64 8.13
C CYS B 420 5.61 23.71 8.44
N LEU B 421 5.25 23.58 9.70
CA LEU B 421 3.85 23.72 10.06
C LEU B 421 3.42 25.17 9.92
N GLU B 422 4.30 26.08 10.32
CA GLU B 422 4.04 27.50 10.06
C GLU B 422 3.96 27.76 8.57
N LEU B 423 4.72 27.02 7.78
CA LEU B 423 4.60 27.11 6.33
C LEU B 423 3.20 26.75 5.89
N PHE B 424 2.73 25.61 6.37
CA PHE B 424 1.37 25.20 6.05
C PHE B 424 0.40 26.32 6.41
N THR B 425 0.61 26.93 7.56
CA THR B 425 -0.24 28.04 7.99
C THR B 425 -0.22 29.15 6.97
N GLU B 426 0.98 29.64 6.66
CA GLU B 426 1.11 30.74 5.71
C GLU B 426 0.45 30.36 4.42
N LEU B 427 0.54 29.10 4.06
CA LEU B 427 -0.16 28.62 2.88
C LEU B 427 -1.65 28.82 3.04
N ALA B 428 -2.18 28.37 4.17
CA ALA B 428 -3.60 28.51 4.42
C ALA B 428 -4.03 29.96 4.36
N GLU B 429 -3.10 30.89 4.53
CA GLU B 429 -3.42 32.28 4.21
C GLU B 429 -3.96 32.40 2.79
N ASP B 430 -3.30 31.76 1.83
CA ASP B 430 -3.92 31.56 0.53
C ASP B 430 -5.15 30.67 0.66
N LYS B 431 -6.08 30.85 -0.27
CA LYS B 431 -7.26 30.01 -0.31
C LYS B 431 -7.24 29.11 -1.55
N GLU B 432 -6.86 29.64 -2.72
CA GLU B 432 -6.88 28.85 -3.94
C GLU B 432 -5.84 27.75 -3.89
N ASN B 433 -4.57 28.14 -3.83
CA ASN B 433 -3.52 27.14 -3.85
C ASN B 433 -3.58 26.25 -2.62
N TYR B 434 -3.87 26.86 -1.46
CA TYR B 434 -3.96 26.07 -0.26
C TYR B 434 -5.02 25.01 -0.40
N LYS B 435 -6.14 25.37 -1.01
CA LYS B 435 -7.16 24.37 -1.22
C LYS B 435 -6.66 23.31 -2.18
N LYS B 436 -5.91 23.70 -3.21
CA LYS B 436 -5.35 22.70 -4.11
C LYS B 436 -4.54 21.67 -3.34
N PHE B 437 -3.63 22.17 -2.52
CA PHE B 437 -2.82 21.30 -1.69
C PHE B 437 -3.72 20.41 -0.85
N TYR B 438 -4.46 21.03 0.05
CA TYR B 438 -5.37 20.34 0.94
C TYR B 438 -6.08 19.22 0.23
N GLU B 439 -6.62 19.53 -0.94
CA GLU B 439 -7.18 18.51 -1.80
C GLU B 439 -6.25 17.33 -1.90
N GLN B 440 -5.09 17.54 -2.47
CA GLN B 440 -4.31 16.36 -2.80
C GLN B 440 -3.48 15.80 -1.66
N PHE B 441 -3.56 16.38 -0.45
CA PHE B 441 -2.69 15.94 0.65
C PHE B 441 -3.34 15.83 2.02
N SER B 442 -4.65 16.04 2.13
CA SER B 442 -5.27 16.04 3.44
C SER B 442 -5.07 14.72 4.16
N LYS B 443 -4.91 13.62 3.43
CA LYS B 443 -4.73 12.34 4.10
C LYS B 443 -3.48 12.36 4.96
N ASN B 444 -2.35 12.69 4.37
CA ASN B 444 -1.14 12.80 5.18
C ASN B 444 -1.35 13.78 6.31
N ILE B 445 -2.05 14.90 6.01
CA ILE B 445 -2.30 15.85 7.08
C ILE B 445 -2.90 15.14 8.28
N LYS B 446 -4.07 14.55 8.07
CA LYS B 446 -4.78 13.91 9.17
C LYS B 446 -4.00 12.80 9.85
N LEU B 447 -3.29 12.01 9.09
CA LEU B 447 -2.44 11.00 9.70
C LEU B 447 -1.59 11.64 10.76
N GLY B 448 -0.91 12.71 10.38
CA GLY B 448 -0.14 13.44 11.35
C GLY B 448 -1.01 14.01 12.46
N ILE B 449 -2.15 14.58 12.10
CA ILE B 449 -2.99 15.25 13.09
C ILE B 449 -3.28 14.29 14.22
N HIS B 450 -3.46 13.02 13.90
CA HIS B 450 -3.76 12.08 14.96
C HIS B 450 -2.50 11.51 15.58
N GLU B 451 -1.36 11.57 14.90
CA GLU B 451 -0.14 11.00 15.47
C GLU B 451 0.68 11.97 16.30
N ASP B 452 0.42 13.27 16.19
CA ASP B 452 1.34 14.22 16.81
C ASP B 452 1.11 14.38 18.30
N SER B 453 -0.15 14.56 18.71
CA SER B 453 -0.56 14.47 20.11
C SER B 453 0.00 15.56 21.01
N GLN B 454 0.68 16.56 20.46
CA GLN B 454 1.03 17.70 21.28
C GLN B 454 0.42 18.97 20.73
N ASN B 455 0.78 19.27 19.49
CA ASN B 455 0.32 20.50 18.88
C ASN B 455 -0.99 20.25 18.21
N ARG B 456 -1.87 19.55 18.91
CA ARG B 456 -3.12 19.21 18.31
C ARG B 456 -3.87 20.45 17.92
N LYS B 457 -3.81 21.50 18.74
CA LYS B 457 -4.64 22.66 18.44
C LYS B 457 -4.33 23.27 17.08
N LYS B 458 -3.07 23.43 16.75
CA LYS B 458 -2.72 23.93 15.43
C LYS B 458 -3.07 22.94 14.38
N LEU B 459 -2.89 21.68 14.69
CA LEU B 459 -3.16 20.66 13.71
C LEU B 459 -4.60 20.76 13.36
N SER B 460 -5.44 21.06 14.35
CA SER B 460 -6.88 21.18 14.13
C SER B 460 -7.27 22.16 13.06
N GLU B 461 -6.61 23.30 13.02
CA GLU B 461 -6.88 24.29 11.99
C GLU B 461 -6.40 23.71 10.67
N LEU B 462 -6.51 24.46 9.59
CA LEU B 462 -6.13 23.95 8.28
C LEU B 462 -6.91 22.70 7.89
N LEU B 463 -8.21 22.67 8.20
CA LEU B 463 -9.06 21.53 7.81
C LEU B 463 -10.35 22.04 7.20
N ARG B 464 -10.59 21.76 5.92
CA ARG B 464 -11.77 22.30 5.26
C ARG B 464 -12.65 21.11 4.87
N TYR B 465 -13.97 21.27 4.81
CA TYR B 465 -14.87 20.14 4.57
C TYR B 465 -16.18 20.57 3.94
N TYR B 466 -16.84 19.60 3.31
CA TYR B 466 -18.21 19.79 2.84
C TYR B 466 -19.20 19.71 3.98
N THR B 467 -20.14 20.66 4.00
CA THR B 467 -21.11 20.73 5.08
C THR B 467 -22.46 21.11 4.51
N SER B 468 -23.47 21.06 5.38
CA SER B 468 -24.74 21.67 5.03
C SER B 468 -24.62 23.17 4.95
N ALA B 469 -23.77 23.76 5.78
CA ALA B 469 -23.43 25.16 5.56
C ALA B 469 -22.69 25.34 4.25
N SER B 470 -21.77 24.42 3.95
CA SER B 470 -20.97 24.55 2.75
C SER B 470 -21.71 24.00 1.54
N GLY B 471 -21.95 22.71 1.53
CA GLY B 471 -22.36 22.09 0.30
C GLY B 471 -21.18 22.08 -0.65
N ASP B 472 -21.23 23.00 -1.61
CA ASP B 472 -20.32 23.03 -2.76
C ASP B 472 -18.87 22.76 -2.36
N GLU B 473 -18.27 23.64 -1.56
CA GLU B 473 -16.84 23.54 -1.32
C GLU B 473 -16.55 23.06 0.09
N MET B 474 -15.30 22.70 0.30
CA MET B 474 -14.80 22.51 1.66
C MET B 474 -14.76 23.86 2.37
N VAL B 475 -14.53 23.81 3.68
CA VAL B 475 -14.63 25.02 4.48
C VAL B 475 -14.09 24.70 5.87
N SER B 476 -13.48 25.70 6.51
CA SER B 476 -12.77 25.41 7.73
C SER B 476 -13.72 25.02 8.83
N LEU B 477 -13.16 24.31 9.81
CA LEU B 477 -13.90 24.08 11.04
C LEU B 477 -14.25 25.40 11.69
N LYS B 478 -13.30 26.34 11.66
CA LYS B 478 -13.58 27.68 12.15
C LYS B 478 -14.80 28.27 11.47
N ASP B 479 -15.07 27.85 10.24
CA ASP B 479 -16.30 28.29 9.60
C ASP B 479 -17.50 27.62 10.24
N TYR B 480 -17.37 26.36 10.64
CA TYR B 480 -18.40 25.76 11.49
C TYR B 480 -18.43 26.44 12.84
N CYS B 481 -17.29 26.93 13.29
CA CYS B 481 -17.35 27.88 14.38
C CYS B 481 -18.04 29.13 13.90
N THR B 482 -18.37 30.03 14.84
CA THR B 482 -19.11 31.26 14.53
C THR B 482 -20.54 30.93 14.09
N ARG B 483 -21.42 30.74 15.08
CA ARG B 483 -22.80 30.36 14.78
C ARG B 483 -23.79 31.46 15.13
N MET B 484 -24.69 31.76 14.20
CA MET B 484 -25.68 32.83 14.42
C MET B 484 -26.66 32.59 15.57
N LYS B 485 -27.06 31.34 15.77
CA LYS B 485 -27.98 31.01 16.85
C LYS B 485 -27.31 31.11 18.22
N GLU B 486 -26.01 30.82 18.28
CA GLU B 486 -25.27 30.86 19.56
C GLU B 486 -25.91 29.97 20.61
N ASN B 487 -26.34 28.78 20.21
CA ASN B 487 -27.02 27.88 21.14
C ASN B 487 -26.41 26.48 21.04
N GLN B 488 -26.55 25.67 22.11
CA GLN B 488 -26.01 24.30 22.13
C GLN B 488 -24.78 24.14 21.25
N LYS B 489 -23.68 24.70 21.69
CA LYS B 489 -22.49 24.66 20.88
C LYS B 489 -21.77 23.33 20.83
N HIS B 490 -21.90 22.58 19.75
CA HIS B 490 -21.16 21.33 19.57
C HIS B 490 -20.82 21.20 18.09
N ILE B 491 -20.02 20.20 17.70
CA ILE B 491 -19.63 20.05 16.29
C ILE B 491 -20.33 18.88 15.72
N TYR B 492 -21.36 19.10 14.96
CA TYR B 492 -22.25 18.05 14.52
C TYR B 492 -21.79 17.56 13.17
N TYR B 493 -21.50 16.27 13.08
CA TYR B 493 -20.89 15.71 11.89
C TYR B 493 -21.30 14.27 11.77
N ILE B 494 -20.88 13.64 10.67
CA ILE B 494 -21.25 12.21 10.42
C ILE B 494 -20.21 11.60 9.48
N THR B 495 -19.67 10.42 9.84
CA THR B 495 -18.66 9.73 8.99
C THR B 495 -19.38 8.88 7.94
N GLY B 496 -19.87 9.51 6.88
CA GLY B 496 -20.62 8.76 5.83
C GLY B 496 -19.70 8.13 4.81
N GLU B 497 -20.26 7.33 3.90
CA GLU B 497 -19.45 6.64 2.86
C GLU B 497 -19.50 7.46 1.56
N THR B 498 -20.68 7.74 1.04
CA THR B 498 -20.80 8.56 -0.16
C THR B 498 -21.47 9.79 0.33
N LYS B 499 -21.15 10.96 -0.21
CA LYS B 499 -21.67 12.20 0.36
C LYS B 499 -23.17 12.22 0.38
N ASP B 500 -23.80 11.69 -0.65
CA ASP B 500 -25.24 11.60 -0.62
C ASP B 500 -25.62 10.70 0.54
N GLN B 501 -25.06 9.51 0.62
CA GLN B 501 -25.38 8.56 1.66
C GLN B 501 -25.10 9.12 3.04
N VAL B 502 -24.47 10.29 3.11
CA VAL B 502 -24.46 11.05 4.35
C VAL B 502 -25.50 12.16 4.36
N ALA B 503 -26.02 12.58 3.22
CA ALA B 503 -26.97 13.66 3.22
C ALA B 503 -28.40 13.17 3.32
N ASN B 504 -28.61 11.87 3.16
CA ASN B 504 -29.96 11.35 3.14
C ASN B 504 -30.21 10.45 4.31
N SER B 505 -29.78 10.90 5.48
CA SER B 505 -30.02 10.13 6.68
C SER B 505 -31.12 10.87 7.40
N ALA B 506 -32.08 10.14 7.94
CA ALA B 506 -33.22 10.79 8.58
C ALA B 506 -32.78 11.63 9.79
N PHE B 507 -31.79 11.17 10.54
CA PHE B 507 -31.28 12.00 11.64
C PHE B 507 -30.67 13.29 11.10
N VAL B 508 -29.99 13.21 9.96
CA VAL B 508 -29.43 14.42 9.35
C VAL B 508 -30.58 15.36 8.98
N GLU B 509 -31.69 14.81 8.50
CA GLU B 509 -32.84 15.64 8.17
C GLU B 509 -33.40 16.36 9.39
N ARG B 510 -33.42 15.69 10.54
CA ARG B 510 -33.91 16.33 11.77
C ARG B 510 -33.04 17.50 12.21
N LEU B 511 -31.78 17.50 11.80
CA LEU B 511 -30.88 18.62 12.11
C LEU B 511 -31.29 19.76 11.22
N ARG B 512 -31.66 19.46 9.97
CA ARG B 512 -32.14 20.49 9.06
C ARG B 512 -33.45 21.07 9.58
N LYS B 513 -34.30 20.22 10.15
CA LYS B 513 -35.56 20.68 10.70
C LYS B 513 -35.30 21.68 11.82
N HIS B 514 -34.32 21.38 12.67
CA HIS B 514 -33.96 22.32 13.72
C HIS B 514 -33.24 23.47 13.04
N GLY B 515 -32.47 23.15 12.02
CA GLY B 515 -31.77 24.18 11.27
C GLY B 515 -30.29 24.42 11.54
N LEU B 516 -29.72 23.81 12.58
CA LEU B 516 -28.27 23.94 12.77
C LEU B 516 -27.52 23.14 11.69
N GLU B 517 -26.41 23.65 11.20
CA GLU B 517 -25.68 22.98 10.13
C GLU B 517 -24.92 21.76 10.61
N VAL B 518 -24.48 20.92 9.69
CA VAL B 518 -23.71 19.72 10.06
C VAL B 518 -22.60 19.46 9.06
N ILE B 519 -21.40 19.16 9.56
CA ILE B 519 -20.27 18.94 8.68
C ILE B 519 -20.20 17.52 8.24
N TYR B 520 -19.75 17.30 7.03
CA TYR B 520 -19.73 15.97 6.53
C TYR B 520 -18.35 15.41 6.57
N MET B 521 -18.18 14.22 7.14
CA MET B 521 -16.87 13.58 7.14
C MET B 521 -16.99 12.35 6.28
N ILE B 522 -16.31 12.34 5.13
CA ILE B 522 -16.44 11.23 4.18
C ILE B 522 -15.13 10.62 3.70
N GLU B 523 -14.25 10.19 4.62
CA GLU B 523 -13.02 9.52 4.21
C GLU B 523 -12.83 8.19 4.93
N PRO B 524 -12.23 7.22 4.24
CA PRO B 524 -11.94 5.95 4.92
C PRO B 524 -10.98 6.16 6.08
N ILE B 525 -10.07 7.12 5.95
CA ILE B 525 -9.09 7.38 7.01
C ILE B 525 -9.66 8.37 8.01
N ASP B 526 -10.73 9.04 7.64
CA ASP B 526 -11.33 10.03 8.52
C ASP B 526 -11.53 9.59 9.94
N GLU B 527 -11.86 8.34 10.14
CA GLU B 527 -12.14 7.89 11.49
C GLU B 527 -11.05 8.17 12.50
N TYR B 528 -9.83 7.82 12.14
CA TYR B 528 -8.74 7.94 13.07
C TYR B 528 -8.79 9.32 13.61
N CYS B 529 -9.08 10.26 12.74
CA CYS B 529 -9.11 11.67 13.12
C CYS B 529 -10.20 12.00 14.12
N VAL B 530 -11.41 11.49 13.92
CA VAL B 530 -12.51 11.89 14.81
C VAL B 530 -12.34 11.45 16.27
N GLN B 531 -11.84 10.24 16.50
CA GLN B 531 -11.59 9.84 17.87
C GLN B 531 -10.53 10.74 18.49
N GLN B 532 -9.46 10.98 17.75
CA GLN B 532 -8.38 11.83 18.24
C GLN B 532 -8.79 13.28 18.42
N LEU B 533 -9.53 13.83 17.46
CA LEU B 533 -9.97 15.20 17.53
C LEU B 533 -11.02 15.33 18.62
N LYS B 534 -10.99 16.45 19.33
CA LYS B 534 -11.95 16.65 20.42
C LYS B 534 -11.98 18.07 20.88
N GLU B 535 -13.17 18.65 21.06
CA GLU B 535 -13.27 19.97 21.65
C GLU B 535 -12.51 21.01 20.85
N PHE B 536 -12.73 21.05 19.55
CA PHE B 536 -12.06 22.08 18.77
C PHE B 536 -12.58 23.43 19.20
N GLU B 537 -11.68 24.30 19.63
CA GLU B 537 -12.03 25.64 20.06
C GLU B 537 -13.10 25.58 21.16
N GLY B 538 -12.69 25.03 22.29
CA GLY B 538 -13.52 25.07 23.48
C GLY B 538 -14.93 24.56 23.29
N LYS B 539 -15.19 23.90 22.17
CA LYS B 539 -16.48 23.30 21.91
C LYS B 539 -16.24 21.99 21.21
N THR B 540 -17.09 21.01 21.51
CA THR B 540 -16.78 19.61 21.24
C THR B 540 -17.48 19.07 20.02
N LEU B 541 -16.81 18.14 19.36
CA LEU B 541 -17.38 17.46 18.21
C LEU B 541 -18.50 16.54 18.65
N VAL B 542 -19.48 16.35 17.78
CA VAL B 542 -20.56 15.41 18.02
C VAL B 542 -20.97 14.81 16.68
N SER B 543 -20.76 13.51 16.52
CA SER B 543 -21.32 12.85 15.35
C SER B 543 -22.73 12.42 15.70
N VAL B 544 -23.70 12.91 14.93
CA VAL B 544 -25.10 12.68 15.30
C VAL B 544 -25.42 11.19 15.30
N THR B 545 -24.64 10.40 14.59
CA THR B 545 -24.87 8.97 14.66
C THR B 545 -24.66 8.40 16.03
N LYS B 546 -24.14 9.14 17.01
CA LYS B 546 -24.02 8.59 18.36
C LYS B 546 -25.39 8.30 18.94
N GLU B 547 -25.42 7.47 19.99
CA GLU B 547 -26.68 7.12 20.64
C GLU B 547 -27.36 8.28 21.33
N GLY B 548 -26.59 9.11 22.04
CA GLY B 548 -27.21 10.17 22.79
C GLY B 548 -27.93 11.19 21.95
N LEU B 549 -27.17 11.98 21.19
CA LEU B 549 -27.72 13.02 20.32
C LEU B 549 -28.70 13.90 21.08
N GLU B 550 -28.24 14.41 22.22
CA GLU B 550 -29.11 15.21 23.06
C GLU B 550 -29.35 16.56 22.41
N LEU B 551 -30.61 16.85 22.12
CA LEU B 551 -30.96 18.09 21.45
C LEU B 551 -31.91 18.91 22.30
N PRO B 552 -31.56 20.12 22.65
CA PRO B 552 -32.44 20.94 23.48
C PRO B 552 -33.63 21.43 22.69
N GLU B 553 -34.78 20.82 22.95
CA GLU B 553 -36.02 21.16 22.28
C GLU B 553 -36.92 21.90 23.24
N ASP B 554 -38.09 22.32 22.76
CA ASP B 554 -39.02 23.12 23.56
C ASP B 554 -39.58 22.38 24.76
N GLU B 555 -40.15 23.12 25.69
CA GLU B 555 -40.79 22.50 26.83
C GLU B 555 -41.93 21.66 26.31
N GLU B 556 -42.67 22.19 25.34
CA GLU B 556 -43.82 21.47 24.81
C GLU B 556 -43.28 20.32 24.00
N GLU B 557 -42.19 20.57 23.30
CA GLU B 557 -41.55 19.52 22.51
C GLU B 557 -41.12 18.38 23.41
N LYS B 558 -40.30 18.67 24.40
CA LYS B 558 -39.79 17.63 25.27
C LYS B 558 -40.88 16.79 25.92
N LYS B 559 -41.92 17.42 26.48
CA LYS B 559 -42.93 16.68 27.23
C LYS B 559 -43.86 15.89 26.31
N LYS B 560 -44.32 16.47 25.21
CA LYS B 560 -45.18 15.70 24.33
C LYS B 560 -44.42 14.55 23.70
N GLN B 561 -43.15 14.76 23.43
CA GLN B 561 -42.35 13.68 22.88
C GLN B 561 -42.33 12.58 23.91
N GLU B 562 -42.13 12.96 25.15
CA GLU B 562 -42.06 11.92 26.17
C GLU B 562 -43.42 11.31 26.45
N GLU B 563 -44.51 12.01 26.15
CA GLU B 563 -45.82 11.40 26.31
C GLU B 563 -46.05 10.32 25.27
N LYS B 564 -45.73 10.65 24.02
CA LYS B 564 -45.57 9.62 23.00
C LYS B 564 -44.72 8.49 23.53
N LYS B 565 -43.60 8.81 24.18
CA LYS B 565 -42.72 7.77 24.73
C LYS B 565 -43.45 6.90 25.75
N THR B 566 -44.20 7.51 26.66
CA THR B 566 -44.85 6.74 27.73
C THR B 566 -45.99 5.88 27.25
N LYS B 567 -46.58 6.19 26.11
CA LYS B 567 -47.57 5.30 25.51
C LYS B 567 -47.06 4.57 24.29
N PHE B 568 -45.76 4.64 24.00
CA PHE B 568 -45.18 3.78 22.98
C PHE B 568 -44.11 2.87 23.52
N GLU B 569 -43.73 3.01 24.78
CA GLU B 569 -42.75 2.10 25.36
C GLU B 569 -43.35 0.69 25.45
N ASN B 570 -44.68 0.61 25.48
CA ASN B 570 -45.34 -0.68 25.52
C ASN B 570 -45.31 -1.21 24.12
N LEU B 571 -45.50 -0.33 23.14
CA LEU B 571 -45.39 -0.76 21.75
C LEU B 571 -43.97 -1.23 21.49
N CYS B 572 -42.98 -0.51 22.04
CA CYS B 572 -41.58 -0.92 21.87
C CYS B 572 -41.35 -2.27 22.52
N LYS B 573 -41.94 -2.49 23.69
CA LYS B 573 -41.84 -3.78 24.35
C LYS B 573 -42.51 -4.84 23.49
N ILE B 574 -43.65 -4.49 22.89
CA ILE B 574 -44.33 -5.43 22.01
C ILE B 574 -43.37 -5.81 20.88
N MET B 575 -42.72 -4.82 20.26
CA MET B 575 -41.81 -5.14 19.20
C MET B 575 -40.72 -6.02 19.75
N LYS B 576 -40.17 -5.70 20.91
CA LYS B 576 -39.05 -6.46 21.47
C LYS B 576 -39.42 -7.93 21.58
N ASP B 577 -40.64 -8.21 21.99
CA ASP B 577 -41.11 -9.59 22.07
C ASP B 577 -40.86 -10.31 20.75
N ILE B 578 -40.70 -9.55 19.67
CA ILE B 578 -40.19 -10.12 18.44
C ILE B 578 -38.75 -9.71 18.21
N LEU B 579 -38.38 -8.50 18.58
CA LEU B 579 -37.02 -8.03 18.32
C LEU B 579 -36.05 -8.59 19.35
N GLU B 580 -36.07 -9.90 19.53
CA GLU B 580 -35.10 -10.51 20.41
C GLU B 580 -33.73 -10.50 19.75
N LYS B 581 -32.71 -10.76 20.57
CA LYS B 581 -31.37 -11.20 20.22
C LYS B 581 -30.60 -10.20 19.35
N LYS B 582 -31.18 -9.05 19.02
CA LYS B 582 -30.49 -8.09 18.16
C LYS B 582 -30.28 -6.74 18.81
N VAL B 583 -31.32 -6.14 19.35
CA VAL B 583 -31.27 -4.78 19.83
C VAL B 583 -31.11 -4.81 21.34
N GLU B 584 -30.34 -3.88 21.91
CA GLU B 584 -30.28 -3.80 23.37
C GLU B 584 -31.51 -3.05 23.86
N LYS B 585 -31.65 -1.78 23.51
CA LYS B 585 -32.83 -1.01 23.88
C LYS B 585 -33.46 -0.33 22.66
N VAL B 586 -34.75 -0.57 22.45
CA VAL B 586 -35.45 0.09 21.36
C VAL B 586 -36.37 1.11 22.02
N VAL B 587 -36.07 2.38 21.83
CA VAL B 587 -36.87 3.42 22.49
C VAL B 587 -37.34 4.48 21.52
N VAL B 588 -38.40 5.18 21.89
CA VAL B 588 -38.96 6.23 21.04
C VAL B 588 -38.00 7.39 20.95
N SER B 589 -37.58 7.72 19.75
CA SER B 589 -36.61 8.78 19.59
C SER B 589 -37.11 9.84 18.66
N ASN B 590 -36.77 11.08 18.96
CA ASN B 590 -37.17 12.18 18.11
C ASN B 590 -36.05 12.42 17.16
N ARG B 591 -35.03 11.60 17.28
CA ARG B 591 -33.87 11.75 16.44
C ARG B 591 -34.16 11.96 14.96
N LEU B 592 -35.26 11.40 14.46
CA LEU B 592 -35.48 11.52 13.03
C LEU B 592 -36.90 11.91 12.66
N VAL B 593 -37.07 12.43 11.45
CA VAL B 593 -38.40 12.77 10.97
C VAL B 593 -38.48 12.27 9.55
N THR B 594 -39.68 12.09 9.03
CA THR B 594 -39.86 11.61 7.67
C THR B 594 -39.20 10.27 7.43
N SER B 595 -39.20 9.41 8.43
CA SER B 595 -38.66 8.06 8.27
C SER B 595 -39.11 7.21 9.45
N PRO B 596 -39.87 6.12 9.23
CA PRO B 596 -40.45 5.43 10.38
C PRO B 596 -39.45 4.86 11.34
N CYS B 597 -38.33 4.37 10.86
CA CYS B 597 -37.42 3.74 11.78
C CYS B 597 -36.00 3.76 11.28
N CYS B 598 -35.04 3.62 12.19
CA CYS B 598 -33.64 3.65 11.84
C CYS B 598 -32.86 3.09 13.02
N ILE B 599 -31.57 2.88 12.82
CA ILE B 599 -30.68 2.34 13.84
C ILE B 599 -29.67 3.40 14.24
N VAL B 600 -29.26 3.40 15.50
CA VAL B 600 -28.25 4.32 15.99
C VAL B 600 -27.27 3.54 16.86
N THR B 601 -25.98 3.74 16.60
CA THR B 601 -24.95 3.07 17.40
C THR B 601 -25.03 3.52 18.83
N SER B 602 -24.55 2.69 19.75
CA SER B 602 -24.61 2.99 21.17
C SER B 602 -23.62 4.09 21.54
N THR B 603 -23.56 4.42 22.82
CA THR B 603 -22.70 5.50 23.29
C THR B 603 -21.22 5.23 22.97
N TYR B 604 -20.83 3.97 22.89
CA TYR B 604 -19.43 3.62 22.63
C TYR B 604 -19.32 2.69 21.44
N GLY B 605 -18.20 1.97 21.34
CA GLY B 605 -18.04 1.01 20.27
C GLY B 605 -17.70 1.59 18.93
N TRP B 606 -17.95 0.82 17.86
CA TRP B 606 -17.63 1.27 16.52
C TRP B 606 -18.89 1.64 15.76
N THR B 607 -18.87 2.78 15.08
CA THR B 607 -20.02 3.15 14.24
C THR B 607 -20.01 2.21 13.05
N ALA B 608 -21.04 2.25 12.21
CA ALA B 608 -21.08 1.29 11.13
C ALA B 608 -19.90 1.46 10.18
N ASN B 609 -19.59 2.70 9.82
CA ASN B 609 -18.43 2.95 8.98
C ASN B 609 -17.16 2.55 9.71
N MET B 610 -17.11 2.87 11.00
CA MET B 610 -15.94 2.53 11.80
C MET B 610 -15.77 1.02 11.86
N GLU B 611 -16.85 0.30 12.09
CA GLU B 611 -16.79 -1.16 12.13
C GLU B 611 -16.39 -1.71 10.78
N ARG B 612 -16.95 -1.14 9.71
CA ARG B 612 -16.68 -1.64 8.38
C ARG B 612 -15.21 -1.55 8.00
N ILE B 613 -14.54 -0.49 8.45
CA ILE B 613 -13.18 -0.32 8.02
C ILE B 613 -12.35 -1.27 8.83
N MET B 614 -12.68 -1.43 10.10
CA MET B 614 -11.91 -2.30 10.97
C MET B 614 -11.92 -3.73 10.45
N LYS B 615 -13.07 -4.19 9.97
CA LYS B 615 -13.19 -5.54 9.45
C LYS B 615 -12.31 -5.76 8.24
N ALA B 616 -12.27 -4.79 7.35
CA ALA B 616 -11.52 -4.95 6.11
C ALA B 616 -10.08 -4.43 6.16
N GLN B 617 -9.66 -3.90 7.30
CA GLN B 617 -8.30 -3.37 7.43
C GLN B 617 -7.29 -4.49 7.23
N ALA B 618 -6.20 -4.20 6.53
CA ALA B 618 -5.21 -5.24 6.24
C ALA B 618 -4.51 -5.75 7.49
N LEU B 619 -4.42 -7.07 7.63
CA LEU B 619 -3.72 -7.69 8.76
C LEU B 619 -4.28 -7.26 10.12
N ARG B 620 -5.58 -6.99 10.17
CA ARG B 620 -6.19 -6.63 11.44
C ARG B 620 -6.92 -7.82 12.03
N ASP B 621 -6.98 -8.93 11.31
CA ASP B 621 -7.76 -10.06 11.79
C ASP B 621 -7.24 -10.56 13.13
N ASN B 622 -8.15 -10.79 14.06
CA ASN B 622 -7.75 -11.21 15.40
C ASN B 622 -8.94 -11.79 16.11
N SER B 623 -8.74 -12.23 17.35
CA SER B 623 -9.86 -12.72 18.13
C SER B 623 -10.76 -11.52 18.38
N THR B 624 -10.15 -10.36 18.63
CA THR B 624 -10.94 -9.14 18.81
C THR B 624 -11.64 -8.72 17.52
N MET B 625 -10.93 -8.15 16.56
CA MET B 625 -11.47 -7.78 15.23
C MET B 625 -12.58 -8.78 14.87
N GLY B 626 -12.30 -10.08 15.02
CA GLY B 626 -13.32 -11.12 14.75
C GLY B 626 -14.69 -10.70 15.25
N TYR B 627 -14.81 -10.45 16.57
CA TYR B 627 -16.12 -10.01 17.15
C TYR B 627 -15.89 -9.23 18.43
N MET B 628 -15.99 -7.91 18.38
CA MET B 628 -15.85 -7.08 19.58
C MET B 628 -16.61 -5.80 19.23
N ALA B 629 -16.54 -4.80 20.11
CA ALA B 629 -17.25 -3.55 19.87
C ALA B 629 -18.71 -3.79 19.54
N ALA B 630 -19.35 -4.69 20.28
CA ALA B 630 -20.73 -5.08 19.97
C ALA B 630 -21.81 -4.18 20.56
N LYS B 631 -22.22 -3.15 19.83
CA LYS B 631 -23.19 -2.19 20.36
C LYS B 631 -24.33 -1.87 19.38
N LYS B 632 -25.54 -2.39 19.61
CA LYS B 632 -26.61 -2.19 18.63
C LYS B 632 -27.98 -1.81 19.18
N HIS B 633 -28.60 -0.79 18.60
CA HIS B 633 -29.94 -0.37 19.04
C HIS B 633 -30.59 0.53 17.99
N LEU B 634 -31.88 0.34 17.76
CA LEU B 634 -32.60 1.18 16.80
C LEU B 634 -33.64 2.02 17.51
N GLU B 635 -34.40 2.76 16.70
CA GLU B 635 -35.45 3.63 17.17
C GLU B 635 -36.56 3.63 16.13
N ILE B 636 -37.49 4.56 16.28
CA ILE B 636 -38.71 4.62 15.50
C ILE B 636 -38.94 6.06 15.07
N ASN B 637 -40.08 6.29 14.41
CA ASN B 637 -40.60 7.62 14.18
C ASN B 637 -42.02 7.67 14.70
N PRO B 638 -42.21 7.97 15.99
CA PRO B 638 -43.55 7.93 16.58
C PRO B 638 -44.59 8.64 15.75
N ASP B 639 -44.22 9.74 15.11
CA ASP B 639 -45.14 10.41 14.23
C ASP B 639 -45.04 9.95 12.79
N HIS B 640 -44.47 8.78 12.54
CA HIS B 640 -44.56 8.22 11.20
C HIS B 640 -45.80 7.37 11.06
N SER B 641 -46.44 7.49 9.90
CA SER B 641 -47.64 6.72 9.60
C SER B 641 -47.45 5.25 9.93
N ILE B 642 -46.57 4.57 9.19
CA ILE B 642 -46.29 3.16 9.42
C ILE B 642 -46.05 2.89 10.89
N ILE B 643 -45.40 3.80 11.56
CA ILE B 643 -45.10 3.58 12.97
C ILE B 643 -46.39 3.41 13.78
N GLU B 644 -47.29 4.39 13.67
CA GLU B 644 -48.54 4.29 14.41
C GLU B 644 -49.34 3.07 13.98
N THR B 645 -49.31 2.73 12.69
CA THR B 645 -50.01 1.52 12.27
C THR B 645 -49.45 0.32 13.00
N LEU B 646 -48.14 0.21 13.08
CA LEU B 646 -47.53 -0.85 13.87
C LEU B 646 -48.02 -0.80 15.30
N ARG B 647 -48.15 0.41 15.85
CA ARG B 647 -48.63 0.56 17.22
C ARG B 647 -50.07 0.10 17.39
N GLN B 648 -50.93 0.49 16.46
CA GLN B 648 -52.34 0.17 16.61
C GLN B 648 -52.63 -1.31 16.57
N LYS B 649 -53.36 -1.82 17.55
CA LYS B 649 -53.77 -3.22 17.58
C LYS B 649 -52.64 -4.21 17.83
N ALA B 650 -51.45 -3.70 18.14
CA ALA B 650 -50.32 -4.58 18.42
C ALA B 650 -50.61 -5.39 19.66
N GLU B 651 -51.18 -4.74 20.67
CA GLU B 651 -51.55 -5.44 21.90
C GLU B 651 -52.64 -6.46 21.61
N ALA B 652 -53.60 -6.09 20.78
CA ALA B 652 -54.72 -6.99 20.50
C ALA B 652 -54.29 -8.29 19.82
N ASP B 653 -53.40 -8.21 18.84
CA ASP B 653 -52.91 -9.42 18.21
C ASP B 653 -51.97 -10.22 19.10
N LYS B 654 -52.05 -11.54 19.05
CA LYS B 654 -51.13 -12.37 19.82
C LYS B 654 -50.36 -13.26 18.86
N ASN B 655 -49.04 -13.24 18.94
CA ASN B 655 -48.21 -14.08 18.08
C ASN B 655 -48.53 -13.85 16.61
N ASP B 656 -48.75 -12.61 16.22
CA ASP B 656 -49.10 -12.31 14.84
C ASP B 656 -47.89 -12.28 13.95
N LYS B 657 -47.93 -13.01 12.84
CA LYS B 657 -46.83 -13.05 11.93
C LYS B 657 -46.84 -11.74 11.21
N SER B 658 -48.02 -11.22 10.94
CA SER B 658 -48.11 -9.98 10.19
C SER B 658 -47.15 -9.00 10.78
N VAL B 659 -47.32 -8.71 12.04
CA VAL B 659 -46.46 -7.72 12.67
C VAL B 659 -45.07 -8.30 12.84
N LYS B 660 -44.98 -9.60 13.02
CA LYS B 660 -43.69 -10.25 13.21
C LYS B 660 -42.80 -10.04 12.00
N ASP B 661 -43.18 -10.63 10.87
CA ASP B 661 -42.35 -10.51 9.68
C ASP B 661 -42.21 -9.06 9.28
N LEU B 662 -43.21 -8.24 9.56
CA LEU B 662 -43.04 -6.82 9.31
C LEU B 662 -41.83 -6.28 10.04
N VAL B 663 -41.83 -6.37 11.36
CA VAL B 663 -40.70 -5.80 12.09
C VAL B 663 -39.41 -6.48 11.67
N ILE B 664 -39.49 -7.75 11.24
CA ILE B 664 -38.32 -8.39 10.65
C ILE B 664 -37.77 -7.50 9.56
N LEU B 665 -38.57 -7.31 8.52
CA LEU B 665 -38.09 -6.56 7.37
C LEU B 665 -37.74 -5.14 7.76
N LEU B 666 -38.49 -4.60 8.70
CA LEU B 666 -38.26 -3.22 9.12
C LEU B 666 -36.86 -3.10 9.66
N TYR B 667 -36.63 -3.70 10.81
CA TYR B 667 -35.29 -3.68 11.40
C TYR B 667 -34.24 -4.05 10.38
N GLU B 668 -34.57 -4.96 9.48
CA GLU B 668 -33.60 -5.38 8.47
C GLU B 668 -33.16 -4.18 7.66
N THR B 669 -34.10 -3.57 6.96
CA THR B 669 -33.78 -2.40 6.16
C THR B 669 -33.14 -1.31 6.99
N ALA B 670 -33.55 -1.15 8.24
CA ALA B 670 -32.91 -0.17 9.09
C ALA B 670 -31.42 -0.48 9.22
N LEU B 671 -31.08 -1.76 9.20
CA LEU B 671 -29.67 -2.14 9.21
C LEU B 671 -29.04 -1.94 7.85
N LEU B 672 -29.82 -2.05 6.79
CA LEU B 672 -29.31 -1.71 5.47
C LEU B 672 -28.88 -0.26 5.44
N SER B 673 -29.78 0.62 5.85
CA SER B 673 -29.37 1.97 6.19
C SER B 673 -28.55 1.90 7.46
N SER B 674 -28.16 3.04 8.00
CA SER B 674 -27.29 3.05 9.17
C SER B 674 -26.01 2.28 8.92
N GLY B 675 -25.73 1.90 7.69
CA GLY B 675 -24.44 1.39 7.27
C GLY B 675 -24.20 -0.09 7.30
N PHE B 676 -24.52 -0.74 8.42
CA PHE B 676 -24.08 -2.10 8.65
C PHE B 676 -24.35 -2.98 7.45
N SER B 677 -23.29 -3.61 6.95
CA SER B 677 -23.47 -4.60 5.91
C SER B 677 -24.46 -5.64 6.39
N LEU B 678 -25.27 -6.13 5.46
CA LEU B 678 -26.39 -6.98 5.86
C LEU B 678 -25.88 -8.27 6.48
N GLU B 679 -26.46 -8.62 7.61
CA GLU B 679 -25.93 -9.72 8.40
C GLU B 679 -26.11 -11.03 7.67
N ASP B 680 -27.06 -11.10 6.76
CA ASP B 680 -27.34 -12.32 6.02
C ASP B 680 -28.16 -12.02 4.78
N PRO B 681 -27.58 -11.37 3.80
CA PRO B 681 -28.34 -10.92 2.63
C PRO B 681 -29.28 -11.96 2.04
N GLN B 682 -28.74 -13.13 1.72
CA GLN B 682 -29.52 -14.21 1.13
C GLN B 682 -30.91 -14.28 1.73
N THR B 683 -30.99 -14.21 3.04
CA THR B 683 -32.27 -14.29 3.73
C THR B 683 -33.17 -13.13 3.33
N HIS B 684 -32.61 -11.92 3.32
CA HIS B 684 -33.40 -10.77 2.92
C HIS B 684 -33.91 -10.97 1.51
N ALA B 685 -33.03 -11.40 0.62
CA ALA B 685 -33.44 -11.70 -0.75
C ALA B 685 -34.57 -12.69 -0.76
N ASN B 686 -34.53 -13.66 0.14
CA ASN B 686 -35.61 -14.64 0.19
C ASN B 686 -36.92 -13.97 0.54
N ARG B 687 -36.92 -13.18 1.61
CA ARG B 687 -38.13 -12.49 2.00
C ARG B 687 -38.65 -11.67 0.84
N ILE B 688 -37.78 -10.90 0.20
CA ILE B 688 -38.19 -10.05 -0.90
C ILE B 688 -38.71 -10.87 -2.06
N TYR B 689 -38.09 -12.02 -2.30
CA TYR B 689 -38.57 -12.91 -3.34
C TYR B 689 -39.99 -13.35 -3.03
N ARG B 690 -40.27 -13.60 -1.76
CA ARG B 690 -41.63 -13.91 -1.34
C ARG B 690 -42.56 -12.75 -1.68
N MET B 691 -42.13 -11.52 -1.38
CA MET B 691 -42.94 -10.37 -1.75
C MET B 691 -43.14 -10.30 -3.26
N ILE B 692 -42.14 -10.72 -4.03
CA ILE B 692 -42.28 -10.66 -5.48
C ILE B 692 -43.30 -11.68 -5.95
N LYS B 693 -43.12 -12.93 -5.54
CA LYS B 693 -44.09 -13.98 -5.85
C LYS B 693 -45.50 -13.50 -5.53
N LEU B 694 -45.64 -12.80 -4.41
CA LEU B 694 -46.88 -12.11 -4.11
C LEU B 694 -47.27 -11.19 -5.26
N GLY B 695 -46.36 -10.31 -5.64
CA GLY B 695 -46.60 -9.37 -6.73
C GLY B 695 -47.04 -10.06 -8.01
N LEU B 696 -46.72 -11.34 -8.14
CA LEU B 696 -47.12 -12.14 -9.28
C LEU B 696 -48.50 -12.71 -9.13
N GLY B 697 -49.27 -12.27 -8.13
CA GLY B 697 -50.52 -12.95 -7.85
C GLY B 697 -50.30 -14.38 -7.42
N ILE B 698 -49.16 -14.68 -6.81
CA ILE B 698 -48.88 -16.03 -6.35
C ILE B 698 -48.58 -16.02 -4.87
N GLU C 15 65.07 13.57 -8.78
CA GLU C 15 65.98 12.45 -8.97
C GLU C 15 66.18 11.69 -7.67
N GLU C 16 66.72 12.37 -6.67
CA GLU C 16 66.98 11.65 -5.43
C GLU C 16 65.67 11.25 -4.77
N VAL C 17 65.80 10.52 -3.67
CA VAL C 17 64.66 9.96 -2.97
C VAL C 17 64.85 10.21 -1.48
N GLU C 18 63.92 10.94 -0.88
CA GLU C 18 63.88 11.04 0.57
C GLU C 18 62.85 10.04 1.07
N THR C 19 63.23 8.78 0.98
CA THR C 19 62.34 7.73 1.44
C THR C 19 62.21 7.66 2.93
N PHE C 20 60.99 7.84 3.42
CA PHE C 20 60.75 7.70 4.85
C PHE C 20 59.55 6.81 5.01
N ALA C 21 59.50 6.07 6.11
CA ALA C 21 58.29 5.38 6.47
C ALA C 21 57.28 6.38 7.03
N PHE C 22 56.03 5.96 7.07
CA PHE C 22 55.01 6.83 7.62
C PHE C 22 55.25 7.02 9.11
N GLN C 23 55.16 8.26 9.55
CA GLN C 23 55.24 8.57 10.97
C GLN C 23 53.84 8.71 11.51
N ALA C 24 53.72 9.22 12.73
CA ALA C 24 52.42 9.42 13.33
C ALA C 24 52.55 10.35 14.51
N GLU C 25 51.42 10.90 14.94
CA GLU C 25 51.33 11.65 16.17
C GLU C 25 50.40 10.91 17.11
N ILE C 26 50.66 11.03 18.39
CA ILE C 26 49.99 10.24 19.40
C ILE C 26 48.83 10.99 20.02
N ALA C 27 49.06 12.23 20.44
CA ALA C 27 48.04 12.94 21.21
C ALA C 27 46.74 13.04 20.45
N GLN C 28 46.78 13.68 19.27
CA GLN C 28 45.59 13.84 18.47
C GLN C 28 45.02 12.49 18.09
N LEU C 29 45.88 11.53 17.80
CA LEU C 29 45.42 10.20 17.43
C LEU C 29 44.52 9.65 18.51
N MET C 30 45.09 9.49 19.70
CA MET C 30 44.37 8.94 20.84
C MET C 30 43.07 9.69 21.06
N SER C 31 43.17 11.02 21.18
CA SER C 31 41.99 11.81 21.49
C SER C 31 40.88 11.53 20.49
N LEU C 32 41.22 11.62 19.20
CA LEU C 32 40.29 11.27 18.15
C LEU C 32 39.67 9.92 18.39
N ILE C 33 40.51 8.91 18.62
CA ILE C 33 39.99 7.58 18.85
C ILE C 33 38.90 7.62 19.90
N ILE C 34 39.23 8.24 21.03
CA ILE C 34 38.29 8.34 22.14
C ILE C 34 36.98 8.91 21.66
N ASN C 35 37.01 10.14 21.21
CA ASN C 35 35.80 10.90 21.02
C ASN C 35 35.15 10.68 19.67
N THR C 36 35.64 9.73 18.88
CA THR C 36 35.09 9.55 17.55
C THR C 36 34.72 8.12 17.24
N PHE C 37 35.50 7.18 17.76
CA PHE C 37 35.26 5.79 17.40
C PHE C 37 33.89 5.35 17.81
N TYR C 38 33.51 5.63 19.05
CA TYR C 38 32.22 5.17 19.53
C TYR C 38 31.27 6.31 19.87
N SER C 39 30.07 6.24 19.32
CA SER C 39 29.07 7.29 19.55
C SER C 39 28.65 7.40 21.01
N ASN C 40 28.52 6.26 21.68
CA ASN C 40 28.02 6.28 23.06
C ASN C 40 28.96 5.64 24.07
N LYS C 41 28.83 6.05 25.33
CA LYS C 41 29.68 5.51 26.40
C LYS C 41 29.34 4.07 26.77
N GLU C 42 28.18 3.59 26.33
CA GLU C 42 27.71 2.24 26.68
C GLU C 42 28.61 1.12 26.14
N ILE C 43 29.43 1.42 25.13
CA ILE C 43 30.27 0.40 24.52
C ILE C 43 31.22 -0.25 25.52
N PHE C 44 31.75 0.51 26.48
CA PHE C 44 32.62 -0.06 27.52
C PHE C 44 31.93 -1.21 28.26
N LEU C 45 32.68 -1.98 29.05
CA LEU C 45 32.11 -3.15 29.73
C LEU C 45 31.78 -4.29 28.77
N ARG C 46 32.32 -4.25 27.56
CA ARG C 46 32.10 -5.33 26.60
C ARG C 46 33.44 -5.85 26.08
N GLU C 47 34.32 -4.95 25.67
CA GLU C 47 35.64 -5.33 25.22
C GLU C 47 36.58 -5.53 26.39
N LEU C 48 36.34 -4.86 27.51
CA LEU C 48 37.00 -5.27 28.74
C LEU C 48 36.83 -6.77 28.91
N ILE C 49 35.58 -7.20 28.85
CA ILE C 49 35.25 -8.61 28.91
C ILE C 49 35.99 -9.38 27.83
N SER C 50 36.04 -8.84 26.62
CA SER C 50 36.73 -9.50 25.52
C SER C 50 38.21 -9.76 25.83
N ASN C 51 38.90 -8.76 26.34
CA ASN C 51 40.32 -8.93 26.61
C ASN C 51 40.50 -10.02 27.62
N SER C 52 39.65 -10.03 28.64
CA SER C 52 39.73 -11.04 29.66
C SER C 52 39.40 -12.38 29.08
N SER C 53 38.40 -12.43 28.20
CA SER C 53 37.96 -13.73 27.72
C SER C 53 39.07 -14.41 26.97
N ASP C 54 39.58 -13.73 25.97
CA ASP C 54 40.64 -14.33 25.17
C ASP C 54 41.87 -14.59 26.02
N ALA C 55 42.17 -13.71 26.97
CA ALA C 55 43.31 -13.93 27.84
C ALA C 55 43.16 -15.26 28.55
N LEU C 56 42.09 -15.36 29.34
CA LEU C 56 41.81 -16.60 30.04
C LEU C 56 41.77 -17.78 29.09
N ASP C 57 41.29 -17.57 27.86
CA ASP C 57 41.14 -18.67 26.91
C ASP C 57 42.49 -19.22 26.52
N LYS C 58 43.34 -18.36 25.98
CA LYS C 58 44.69 -18.75 25.67
C LYS C 58 45.26 -19.51 26.86
N ILE C 59 45.25 -18.86 28.02
CA ILE C 59 45.95 -19.48 29.13
C ILE C 59 45.31 -20.79 29.50
N ARG C 60 44.01 -20.93 29.24
CA ARG C 60 43.35 -22.18 29.53
C ARG C 60 44.03 -23.22 28.69
N TYR C 61 44.18 -22.95 27.41
CA TYR C 61 44.76 -23.92 26.52
C TYR C 61 46.13 -24.24 27.05
N GLU C 62 46.84 -23.22 27.50
CA GLU C 62 48.17 -23.42 28.04
C GLU C 62 48.12 -24.28 29.28
N SER C 63 47.10 -24.10 30.09
CA SER C 63 46.96 -24.89 31.29
C SER C 63 46.77 -26.33 30.93
N LEU C 64 45.94 -26.61 29.93
CA LEU C 64 45.73 -27.98 29.49
C LEU C 64 47.08 -28.63 29.23
N THR C 65 47.97 -27.91 28.56
CA THR C 65 49.30 -28.43 28.28
C THR C 65 50.16 -28.68 29.52
N ASP C 66 50.13 -27.76 30.48
CA ASP C 66 50.98 -27.90 31.67
C ASP C 66 50.19 -28.00 32.97
N PRO C 67 50.43 -29.08 33.74
CA PRO C 67 49.67 -29.28 34.99
C PRO C 67 49.92 -28.17 36.02
N SER C 68 51.15 -27.71 36.15
CA SER C 68 51.46 -26.66 37.11
C SER C 68 50.71 -25.38 36.77
N LYS C 69 50.63 -25.06 35.48
CA LYS C 69 49.89 -23.89 35.05
C LYS C 69 48.42 -24.03 35.40
N LEU C 70 47.87 -25.22 35.22
CA LEU C 70 46.47 -25.45 35.51
C LEU C 70 46.17 -25.24 36.99
N ASP C 71 47.04 -25.73 37.85
CA ASP C 71 46.87 -25.55 39.28
C ASP C 71 46.95 -24.08 39.67
N SER C 72 47.89 -23.35 39.08
CA SER C 72 48.02 -21.94 39.37
C SER C 72 46.79 -21.14 38.93
N GLY C 73 46.34 -21.37 37.70
CA GLY C 73 45.18 -20.64 37.19
C GLY C 73 43.88 -20.92 37.93
N LYS C 74 43.65 -22.16 38.30
CA LYS C 74 42.46 -22.54 39.05
C LYS C 74 41.11 -22.07 38.50
N GLU C 75 40.20 -21.71 39.40
CA GLU C 75 38.86 -21.29 38.97
C GLU C 75 38.93 -20.02 38.16
N LEU C 76 38.13 -19.96 37.12
CA LEU C 76 38.14 -18.80 36.27
C LEU C 76 36.94 -18.03 36.67
N HIS C 77 37.04 -16.71 36.65
CA HIS C 77 35.87 -15.89 36.90
C HIS C 77 36.10 -14.48 36.43
N ILE C 78 35.03 -13.74 36.18
CA ILE C 78 35.17 -12.33 35.83
C ILE C 78 34.22 -11.61 36.77
N ASN C 79 34.66 -10.56 37.45
CA ASN C 79 33.80 -9.92 38.45
C ASN C 79 33.80 -8.41 38.38
N LEU C 80 32.76 -7.80 38.92
CA LEU C 80 32.66 -6.35 38.82
C LEU C 80 32.43 -5.73 40.16
N ILE C 81 33.02 -4.57 40.37
CA ILE C 81 32.81 -3.85 41.63
C ILE C 81 32.52 -2.35 41.41
N PRO C 82 31.23 -1.91 41.48
CA PRO C 82 31.02 -0.48 41.20
C PRO C 82 31.55 0.39 42.34
N ASN C 83 31.47 -0.07 43.58
CA ASN C 83 31.91 0.68 44.77
C ASN C 83 31.02 1.83 45.21
N LYS C 84 29.89 2.03 44.54
CA LYS C 84 28.92 3.05 44.98
C LYS C 84 29.46 4.47 45.07
N GLN C 85 29.40 5.06 46.27
CA GLN C 85 29.83 6.44 46.47
C GLN C 85 31.30 6.65 46.11
N ASP C 86 32.14 5.65 46.35
CA ASP C 86 33.54 5.75 45.99
C ASP C 86 33.66 5.95 44.50
N ARG C 87 32.73 5.37 43.73
CA ARG C 87 32.74 5.50 42.26
C ARG C 87 33.96 4.87 41.62
N THR C 88 34.70 4.06 42.37
CA THR C 88 35.81 3.34 41.79
C THR C 88 35.25 2.11 41.09
N LEU C 89 34.98 2.28 39.80
CA LEU C 89 34.52 1.16 39.02
C LEU C 89 35.74 0.29 38.80
N THR C 90 35.54 -1.00 38.64
CA THR C 90 36.63 -1.93 38.36
C THR C 90 36.04 -3.26 37.92
N ILE C 91 36.86 -4.02 37.20
CA ILE C 91 36.58 -5.41 36.89
C ILE C 91 37.82 -6.20 37.26
N VAL C 92 37.64 -7.50 37.45
CA VAL C 92 38.73 -8.40 37.81
C VAL C 92 38.62 -9.67 36.99
N ASP C 93 39.77 -10.23 36.63
CA ASP C 93 39.80 -11.45 35.84
C ASP C 93 40.86 -12.37 36.41
N THR C 94 40.83 -13.61 35.95
CA THR C 94 41.82 -14.63 36.32
C THR C 94 42.86 -14.81 35.23
N GLY C 95 43.13 -13.75 34.47
CA GLY C 95 44.05 -13.84 33.36
C GLY C 95 45.47 -14.09 33.79
N ILE C 96 46.33 -14.20 32.80
CA ILE C 96 47.72 -14.38 33.13
C ILE C 96 48.39 -13.01 33.08
N GLY C 97 47.82 -12.08 32.33
CA GLY C 97 48.43 -10.78 32.19
C GLY C 97 49.60 -10.82 31.26
N MET C 98 50.51 -9.87 31.39
CA MET C 98 51.66 -9.80 30.50
C MET C 98 52.84 -9.28 31.30
N THR C 99 54.07 -9.54 30.85
CA THR C 99 55.23 -9.16 31.66
C THR C 99 55.38 -7.67 31.85
N LYS C 100 56.22 -7.25 32.78
CA LYS C 100 56.27 -5.84 33.12
C LYS C 100 56.50 -5.01 31.88
N ALA C 101 57.39 -5.48 31.01
CA ALA C 101 57.67 -4.74 29.80
C ALA C 101 56.69 -5.14 28.73
N ASP C 102 56.57 -6.45 28.51
CA ASP C 102 55.71 -6.91 27.43
C ASP C 102 54.32 -6.32 27.56
N LEU C 103 53.86 -6.14 28.79
CA LEU C 103 52.60 -5.45 28.99
C LEU C 103 52.61 -4.12 28.27
N ILE C 104 53.64 -3.31 28.51
CA ILE C 104 53.79 -2.08 27.75
C ILE C 104 53.73 -2.38 26.27
N ASN C 105 54.65 -3.25 25.83
CA ASN C 105 54.88 -3.50 24.42
C ASN C 105 53.61 -3.88 23.69
N ASN C 106 52.61 -4.37 24.40
CA ASN C 106 51.31 -4.45 23.76
C ASN C 106 50.50 -3.19 23.99
N LEU C 107 50.55 -2.66 25.21
CA LEU C 107 49.56 -1.68 25.63
C LEU C 107 49.80 -0.33 24.98
N GLY C 108 50.93 0.30 25.31
CA GLY C 108 51.22 1.60 24.73
C GLY C 108 51.30 1.54 23.23
N THR C 109 51.60 0.36 22.68
CA THR C 109 51.54 0.15 21.25
C THR C 109 50.09 0.04 20.82
N ILE C 110 49.48 1.19 20.52
CA ILE C 110 48.12 1.19 20.01
C ILE C 110 48.04 0.31 18.77
N ALA C 111 46.99 -0.49 18.71
CA ALA C 111 46.62 -1.37 17.61
C ALA C 111 47.50 -2.62 17.55
N LYS C 112 48.51 -2.70 18.41
CA LYS C 112 49.30 -3.91 18.43
C LYS C 112 48.72 -4.80 19.52
N SER C 113 47.90 -5.76 19.12
CA SER C 113 47.26 -6.63 20.09
C SER C 113 48.10 -7.87 20.28
N GLY C 114 48.64 -8.06 21.48
CA GLY C 114 49.50 -9.19 21.74
C GLY C 114 48.67 -10.44 21.78
N THR C 115 47.37 -10.26 21.93
CA THR C 115 46.49 -11.41 21.91
C THR C 115 46.59 -11.95 20.51
N LYS C 116 46.28 -11.12 19.54
CA LYS C 116 46.37 -11.54 18.14
C LYS C 116 47.77 -12.07 17.90
N ALA C 117 48.76 -11.47 18.56
CA ALA C 117 50.13 -11.86 18.32
C ALA C 117 50.32 -13.33 18.66
N PHE C 118 50.15 -13.68 19.93
CA PHE C 118 50.35 -15.05 20.33
C PHE C 118 49.35 -15.98 19.66
N MET C 119 48.16 -15.45 19.35
CA MET C 119 47.19 -16.23 18.58
C MET C 119 47.82 -16.74 17.30
N GLU C 120 48.24 -15.80 16.45
CA GLU C 120 48.95 -16.17 15.23
C GLU C 120 50.10 -17.11 15.54
N ALA C 121 50.84 -16.80 16.61
CA ALA C 121 52.00 -17.62 16.96
C ALA C 121 51.60 -19.07 17.24
N LEU C 122 50.33 -19.33 17.51
CA LEU C 122 49.90 -20.68 17.87
C LEU C 122 49.96 -21.66 16.73
N GLN C 123 50.70 -22.74 16.92
CA GLN C 123 50.81 -23.77 15.88
C GLN C 123 49.54 -24.59 15.77
N ALA C 124 49.08 -25.16 16.87
CA ALA C 124 47.89 -25.99 16.89
C ALA C 124 46.80 -25.09 17.44
N GLY C 125 46.32 -24.24 16.51
CA GLY C 125 45.28 -23.28 16.95
C GLY C 125 43.91 -23.93 16.99
N ALA C 126 43.58 -24.62 18.09
CA ALA C 126 42.28 -25.31 18.21
C ALA C 126 41.30 -24.42 18.98
N ASP C 127 40.11 -24.18 18.43
CA ASP C 127 39.11 -23.32 19.06
C ASP C 127 39.70 -22.15 19.83
N ILE C 128 40.62 -21.42 19.20
CA ILE C 128 41.24 -20.24 19.85
C ILE C 128 40.14 -19.19 20.07
N SER C 129 39.28 -18.99 19.07
CA SER C 129 38.14 -18.04 19.19
C SER C 129 38.60 -16.72 19.82
N MET C 130 39.61 -16.08 19.24
CA MET C 130 40.07 -14.80 19.75
C MET C 130 39.06 -13.70 19.44
N ILE C 131 38.32 -13.26 20.46
CA ILE C 131 37.27 -12.21 20.28
C ILE C 131 37.90 -10.96 19.66
N GLY C 132 38.84 -10.30 20.35
CA GLY C 132 39.36 -9.08 19.78
C GLY C 132 40.58 -9.29 18.93
N GLN C 133 40.72 -8.46 17.90
CA GLN C 133 41.93 -8.44 17.09
C GLN C 133 42.43 -7.04 16.79
N PHE C 134 41.56 -6.04 16.89
CA PHE C 134 41.96 -4.66 16.50
C PHE C 134 43.07 -4.12 17.43
N GLY C 135 42.82 -4.10 18.74
CA GLY C 135 43.80 -3.56 19.69
C GLY C 135 43.50 -2.12 20.06
N VAL C 136 42.21 -1.79 20.23
CA VAL C 136 41.81 -0.39 20.53
C VAL C 136 40.76 -0.37 21.66
N GLY C 137 40.33 -1.55 22.13
CA GLY C 137 39.29 -1.62 23.18
C GLY C 137 39.72 -0.95 24.47
N PHE C 138 41.00 -1.10 24.85
CA PHE C 138 41.53 -0.58 26.14
C PHE C 138 41.40 0.95 26.15
N TYR C 139 41.63 1.59 25.00
CA TYR C 139 41.60 3.09 24.94
C TYR C 139 40.14 3.57 24.89
N SER C 140 39.20 2.65 24.68
CA SER C 140 37.75 3.02 24.68
C SER C 140 37.29 3.31 26.12
N ALA C 141 38.07 2.85 27.11
CA ALA C 141 37.72 3.06 28.53
C ALA C 141 37.77 4.57 28.86
N TYR C 142 38.59 5.34 28.14
CA TYR C 142 38.74 6.79 28.41
C TYR C 142 37.36 7.46 28.31
N LEU C 143 36.52 6.98 27.41
CA LEU C 143 35.19 7.58 27.23
C LEU C 143 34.49 7.79 28.55
N VAL C 144 34.82 6.96 29.54
CA VAL C 144 34.23 7.09 30.86
C VAL C 144 35.30 7.35 31.91
N ALA C 145 36.36 6.56 31.91
CA ALA C 145 37.41 6.70 32.91
C ALA C 145 38.04 8.07 32.84
N GLU C 146 38.34 8.64 34.01
CA GLU C 146 39.23 9.80 34.04
C GLU C 146 40.68 9.37 34.05
N LYS C 147 40.97 8.28 34.76
CA LYS C 147 42.29 7.68 34.76
C LYS C 147 42.13 6.18 34.64
N VAL C 148 42.94 5.56 33.79
CA VAL C 148 42.91 4.13 33.57
C VAL C 148 44.13 3.54 34.25
N THR C 149 43.91 2.88 35.38
CA THR C 149 44.98 2.29 36.17
C THR C 149 44.71 0.80 36.36
N VAL C 150 45.76 0.00 36.21
CA VAL C 150 45.61 -1.45 36.22
C VAL C 150 46.84 -2.14 36.79
N ILE C 151 46.61 -2.82 37.94
CA ILE C 151 47.67 -3.59 38.61
C ILE C 151 47.49 -5.02 38.14
N THR C 152 48.57 -5.77 37.94
CA THR C 152 48.47 -7.08 37.32
C THR C 152 49.74 -7.87 37.61
N LYS C 153 49.58 -9.20 37.72
CA LYS C 153 50.67 -10.16 37.84
C LYS C 153 50.73 -11.03 36.59
N HIS C 154 51.80 -11.78 36.45
CA HIS C 154 51.96 -12.63 35.28
C HIS C 154 52.61 -13.94 35.69
N ASN C 155 52.86 -14.82 34.74
CA ASN C 155 53.39 -16.14 35.01
C ASN C 155 54.81 -16.09 35.51
N ASP C 156 54.99 -16.39 36.81
CA ASP C 156 56.31 -16.36 37.49
C ASP C 156 56.79 -14.93 37.55
N ASP C 157 55.88 -13.99 37.76
CA ASP C 157 56.25 -12.59 37.64
C ASP C 157 55.65 -11.82 38.81
N GLU C 158 55.94 -10.53 38.86
CA GLU C 158 55.60 -9.68 39.99
C GLU C 158 54.43 -8.77 39.62
N GLN C 159 53.76 -8.24 40.64
CA GLN C 159 52.61 -7.40 40.40
C GLN C 159 53.06 -6.05 39.85
N TYR C 160 52.24 -5.47 39.00
CA TYR C 160 52.61 -4.22 38.34
C TYR C 160 51.37 -3.39 38.11
N ALA C 161 51.37 -2.18 38.66
CA ALA C 161 50.25 -1.25 38.54
C ALA C 161 50.56 -0.27 37.42
N TRP C 162 50.04 -0.55 36.24
CA TRP C 162 50.07 0.41 35.15
C TRP C 162 49.24 1.63 35.52
N GLU C 163 49.55 2.75 34.88
CA GLU C 163 48.76 3.96 35.05
C GLU C 163 48.42 4.51 33.68
N SER C 164 47.31 5.24 33.61
CA SER C 164 46.97 6.00 32.41
C SER C 164 45.82 6.94 32.69
N SER C 165 45.81 8.05 31.95
CA SER C 165 44.72 9.03 32.05
C SER C 165 44.66 9.73 30.69
N ALA C 166 45.15 9.06 29.63
CA ALA C 166 45.17 9.62 28.28
C ALA C 166 45.92 10.95 28.25
N GLY C 167 46.89 11.11 29.13
CA GLY C 167 47.68 12.31 29.18
C GLY C 167 48.88 12.27 28.26
N GLY C 168 48.88 11.36 27.30
CA GLY C 168 49.98 11.20 26.38
C GLY C 168 51.04 10.22 26.83
N SER C 169 51.12 9.95 28.13
CA SER C 169 52.15 9.08 28.67
C SER C 169 51.52 8.03 29.58
N PHE C 170 52.37 7.26 30.25
CA PHE C 170 51.90 6.22 31.16
C PHE C 170 53.14 5.85 31.94
N THR C 171 52.99 4.97 32.93
CA THR C 171 54.13 4.51 33.71
C THR C 171 53.82 3.17 34.35
N VAL C 172 54.76 2.59 35.10
CA VAL C 172 54.46 1.38 35.85
C VAL C 172 54.98 1.57 37.28
N ARG C 173 54.14 1.36 38.28
CA ARG C 173 54.59 1.50 39.66
C ARG C 173 54.27 0.25 40.48
N THR C 174 55.28 -0.33 41.08
CA THR C 174 55.05 -1.50 41.91
C THR C 174 55.22 -1.13 43.38
N ASP C 175 54.11 -1.23 44.12
CA ASP C 175 54.11 -0.87 45.52
C ASP C 175 53.25 -1.86 46.27
N THR C 176 53.53 -3.15 46.13
CA THR C 176 52.81 -4.18 46.89
C THR C 176 51.30 -4.17 46.82
N GLY C 177 50.74 -4.07 45.63
CA GLY C 177 49.29 -4.16 45.52
C GLY C 177 48.91 -5.55 46.01
N GLU C 178 47.77 -5.71 46.67
CA GLU C 178 47.44 -7.00 47.25
C GLU C 178 47.48 -8.02 46.14
N PRO C 179 48.19 -9.13 46.39
CA PRO C 179 48.37 -10.11 45.33
C PRO C 179 47.11 -10.47 44.59
N MET C 180 46.05 -10.78 45.31
CA MET C 180 44.84 -11.27 44.67
C MET C 180 45.25 -12.44 43.80
N GLY C 181 46.29 -13.15 44.19
CA GLY C 181 46.80 -14.22 43.36
C GLY C 181 47.23 -13.59 42.06
N ARG C 182 46.73 -14.10 40.94
CA ARG C 182 47.01 -13.49 39.66
C ARG C 182 46.39 -12.11 39.70
N GLY C 183 45.13 -12.06 40.13
CA GLY C 183 44.45 -10.77 40.26
C GLY C 183 44.50 -9.87 39.04
N THR C 184 44.33 -10.41 37.83
CA THR C 184 44.29 -9.51 36.68
C THR C 184 43.05 -8.69 36.83
N LYS C 185 43.13 -7.38 36.62
CA LYS C 185 42.03 -6.47 36.89
C LYS C 185 42.42 -5.04 36.58
N VAL C 186 41.43 -4.26 36.17
CA VAL C 186 41.61 -2.85 35.85
C VAL C 186 40.57 -2.03 36.59
N ILE C 187 41.01 -0.96 37.20
CA ILE C 187 40.12 -0.02 37.88
C ILE C 187 39.73 1.07 36.89
N LEU C 188 38.54 1.63 37.09
CA LEU C 188 38.04 2.72 36.28
C LEU C 188 37.59 3.86 37.18
N HIS C 189 37.67 5.08 36.66
CA HIS C 189 37.25 6.28 37.40
C HIS C 189 36.48 7.17 36.44
N LEU C 190 35.16 7.06 36.46
CA LEU C 190 34.32 7.86 35.57
C LEU C 190 34.18 9.28 36.09
N LYS C 191 34.01 10.20 35.15
CA LYS C 191 33.83 11.60 35.49
C LYS C 191 32.65 11.79 36.42
N GLU C 192 32.76 12.82 37.28
CA GLU C 192 31.59 13.34 37.97
C GLU C 192 30.47 13.58 36.98
N ASP C 193 30.76 14.31 35.91
CA ASP C 193 29.83 14.44 34.80
C ASP C 193 29.59 13.07 34.20
N GLN C 194 28.38 12.87 33.69
CA GLN C 194 28.02 11.61 33.05
C GLN C 194 28.45 10.44 33.92
N THR C 195 27.95 10.45 35.16
CA THR C 195 28.38 9.53 36.19
C THR C 195 27.55 8.26 36.23
N GLU C 196 27.06 7.81 35.09
CA GLU C 196 26.09 6.73 35.04
C GLU C 196 26.78 5.40 35.31
N TYR C 197 26.04 4.33 35.11
CA TYR C 197 26.56 2.97 35.14
C TYR C 197 26.93 2.52 36.56
N LEU C 198 26.85 3.40 37.54
CA LEU C 198 26.89 2.90 38.91
C LEU C 198 25.62 2.13 39.22
N GLU C 199 24.53 2.49 38.55
CA GLU C 199 23.28 1.79 38.68
C GLU C 199 23.42 0.38 38.12
N GLU C 200 23.32 -0.60 39.02
CA GLU C 200 23.61 -1.98 38.65
C GLU C 200 22.65 -2.50 37.60
N ARG C 201 21.35 -2.36 37.85
CA ARG C 201 20.36 -2.89 36.93
C ARG C 201 20.56 -2.37 35.52
N ARG C 202 21.08 -1.15 35.40
CA ARG C 202 21.59 -0.72 34.11
C ARG C 202 22.68 -1.65 33.61
N ILE C 203 23.64 -1.97 34.47
CA ILE C 203 24.70 -2.89 34.06
C ILE C 203 24.10 -4.20 33.58
N LYS C 204 23.02 -4.63 34.21
CA LYS C 204 22.45 -5.93 33.90
C LYS C 204 21.78 -5.92 32.53
N GLU C 205 20.93 -4.92 32.29
CA GLU C 205 20.37 -4.80 30.96
C GLU C 205 21.46 -4.63 29.92
N ILE C 206 22.60 -4.10 30.34
CA ILE C 206 23.74 -3.94 29.43
C ILE C 206 24.33 -5.31 29.10
N VAL C 207 24.56 -6.14 30.12
CA VAL C 207 25.04 -7.49 29.86
C VAL C 207 23.99 -8.29 29.09
N LYS C 208 22.71 -8.09 29.38
CA LYS C 208 21.67 -8.76 28.63
C LYS C 208 21.73 -8.34 27.16
N LYS C 209 22.00 -7.06 26.91
CA LYS C 209 22.15 -6.60 25.54
C LYS C 209 23.36 -7.22 24.85
N HIS C 210 24.49 -7.33 25.56
CA HIS C 210 25.70 -7.87 24.96
C HIS C 210 26.59 -8.55 25.99
N SER C 211 27.33 -9.60 25.60
CA SER C 211 28.26 -10.32 26.52
C SER C 211 27.49 -11.25 27.47
N GLN C 212 26.18 -11.45 27.23
CA GLN C 212 25.40 -12.39 28.07
C GLN C 212 25.79 -13.83 27.68
N PHE C 213 26.30 -14.00 26.45
CA PHE C 213 26.70 -15.35 25.97
C PHE C 213 28.23 -15.46 25.97
N ILE C 214 28.81 -16.01 27.03
CA ILE C 214 30.26 -16.23 27.11
C ILE C 214 30.44 -17.53 27.89
N GLY C 215 31.27 -18.47 27.41
CA GLY C 215 31.35 -19.73 28.10
C GLY C 215 32.27 -19.68 29.31
N TYR C 216 32.13 -18.66 30.14
CA TYR C 216 33.05 -18.47 31.24
C TYR C 216 32.38 -17.71 32.37
N PRO C 217 32.84 -17.90 33.60
CA PRO C 217 32.08 -17.43 34.76
C PRO C 217 32.15 -15.93 34.89
N ILE C 218 30.99 -15.32 35.10
CA ILE C 218 30.86 -13.89 35.24
C ILE C 218 29.96 -13.62 36.43
N THR C 219 30.11 -12.44 37.01
CA THR C 219 29.25 -12.02 38.12
C THR C 219 29.47 -10.56 38.42
N LEU C 220 28.67 -10.06 39.35
CA LEU C 220 28.92 -8.82 40.03
C LEU C 220 28.76 -9.07 41.51
N PHE C 221 29.50 -8.30 42.31
CA PHE C 221 29.36 -8.29 43.76
C PHE C 221 29.02 -6.88 44.20
N VAL C 222 28.13 -6.75 45.19
CA VAL C 222 27.80 -5.46 45.77
C VAL C 222 27.12 -5.67 47.11
N GLU C 223 27.48 -4.82 48.07
CA GLU C 223 26.98 -4.89 49.43
C GLU C 223 25.48 -4.60 49.52
N LYS C 224 24.83 -4.33 48.38
CA LYS C 224 23.41 -4.01 48.41
C LYS C 224 22.67 -5.03 49.27
N GLU C 225 21.82 -4.51 50.15
CA GLU C 225 21.17 -5.25 51.21
C GLU C 225 19.88 -4.51 51.52
N ARG C 226 19.29 -4.78 52.68
CA ARG C 226 18.24 -3.89 53.16
C ARG C 226 18.62 -3.19 54.45
N ASP C 227 19.87 -3.34 54.91
CA ASP C 227 20.39 -2.60 56.06
C ASP C 227 19.42 -2.62 57.24
N LYS C 228 18.74 -3.75 57.41
CA LYS C 228 17.51 -3.76 58.18
C LYS C 228 17.80 -3.55 59.66
N GLU C 229 18.98 -3.91 60.14
CA GLU C 229 19.31 -3.61 61.53
C GLU C 229 19.79 -2.17 61.64
N LYS C 279 20.87 -10.66 59.71
CA LYS C 279 19.81 -10.83 60.71
C LYS C 279 18.45 -10.60 60.07
N ILE C 280 17.88 -9.42 60.30
CA ILE C 280 16.58 -9.09 59.71
C ILE C 280 16.66 -9.07 58.20
N LYS C 281 17.76 -8.55 57.66
CA LYS C 281 17.94 -8.50 56.21
C LYS C 281 18.01 -9.91 55.65
N GLU C 282 17.37 -10.13 54.51
CA GLU C 282 17.31 -11.48 53.93
C GLU C 282 18.67 -12.05 53.54
N LYS C 283 19.51 -11.24 52.90
CA LYS C 283 20.82 -11.73 52.44
C LYS C 283 21.94 -10.88 53.00
N TYR C 284 22.95 -11.51 53.60
CA TYR C 284 24.05 -10.77 54.19
C TYR C 284 24.86 -9.99 53.16
N ILE C 285 25.12 -10.60 52.00
CA ILE C 285 25.82 -9.89 50.93
C ILE C 285 25.17 -10.29 49.62
N ASP C 286 25.29 -9.45 48.60
CA ASP C 286 24.73 -9.83 47.32
C ASP C 286 25.79 -10.30 46.35
N GLN C 287 25.72 -11.57 45.97
CA GLN C 287 26.64 -12.08 44.97
C GLN C 287 25.71 -12.54 43.89
N GLU C 288 25.91 -12.09 42.67
CA GLU C 288 24.94 -12.43 41.62
C GLU C 288 25.55 -12.70 40.27
N GLU C 289 25.62 -13.97 39.89
CA GLU C 289 26.09 -14.28 38.55
C GLU C 289 25.02 -13.89 37.54
N LEU C 290 25.42 -13.69 36.29
CA LEU C 290 24.44 -13.17 35.30
C LEU C 290 24.32 -14.06 34.06
N ASN C 291 25.31 -14.91 33.79
CA ASN C 291 25.24 -15.85 32.65
C ASN C 291 24.48 -17.12 32.96
N LYS C 292 23.20 -16.92 33.23
CA LYS C 292 22.36 -18.06 33.52
C LYS C 292 22.12 -18.77 32.24
N THR C 293 22.96 -18.51 31.24
CA THR C 293 22.71 -19.12 29.95
C THR C 293 23.89 -19.82 29.29
N LYS C 294 23.59 -20.82 28.46
CA LYS C 294 24.64 -21.54 27.75
C LYS C 294 24.26 -21.57 26.28
N PRO C 295 25.20 -21.23 25.40
CA PRO C 295 24.87 -21.17 23.97
C PRO C 295 24.57 -22.49 23.33
N ILE C 296 23.34 -22.64 22.89
CA ILE C 296 22.90 -23.87 22.23
C ILE C 296 23.57 -24.16 20.89
N TRP C 297 23.85 -23.12 20.12
CA TRP C 297 24.42 -23.31 18.79
C TRP C 297 25.76 -24.03 18.81
N THR C 298 26.55 -23.76 19.82
CA THR C 298 27.83 -24.39 19.90
C THR C 298 27.57 -25.86 20.02
N ARG C 299 26.59 -26.19 20.84
CA ARG C 299 26.36 -27.60 21.09
C ARG C 299 25.92 -28.31 19.84
N ASN C 300 26.26 -29.58 19.75
CA ASN C 300 25.92 -30.33 18.56
C ASN C 300 24.45 -30.47 18.35
N PRO C 301 23.98 -30.10 17.11
CA PRO C 301 22.56 -30.34 16.89
C PRO C 301 22.37 -31.81 16.70
N ASP C 302 21.17 -32.32 16.96
CA ASP C 302 20.85 -33.76 16.88
C ASP C 302 21.41 -34.46 18.12
N ASP C 303 22.43 -33.88 18.73
CA ASP C 303 22.98 -34.44 19.96
C ASP C 303 22.59 -33.57 21.15
N ILE C 304 21.65 -32.64 20.94
CA ILE C 304 21.24 -31.73 22.01
C ILE C 304 20.54 -32.43 23.17
N THR C 305 20.64 -31.86 24.37
CA THR C 305 20.04 -32.50 25.55
C THR C 305 18.52 -32.52 25.45
N ASN C 306 17.88 -33.46 26.14
CA ASN C 306 16.43 -33.59 26.03
C ASN C 306 15.74 -32.34 26.58
N GLU C 307 14.80 -31.79 25.82
CA GLU C 307 14.04 -30.61 26.24
C GLU C 307 14.94 -29.40 26.49
N GLU C 308 16.10 -29.36 25.86
CA GLU C 308 16.98 -28.21 25.99
C GLU C 308 16.33 -27.00 25.38
N TYR C 309 15.69 -27.18 24.23
CA TYR C 309 15.08 -26.04 23.53
C TYR C 309 13.95 -25.37 24.29
N GLY C 310 13.07 -26.15 24.90
CA GLY C 310 12.00 -25.57 25.69
C GLY C 310 12.60 -24.68 26.77
N GLU C 311 13.58 -25.20 27.50
CA GLU C 311 14.23 -24.43 28.55
C GLU C 311 14.96 -23.22 27.98
N PHE C 312 15.61 -23.41 26.83
CA PHE C 312 16.33 -22.32 26.21
C PHE C 312 15.38 -21.20 25.81
N TYR C 313 14.19 -21.56 25.34
CA TYR C 313 13.26 -20.53 24.89
C TYR C 313 12.91 -19.63 26.07
N LYS C 314 12.68 -20.23 27.23
CA LYS C 314 12.39 -19.42 28.42
C LYS C 314 13.60 -18.57 28.79
N SER C 315 14.80 -19.13 28.71
CA SER C 315 16.00 -18.34 28.99
C SER C 315 16.23 -17.22 27.97
N LEU C 316 15.97 -17.53 26.72
CA LEU C 316 16.15 -16.55 25.67
C LEU C 316 15.21 -15.40 25.91
N THR C 317 13.93 -15.69 25.86
CA THR C 317 12.95 -14.65 26.06
C THR C 317 12.06 -15.13 27.15
N ASN C 318 11.58 -14.20 27.93
CA ASN C 318 10.79 -14.62 29.07
C ASN C 318 9.37 -14.92 28.65
N ASP C 319 9.12 -16.10 28.09
CA ASP C 319 7.78 -16.49 27.68
C ASP C 319 7.25 -17.52 28.65
N TRP C 320 6.13 -17.22 29.29
CA TRP C 320 5.55 -18.15 30.22
C TRP C 320 5.32 -19.42 29.46
N GLU C 321 4.98 -19.28 28.20
CA GLU C 321 4.60 -20.44 27.40
C GLU C 321 5.85 -21.02 26.76
N ASP C 322 5.68 -22.19 26.16
CA ASP C 322 6.79 -22.94 25.58
C ASP C 322 7.15 -22.39 24.21
N HIS C 323 7.94 -23.16 23.48
CA HIS C 323 8.20 -22.94 22.07
C HIS C 323 7.42 -23.97 21.26
N LEU C 324 7.19 -23.66 19.99
CA LEU C 324 6.53 -24.63 19.13
C LEU C 324 7.51 -25.66 18.62
N ALA C 325 8.41 -25.21 17.76
CA ALA C 325 9.40 -26.06 17.15
C ALA C 325 10.63 -25.21 16.95
N VAL C 326 11.68 -25.83 16.44
CA VAL C 326 12.93 -25.11 16.33
C VAL C 326 13.84 -25.92 15.43
N LYS C 327 14.72 -25.25 14.69
CA LYS C 327 15.60 -26.03 13.85
C LYS C 327 17.01 -25.45 13.85
N HIS C 328 17.96 -26.35 13.68
CA HIS C 328 19.36 -26.14 13.93
C HIS C 328 20.16 -26.54 12.70
N PHE C 329 20.98 -25.63 12.19
CA PHE C 329 21.62 -25.86 10.91
C PHE C 329 23.10 -25.57 11.04
N SER C 330 23.91 -26.60 10.89
CA SER C 330 25.36 -26.44 10.79
C SER C 330 25.67 -26.04 9.36
N VAL C 331 26.10 -24.82 9.18
CA VAL C 331 26.52 -24.41 7.85
C VAL C 331 27.95 -24.82 7.63
N GLU C 332 28.28 -25.14 6.39
CA GLU C 332 29.63 -25.56 6.02
C GLU C 332 30.14 -24.83 4.79
N GLY C 333 29.49 -23.75 4.37
CA GLY C 333 29.93 -23.00 3.22
C GLY C 333 31.29 -22.36 3.42
N GLN C 334 31.68 -21.49 2.49
CA GLN C 334 32.96 -20.78 2.62
C GLN C 334 32.98 -19.94 3.89
N LEU C 335 31.95 -19.13 4.09
CA LEU C 335 31.69 -18.48 5.36
C LEU C 335 30.44 -19.12 5.92
N GLU C 336 30.62 -20.05 6.84
CA GLU C 336 29.55 -20.87 7.36
C GLU C 336 29.31 -20.50 8.81
N PHE C 337 28.24 -21.04 9.38
CA PHE C 337 27.71 -20.45 10.60
C PHE C 337 26.82 -21.45 11.31
N ARG C 338 26.31 -21.05 12.47
CA ARG C 338 25.39 -21.89 13.23
C ARG C 338 23.99 -21.33 13.13
N ALA C 339 23.16 -21.94 12.31
CA ALA C 339 21.80 -21.53 12.04
C ALA C 339 20.89 -22.32 12.97
N LEU C 340 20.17 -21.58 13.81
CA LEU C 340 19.33 -22.18 14.83
C LEU C 340 18.11 -21.30 14.99
N LEU C 341 16.92 -21.85 14.73
CA LEU C 341 15.72 -21.06 14.55
C LEU C 341 14.56 -21.68 15.30
N PHE C 342 14.03 -20.95 16.28
CA PHE C 342 12.82 -21.33 16.97
C PHE C 342 11.59 -21.03 16.14
N VAL C 343 10.43 -21.43 16.67
CA VAL C 343 9.14 -20.87 16.31
C VAL C 343 8.25 -20.96 17.54
N PRO C 344 7.63 -19.87 17.96
CA PRO C 344 6.87 -19.89 19.20
C PRO C 344 5.65 -20.78 19.09
N ARG C 345 5.27 -21.35 20.22
CA ARG C 345 4.07 -22.18 20.33
C ARG C 345 2.82 -21.34 20.47
N ARG C 346 2.91 -20.02 20.35
CA ARG C 346 1.76 -19.16 20.46
C ARG C 346 1.80 -18.08 19.38
N ALA C 347 0.73 -17.30 19.33
CA ALA C 347 0.74 -16.18 18.39
C ALA C 347 1.21 -14.90 19.11
N PRO C 348 1.98 -14.02 18.41
CA PRO C 348 2.47 -12.87 19.18
C PRO C 348 1.49 -11.71 19.30
N PHE C 349 1.07 -11.36 20.52
CA PHE C 349 0.06 -10.32 20.67
C PHE C 349 0.58 -9.00 20.16
N ASP C 350 1.86 -8.78 20.35
CA ASP C 350 2.44 -7.51 19.93
C ASP C 350 3.17 -7.52 18.59
N LEU C 351 2.45 -7.60 17.48
CA LEU C 351 3.09 -7.55 16.17
C LEU C 351 2.39 -6.60 15.20
N PHE C 352 3.11 -6.07 14.20
CA PHE C 352 2.53 -5.18 13.14
C PHE C 352 2.34 -3.75 13.55
N GLU C 353 2.01 -3.54 14.80
CA GLU C 353 1.85 -2.19 15.29
C GLU C 353 3.18 -1.44 15.20
N ASN C 354 4.30 -2.13 15.43
CA ASN C 354 5.59 -1.45 15.43
C ASN C 354 6.08 -1.30 14.02
N ARG C 355 6.14 -0.07 13.54
CA ARG C 355 6.62 0.18 12.20
C ARG C 355 8.08 -0.20 12.11
N LYS C 356 8.85 0.07 13.16
CA LYS C 356 10.26 -0.27 13.16
C LYS C 356 10.38 -1.78 13.08
N LYS C 357 11.27 -2.27 12.23
CA LYS C 357 11.47 -3.71 12.11
C LYS C 357 12.06 -4.14 13.44
N LYS C 358 11.50 -5.18 14.03
CA LYS C 358 11.94 -5.55 15.38
C LYS C 358 12.80 -6.78 15.44
N ASN C 359 12.99 -7.28 16.65
CA ASN C 359 13.90 -8.39 16.81
C ASN C 359 13.45 -9.59 16.08
N ASN C 360 14.36 -10.17 15.33
CA ASN C 360 14.05 -11.40 14.66
C ASN C 360 15.30 -12.18 14.91
N ILE C 361 15.96 -12.59 13.86
CA ILE C 361 17.12 -13.39 14.02
C ILE C 361 18.22 -12.54 14.58
N LYS C 362 18.95 -13.07 15.56
CA LYS C 362 20.07 -12.33 16.13
C LYS C 362 21.41 -12.86 15.64
N LEU C 363 22.39 -11.98 15.50
CA LEU C 363 23.70 -12.37 15.01
C LEU C 363 24.70 -12.29 16.16
N TYR C 364 25.36 -13.38 16.50
CA TYR C 364 26.24 -13.35 17.65
C TYR C 364 27.54 -13.89 17.19
N VAL C 365 28.13 -13.22 16.22
CA VAL C 365 29.39 -13.65 15.67
C VAL C 365 30.48 -13.71 16.70
N ARG C 366 31.34 -14.70 16.59
CA ARG C 366 32.47 -14.85 17.47
C ARG C 366 31.94 -14.91 18.86
N ARG C 367 30.79 -15.53 19.03
CA ARG C 367 30.23 -15.70 20.35
C ARG C 367 30.12 -14.38 21.05
N VAL C 368 29.86 -13.33 20.31
CA VAL C 368 29.63 -12.07 20.96
C VAL C 368 28.51 -11.42 20.21
N PHE C 369 27.59 -10.79 20.93
CA PHE C 369 26.40 -10.24 20.30
C PHE C 369 26.87 -9.21 19.32
N ILE C 370 26.30 -9.21 18.13
CA ILE C 370 26.65 -8.17 17.20
C ILE C 370 25.38 -7.46 16.80
N MET C 371 25.46 -6.59 15.81
CA MET C 371 24.29 -5.89 15.31
C MET C 371 23.28 -6.88 14.78
N ASP C 372 22.02 -6.78 15.18
CA ASP C 372 21.03 -7.67 14.57
C ASP C 372 19.67 -7.00 14.34
N ASN C 373 18.63 -7.79 14.06
CA ASN C 373 17.27 -7.27 13.85
C ASN C 373 17.20 -6.19 12.82
N CYS C 374 17.99 -6.34 11.78
CA CYS C 374 17.95 -5.38 10.71
C CYS C 374 17.41 -6.19 9.58
N GLU C 375 16.45 -5.62 8.89
CA GLU C 375 15.82 -6.34 7.83
C GLU C 375 16.73 -7.09 6.94
N GLU C 376 17.92 -6.56 6.66
CA GLU C 376 18.74 -7.22 5.64
C GLU C 376 18.91 -8.71 5.84
N LEU C 377 18.83 -9.17 7.07
CA LEU C 377 18.87 -10.61 7.29
C LEU C 377 17.62 -11.31 6.78
N ILE C 378 16.44 -10.81 7.15
CA ILE C 378 15.19 -11.49 6.82
C ILE C 378 14.04 -10.56 6.33
N PRO C 379 13.33 -10.93 5.24
CA PRO C 379 12.34 -9.96 4.75
C PRO C 379 11.30 -9.43 5.73
N GLU C 380 10.51 -8.45 5.31
CA GLU C 380 9.46 -7.94 6.17
C GLU C 380 8.50 -9.08 6.45
N TYR C 381 8.32 -9.96 5.47
CA TYR C 381 7.48 -11.14 5.69
C TYR C 381 8.24 -12.19 6.47
N LEU C 382 7.53 -12.98 7.27
CA LEU C 382 8.18 -14.00 8.12
C LEU C 382 9.14 -13.36 9.12
N ASN C 383 8.87 -12.12 9.50
CA ASN C 383 9.74 -11.45 10.47
C ASN C 383 9.38 -11.95 11.86
N PHE C 384 8.20 -12.55 12.02
CA PHE C 384 7.86 -13.12 13.31
C PHE C 384 8.87 -14.15 13.77
N ILE C 385 9.55 -14.83 12.83
CA ILE C 385 10.44 -15.92 13.19
C ILE C 385 11.47 -15.47 14.19
N ARG C 386 11.81 -16.35 15.13
CA ARG C 386 12.83 -16.05 16.13
C ARG C 386 13.83 -17.20 16.16
N GLY C 387 15.07 -16.86 15.88
CA GLY C 387 16.20 -17.75 16.06
C GLY C 387 17.42 -16.88 16.17
N VAL C 388 18.58 -17.52 16.34
CA VAL C 388 19.83 -16.77 16.44
C VAL C 388 20.90 -17.45 15.62
N VAL C 389 21.68 -16.65 14.92
CA VAL C 389 22.70 -17.14 14.01
C VAL C 389 24.05 -16.71 14.51
N ASP C 390 25.10 -17.47 14.22
CA ASP C 390 26.44 -17.01 14.59
C ASP C 390 27.53 -17.66 13.77
N SER C 391 28.39 -16.85 13.17
CA SER C 391 29.54 -17.38 12.46
C SER C 391 30.70 -16.76 13.19
N GLU C 392 31.67 -17.55 13.63
CA GLU C 392 32.74 -16.98 14.43
C GLU C 392 33.49 -15.94 13.63
N ASP C 393 33.68 -16.21 12.34
CA ASP C 393 34.44 -15.30 11.50
C ASP C 393 33.53 -14.46 10.65
N LEU C 394 33.69 -13.14 10.70
CA LEU C 394 32.90 -12.26 9.86
C LEU C 394 33.57 -10.89 9.67
N PRO C 395 33.49 -10.28 8.46
CA PRO C 395 34.15 -8.98 8.37
C PRO C 395 33.47 -7.95 9.29
N LEU C 396 34.22 -7.15 10.03
CA LEU C 396 33.62 -6.19 10.95
C LEU C 396 34.32 -4.84 10.96
N ASN C 397 33.91 -3.91 11.80
CA ASN C 397 34.42 -2.57 11.79
C ASN C 397 35.12 -2.28 13.11
N ILE C 398 35.59 -1.04 13.24
CA ILE C 398 36.15 -0.59 14.51
C ILE C 398 35.06 -0.47 15.55
N SER C 399 34.08 0.38 15.28
CA SER C 399 32.84 0.27 16.02
C SER C 399 32.22 -1.10 15.81
N ARG C 400 32.54 -1.76 14.71
CA ARG C 400 32.18 -3.15 14.47
C ARG C 400 30.67 -3.29 14.31
N GLU C 401 29.95 -2.21 14.55
CA GLU C 401 28.50 -2.29 14.56
C GLU C 401 27.96 -2.42 13.15
N MET C 402 28.33 -1.50 12.28
CA MET C 402 27.90 -1.62 10.90
C MET C 402 28.61 -2.78 10.23
N LEU C 403 28.22 -3.08 9.01
CA LEU C 403 28.82 -4.17 8.27
C LEU C 403 29.30 -3.71 6.90
N GLN C 404 30.34 -4.37 6.42
CA GLN C 404 31.01 -3.91 5.19
C GLN C 404 30.30 -4.41 3.94
N GLN C 405 30.30 -5.71 3.72
CA GLN C 405 29.63 -6.29 2.56
C GLN C 405 28.23 -6.73 2.93
N SER C 406 27.28 -6.39 2.08
CA SER C 406 25.91 -6.84 2.27
C SER C 406 25.52 -7.96 1.33
N LYS C 407 26.32 -8.19 0.28
CA LYS C 407 26.11 -9.37 -0.56
C LYS C 407 26.09 -10.63 0.29
N ILE C 408 26.97 -10.69 1.29
CA ILE C 408 26.97 -11.81 2.21
C ILE C 408 25.66 -11.87 2.99
N LEU C 409 25.17 -10.72 3.46
CA LEU C 409 23.85 -10.69 4.06
C LEU C 409 22.86 -11.37 3.15
N LYS C 410 22.96 -11.11 1.85
CA LYS C 410 22.01 -11.70 0.91
C LYS C 410 22.17 -13.22 0.87
N VAL C 411 23.40 -13.70 0.83
CA VAL C 411 23.63 -15.14 0.81
C VAL C 411 23.15 -15.81 2.10
N ILE C 412 23.45 -15.21 3.25
CA ILE C 412 22.93 -15.75 4.51
C ILE C 412 21.42 -15.62 4.56
N ARG C 413 20.88 -14.54 4.02
CA ARG C 413 19.43 -14.36 3.99
C ARG C 413 18.81 -15.46 3.17
N LYS C 414 19.44 -15.81 2.05
CA LYS C 414 18.92 -16.86 1.21
C LYS C 414 18.92 -18.15 2.00
N ASN C 415 20.00 -18.39 2.73
CA ASN C 415 20.08 -19.61 3.52
C ASN C 415 18.98 -19.61 4.57
N LEU C 416 18.78 -18.48 5.23
CA LEU C 416 17.78 -18.42 6.30
C LEU C 416 16.38 -18.74 5.83
N VAL C 417 15.96 -18.19 4.69
CA VAL C 417 14.60 -18.37 4.24
C VAL C 417 14.41 -19.78 3.71
N LYS C 418 15.36 -20.26 2.91
CA LYS C 418 15.26 -21.64 2.44
C LYS C 418 15.03 -22.57 3.61
N LYS C 419 15.87 -22.45 4.63
CA LYS C 419 15.85 -23.42 5.71
C LYS C 419 14.58 -23.29 6.53
N CYS C 420 14.20 -22.08 6.92
CA CYS C 420 13.01 -21.94 7.74
C CYS C 420 11.77 -22.35 6.97
N LEU C 421 11.82 -22.21 5.65
CA LEU C 421 10.70 -22.65 4.84
C LEU C 421 10.62 -24.16 4.84
N GLU C 422 11.78 -24.81 4.76
CA GLU C 422 11.82 -26.26 4.93
C GLU C 422 11.32 -26.64 6.31
N LEU C 423 11.58 -25.81 7.32
CA LEU C 423 11.02 -26.03 8.63
C LEU C 423 9.51 -26.05 8.57
N PHE C 424 8.94 -25.02 7.96
CA PHE C 424 7.50 -24.99 7.80
C PHE C 424 7.02 -26.26 7.15
N THR C 425 7.73 -26.71 6.14
CA THR C 425 7.38 -27.95 5.46
C THR C 425 7.33 -29.11 6.44
N GLU C 426 8.45 -29.32 7.14
CA GLU C 426 8.54 -30.42 8.09
C GLU C 426 7.42 -30.32 9.08
N LEU C 427 7.06 -29.10 9.44
CA LEU C 427 5.93 -28.89 10.30
C LEU C 427 4.67 -29.44 9.65
N ALA C 428 4.44 -29.04 8.42
CA ALA C 428 3.26 -29.49 7.71
C ALA C 428 3.21 -31.01 7.63
N GLU C 429 4.36 -31.67 7.79
CA GLU C 429 4.29 -33.12 7.99
C GLU C 429 3.37 -33.46 9.14
N ASP C 430 3.50 -32.75 10.27
CA ASP C 430 2.46 -32.81 11.29
C ASP C 430 1.16 -32.25 10.75
N LYS C 431 0.05 -32.71 11.31
CA LYS C 431 -1.25 -32.17 10.94
C LYS C 431 -1.85 -31.39 12.12
N GLU C 432 -1.76 -31.91 13.35
CA GLU C 432 -2.37 -31.24 14.49
C GLU C 432 -1.68 -29.92 14.79
N ASN C 433 -0.41 -29.99 15.15
CA ASN C 433 0.30 -28.78 15.52
C ASN C 433 0.42 -27.84 14.32
N TYR C 434 0.69 -28.41 13.15
CA TYR C 434 0.80 -27.57 11.97
C TYR C 434 -0.48 -26.81 11.74
N LYS C 435 -1.61 -27.47 11.95
CA LYS C 435 -2.86 -26.76 11.80
C LYS C 435 -2.98 -25.68 12.86
N LYS C 436 -2.53 -25.96 14.08
CA LYS C 436 -2.55 -24.92 15.11
C LYS C 436 -1.83 -23.68 14.64
N PHE C 437 -0.60 -23.89 14.17
CA PHE C 437 0.19 -22.79 13.66
C PHE C 437 -0.59 -22.08 12.57
N TYR C 438 -0.82 -22.79 11.47
CA TYR C 438 -1.53 -22.27 10.32
C TYR C 438 -2.68 -21.40 10.75
N GLU C 439 -3.48 -21.92 11.68
CA GLU C 439 -4.53 -21.13 12.30
C GLU C 439 -4.00 -19.77 12.68
N GLN C 440 -3.08 -19.75 13.61
CA GLN C 440 -2.77 -18.44 14.18
C GLN C 440 -1.77 -17.62 13.36
N PHE C 441 -1.31 -18.10 12.20
CA PHE C 441 -0.27 -17.39 11.47
C PHE C 441 -0.45 -17.33 9.95
N SER C 442 -1.56 -17.84 9.41
CA SER C 442 -1.69 -17.89 7.97
C SER C 442 -1.60 -16.50 7.35
N LYS C 443 -1.98 -15.46 8.08
CA LYS C 443 -1.91 -14.13 7.50
C LYS C 443 -0.49 -13.78 7.10
N ASN C 444 0.44 -13.87 8.04
CA ASN C 444 1.83 -13.64 7.69
C ASN C 444 2.24 -14.56 6.56
N ILE C 445 1.80 -15.81 6.61
CA ILE C 445 2.15 -16.72 5.53
C ILE C 445 1.82 -16.08 4.19
N LYS C 446 0.53 -15.79 3.99
CA LYS C 446 0.09 -15.26 2.71
C LYS C 446 0.74 -13.96 2.31
N LEU C 447 0.96 -13.09 3.28
CA LEU C 447 1.67 -11.85 2.98
C LEU C 447 2.96 -12.19 2.26
N GLY C 448 3.71 -13.09 2.87
CA GLY C 448 4.91 -13.55 2.21
C GLY C 448 4.63 -14.22 0.87
N ILE C 449 3.61 -15.07 0.84
CA ILE C 449 3.33 -15.84 -0.37
C ILE C 449 3.20 -14.90 -1.54
N HIS C 450 2.61 -13.73 -1.30
CA HIS C 450 2.45 -12.81 -2.42
C HIS C 450 3.67 -11.92 -2.59
N GLU C 451 4.49 -11.75 -1.56
CA GLU C 451 5.64 -10.87 -1.70
C GLU C 451 6.90 -11.56 -2.20
N ASP C 452 6.97 -12.88 -2.17
CA ASP C 452 8.23 -13.54 -2.44
C ASP C 452 8.55 -13.64 -3.92
N SER C 453 7.59 -14.07 -4.72
CA SER C 453 7.64 -13.98 -6.18
C SER C 453 8.72 -14.84 -6.83
N GLN C 454 9.40 -15.68 -6.07
CA GLN C 454 10.28 -16.64 -6.73
C GLN C 454 9.85 -18.06 -6.40
N ASN C 455 9.90 -18.42 -5.13
CA ASN C 455 9.61 -19.82 -4.77
C ASN C 455 8.14 -20.13 -4.66
N ARG C 456 7.40 -19.92 -5.73
CA ARG C 456 5.96 -20.13 -5.67
C ARG C 456 5.61 -21.57 -5.34
N LYS C 457 6.35 -22.53 -5.91
CA LYS C 457 6.10 -23.93 -5.62
C LYS C 457 6.34 -24.25 -4.14
N LYS C 458 7.43 -23.71 -3.58
CA LYS C 458 7.70 -23.91 -2.15
C LYS C 458 6.62 -23.26 -1.31
N LEU C 459 6.22 -22.05 -1.70
CA LEU C 459 5.17 -21.34 -0.96
C LEU C 459 3.86 -22.10 -1.04
N SER C 460 3.56 -22.67 -2.20
CA SER C 460 2.32 -23.42 -2.37
C SER C 460 2.36 -24.77 -1.68
N GLU C 461 1.22 -25.47 -1.63
CA GLU C 461 1.11 -26.78 -0.94
C GLU C 461 1.12 -26.59 0.57
N LEU C 462 1.31 -25.35 1.02
CA LEU C 462 1.31 -25.06 2.45
C LEU C 462 0.00 -24.40 2.89
N LEU C 463 -1.00 -24.38 2.03
CA LEU C 463 -2.25 -23.67 2.37
C LEU C 463 -3.46 -24.57 2.55
N ARG C 464 -4.18 -24.40 3.65
CA ARG C 464 -5.37 -25.20 3.89
C ARG C 464 -6.62 -24.35 4.06
N TYR C 465 -7.73 -24.66 3.40
CA TYR C 465 -8.89 -23.79 3.52
C TYR C 465 -10.19 -24.56 3.58
N TYR C 466 -11.26 -23.95 4.08
CA TYR C 466 -12.57 -24.62 4.09
C TYR C 466 -13.09 -24.76 2.69
N THR C 467 -13.73 -25.90 2.38
CA THR C 467 -14.20 -26.16 1.01
C THR C 467 -15.60 -26.74 0.98
N SER C 468 -16.19 -26.87 -0.21
CA SER C 468 -17.50 -27.52 -0.31
C SER C 468 -17.41 -28.98 0.09
N ALA C 469 -16.33 -29.64 -0.29
CA ALA C 469 -16.12 -31.04 0.10
C ALA C 469 -16.22 -31.16 1.61
N SER C 470 -15.25 -30.62 2.34
CA SER C 470 -15.35 -30.64 3.78
C SER C 470 -15.38 -29.22 4.34
N GLY C 471 -16.54 -28.78 4.79
CA GLY C 471 -16.64 -27.46 5.41
C GLY C 471 -15.92 -27.40 6.74
N ASP C 472 -16.05 -28.45 7.54
CA ASP C 472 -15.45 -28.47 8.87
C ASP C 472 -13.93 -28.42 8.91
N GLU C 473 -13.27 -29.14 8.00
CA GLU C 473 -11.81 -29.23 8.07
C GLU C 473 -11.08 -28.47 6.98
N MET C 474 -10.01 -27.77 7.35
CA MET C 474 -9.22 -27.06 6.36
C MET C 474 -8.50 -28.05 5.45
N VAL C 475 -8.82 -28.03 4.15
CA VAL C 475 -8.23 -28.96 3.20
C VAL C 475 -7.13 -28.31 2.37
N SER C 476 -5.99 -28.99 2.27
CA SER C 476 -4.89 -28.48 1.44
C SER C 476 -5.34 -28.29 0.00
N LEU C 477 -4.78 -27.29 -0.67
CA LEU C 477 -5.13 -27.07 -2.07
C LEU C 477 -4.68 -28.31 -2.82
N LYS C 478 -3.55 -28.88 -2.41
CA LYS C 478 -3.04 -30.09 -3.05
C LYS C 478 -4.03 -31.24 -2.92
N ASP C 479 -4.69 -31.36 -1.78
CA ASP C 479 -5.70 -32.40 -1.62
C ASP C 479 -6.83 -32.19 -2.62
N TYR C 480 -7.27 -30.95 -2.79
CA TYR C 480 -8.31 -30.65 -3.77
C TYR C 480 -7.79 -30.96 -5.17
N CYS C 481 -6.53 -30.64 -5.43
CA CYS C 481 -5.94 -30.89 -6.73
C CYS C 481 -5.90 -32.38 -7.06
N THR C 482 -5.60 -33.21 -6.08
CA THR C 482 -5.58 -34.66 -6.32
C THR C 482 -6.98 -35.19 -6.59
N ARG C 483 -7.99 -34.54 -6.02
CA ARG C 483 -9.38 -34.93 -6.31
C ARG C 483 -9.69 -34.66 -7.78
N MET C 484 -9.35 -33.46 -8.25
CA MET C 484 -9.69 -33.05 -9.62
C MET C 484 -10.96 -33.67 -10.20
N LYS C 485 -12.11 -33.26 -9.70
CA LYS C 485 -13.35 -33.89 -10.15
C LYS C 485 -13.56 -33.67 -11.61
N GLU C 486 -13.85 -34.74 -12.32
CA GLU C 486 -14.13 -34.64 -13.75
C GLU C 486 -13.02 -33.91 -14.43
N ASN C 487 -11.80 -34.21 -14.01
CA ASN C 487 -10.63 -33.58 -14.62
C ASN C 487 -10.86 -32.12 -14.79
N GLN C 488 -11.46 -31.50 -13.78
CA GLN C 488 -11.65 -30.08 -13.87
C GLN C 488 -10.28 -29.48 -13.95
N LYS C 489 -10.10 -28.56 -14.88
CA LYS C 489 -8.82 -27.92 -15.03
C LYS C 489 -8.83 -26.64 -14.24
N HIS C 490 -9.94 -26.38 -13.56
CA HIS C 490 -10.07 -25.14 -12.88
C HIS C 490 -10.37 -25.37 -11.42
N ILE C 491 -9.70 -24.62 -10.55
CA ILE C 491 -9.95 -24.75 -9.12
C ILE C 491 -10.88 -23.67 -8.67
N TYR C 492 -12.06 -24.08 -8.27
CA TYR C 492 -13.06 -23.11 -7.94
C TYR C 492 -13.07 -22.60 -6.52
N TYR C 493 -12.99 -21.28 -6.39
CA TYR C 493 -13.05 -20.68 -5.07
C TYR C 493 -13.90 -19.48 -5.10
N ILE C 494 -14.06 -18.86 -3.95
CA ILE C 494 -14.82 -17.66 -3.89
C ILE C 494 -14.21 -16.78 -2.86
N THR C 495 -14.34 -15.48 -3.00
CA THR C 495 -13.85 -14.54 -2.00
C THR C 495 -15.04 -13.80 -1.48
N GLY C 496 -15.19 -13.71 -0.18
CA GLY C 496 -16.38 -13.09 0.35
C GLY C 496 -16.17 -12.53 1.72
N GLU C 497 -17.12 -12.73 2.62
CA GLU C 497 -17.00 -12.09 3.96
C GLU C 497 -17.32 -13.10 5.06
N THR C 498 -18.53 -13.67 5.06
CA THR C 498 -18.91 -14.63 6.09
C THR C 498 -19.07 -16.02 5.48
N LYS C 499 -18.79 -17.05 6.25
CA LYS C 499 -18.86 -18.41 5.73
C LYS C 499 -20.27 -18.78 5.27
N ASP C 500 -21.27 -18.38 6.03
CA ASP C 500 -22.65 -18.67 5.63
C ASP C 500 -22.97 -17.99 4.31
N GLN C 501 -22.54 -16.74 4.16
CA GLN C 501 -22.80 -16.01 2.92
C GLN C 501 -22.11 -16.64 1.71
N VAL C 502 -20.86 -17.04 1.86
CA VAL C 502 -20.16 -17.68 0.75
C VAL C 502 -20.78 -19.02 0.37
N ALA C 503 -21.20 -19.80 1.36
CA ALA C 503 -21.86 -21.07 1.07
C ALA C 503 -23.17 -20.85 0.33
N ASN C 504 -23.93 -19.85 0.74
CA ASN C 504 -25.22 -19.57 0.11
C ASN C 504 -25.10 -18.55 -1.00
N SER C 505 -24.42 -18.91 -2.08
CA SER C 505 -24.28 -18.00 -3.21
C SER C 505 -24.83 -18.68 -4.46
N ALA C 506 -25.37 -17.90 -5.39
CA ALA C 506 -25.96 -18.46 -6.61
C ALA C 506 -24.98 -19.31 -7.42
N PHE C 507 -23.82 -18.75 -7.74
CA PHE C 507 -22.82 -19.50 -8.49
C PHE C 507 -22.34 -20.71 -7.69
N VAL C 508 -22.18 -20.54 -6.38
CA VAL C 508 -21.78 -21.67 -5.54
C VAL C 508 -22.85 -22.75 -5.55
N GLU C 509 -24.12 -22.37 -5.55
CA GLU C 509 -25.20 -23.35 -5.62
C GLU C 509 -25.15 -24.09 -6.96
N ARG C 510 -24.85 -23.39 -8.03
CA ARG C 510 -24.72 -24.03 -9.34
C ARG C 510 -23.55 -25.01 -9.31
N LEU C 511 -22.46 -24.62 -8.65
CA LEU C 511 -21.32 -25.50 -8.53
C LEU C 511 -21.72 -26.75 -7.77
N ARG C 512 -22.52 -26.60 -6.73
CA ARG C 512 -23.01 -27.74 -5.96
C ARG C 512 -23.85 -28.64 -6.86
N LYS C 513 -24.66 -28.05 -7.72
CA LYS C 513 -25.46 -28.84 -8.66
C LYS C 513 -24.54 -29.62 -9.60
N HIS C 514 -23.48 -28.98 -10.07
CA HIS C 514 -22.52 -29.67 -10.92
C HIS C 514 -21.73 -30.65 -10.08
N GLY C 515 -21.91 -30.59 -8.77
CA GLY C 515 -21.18 -31.46 -7.86
C GLY C 515 -19.73 -31.01 -7.80
N LEU C 516 -19.40 -29.95 -8.52
CA LEU C 516 -18.05 -29.41 -8.44
C LEU C 516 -17.86 -28.76 -7.08
N GLU C 517 -16.73 -29.03 -6.43
CA GLU C 517 -16.50 -28.49 -5.10
C GLU C 517 -15.87 -27.11 -5.13
N VAL C 518 -16.22 -26.26 -4.16
CA VAL C 518 -15.64 -24.94 -4.11
C VAL C 518 -14.98 -24.61 -2.82
N ILE C 519 -13.68 -24.29 -2.88
CA ILE C 519 -12.99 -23.86 -1.67
C ILE C 519 -13.53 -22.49 -1.25
N TYR C 520 -13.92 -22.37 0.00
CA TYR C 520 -14.47 -21.12 0.47
C TYR C 520 -13.39 -20.30 1.11
N MET C 521 -13.17 -19.09 0.62
CA MET C 521 -12.20 -18.21 1.22
C MET C 521 -12.95 -17.08 1.85
N ILE C 522 -12.74 -16.86 3.14
CA ILE C 522 -13.45 -15.81 3.84
C ILE C 522 -12.44 -14.83 4.41
N GLU C 523 -11.15 -15.14 4.23
CA GLU C 523 -10.12 -14.26 4.76
C GLU C 523 -10.12 -12.92 4.05
N PRO C 524 -9.93 -11.84 4.83
CA PRO C 524 -9.82 -10.54 4.17
C PRO C 524 -8.54 -10.43 3.37
N ILE C 525 -7.42 -10.67 4.01
CA ILE C 525 -6.19 -10.48 3.31
C ILE C 525 -6.10 -11.46 2.19
N ASP C 526 -7.14 -12.26 2.02
CA ASP C 526 -7.07 -13.29 1.00
C ASP C 526 -6.91 -12.73 -0.40
N GLU C 527 -7.49 -11.57 -0.66
CA GLU C 527 -7.44 -11.05 -2.02
C GLU C 527 -6.04 -10.82 -2.50
N TYR C 528 -5.18 -10.27 -1.65
CA TYR C 528 -3.81 -9.96 -2.04
C TYR C 528 -3.09 -11.17 -2.58
N CYS C 529 -2.99 -12.20 -1.74
CA CYS C 529 -2.25 -13.38 -2.14
C CYS C 529 -2.85 -14.08 -3.35
N VAL C 530 -4.16 -14.19 -3.41
CA VAL C 530 -4.81 -14.89 -4.52
C VAL C 530 -4.56 -14.23 -5.88
N GLN C 531 -4.52 -12.89 -5.92
CA GLN C 531 -4.21 -12.24 -7.19
C GLN C 531 -2.83 -12.68 -7.63
N GLN C 532 -1.87 -12.67 -6.71
CA GLN C 532 -0.53 -13.17 -7.03
C GLN C 532 -0.49 -14.67 -7.29
N LEU C 533 -1.22 -15.43 -6.48
CA LEU C 533 -1.25 -16.90 -6.63
C LEU C 533 -1.92 -17.29 -7.92
N LYS C 534 -1.47 -18.38 -8.52
CA LYS C 534 -2.03 -18.79 -9.80
C LYS C 534 -2.11 -20.28 -9.98
N GLU C 535 -2.13 -20.73 -11.23
CA GLU C 535 -2.16 -22.14 -11.56
C GLU C 535 -1.31 -22.94 -10.65
N PHE C 536 -1.97 -23.68 -9.78
CA PHE C 536 -1.23 -24.43 -8.82
C PHE C 536 -1.24 -25.81 -9.37
N GLU C 537 -0.08 -26.42 -9.41
CA GLU C 537 0.01 -27.76 -9.94
C GLU C 537 -0.48 -27.84 -11.35
N GLY C 538 -0.08 -26.91 -12.20
CA GLY C 538 -0.42 -27.07 -13.61
C GLY C 538 -1.90 -26.92 -13.90
N LYS C 539 -2.67 -26.43 -12.93
CA LYS C 539 -4.09 -26.18 -13.12
C LYS C 539 -4.43 -24.90 -12.40
N THR C 540 -5.34 -24.13 -12.98
CA THR C 540 -5.49 -22.73 -12.63
C THR C 540 -6.67 -22.46 -11.71
N LEU C 541 -6.50 -21.46 -10.87
CA LEU C 541 -7.58 -21.02 -9.99
C LEU C 541 -8.68 -20.35 -10.79
N VAL C 542 -9.90 -20.47 -10.30
CA VAL C 542 -11.05 -19.80 -10.89
C VAL C 542 -12.00 -19.42 -9.77
N SER C 543 -12.19 -18.13 -9.56
CA SER C 543 -13.24 -17.71 -8.65
C SER C 543 -14.52 -17.60 -9.45
N VAL C 544 -15.54 -18.36 -9.05
CA VAL C 544 -16.75 -18.44 -9.87
C VAL C 544 -17.41 -17.07 -9.99
N THR C 545 -17.12 -16.18 -9.07
CA THR C 545 -17.68 -14.85 -9.22
C THR C 545 -17.18 -14.14 -10.44
N LYS C 546 -16.20 -14.65 -11.19
CA LYS C 546 -15.79 -14.00 -12.42
C LYS C 546 -16.92 -13.99 -13.43
N GLU C 547 -16.82 -13.13 -14.43
CA GLU C 547 -17.85 -13.03 -15.48
C GLU C 547 -17.95 -14.27 -16.34
N GLY C 548 -16.81 -14.83 -16.74
CA GLY C 548 -16.87 -15.95 -17.65
C GLY C 548 -17.54 -17.18 -17.08
N LEU C 549 -16.90 -17.81 -16.11
CA LEU C 549 -17.42 -19.01 -15.47
C LEU C 549 -17.84 -20.05 -16.51
N GLU C 550 -16.93 -20.34 -17.42
CA GLU C 550 -17.24 -21.26 -18.50
C GLU C 550 -17.34 -22.67 -17.96
N LEU C 551 -18.51 -23.28 -18.10
CA LEU C 551 -18.74 -24.61 -17.58
C LEU C 551 -19.13 -25.57 -18.70
N PRO C 552 -18.38 -26.63 -18.89
CA PRO C 552 -18.72 -27.56 -19.97
C PRO C 552 -19.95 -28.38 -19.62
N GLU C 553 -21.07 -28.07 -20.27
CA GLU C 553 -22.29 -28.83 -20.04
C GLU C 553 -22.52 -29.82 -21.15
N ASP C 554 -23.69 -30.46 -21.16
CA ASP C 554 -24.01 -31.40 -22.22
C ASP C 554 -24.26 -30.61 -23.51
N GLU C 555 -24.06 -31.24 -24.66
CA GLU C 555 -24.32 -30.58 -25.91
C GLU C 555 -25.78 -30.18 -25.99
N GLU C 556 -26.66 -31.08 -25.55
CA GLU C 556 -28.08 -30.76 -25.52
C GLU C 556 -28.36 -29.62 -24.57
N GLU C 557 -27.70 -29.63 -23.41
CA GLU C 557 -27.87 -28.54 -22.45
C GLU C 557 -27.41 -27.24 -23.06
N LYS C 558 -26.15 -27.17 -23.49
CA LYS C 558 -25.67 -25.97 -24.14
C LYS C 558 -26.65 -25.37 -25.13
N LYS C 559 -27.26 -26.19 -25.99
CA LYS C 559 -28.13 -25.65 -27.04
C LYS C 559 -29.47 -25.17 -26.50
N LYS C 560 -30.10 -25.94 -25.60
CA LYS C 560 -31.37 -25.46 -25.08
C LYS C 560 -31.17 -24.22 -24.24
N GLN C 561 -30.03 -24.12 -23.55
CA GLN C 561 -29.73 -22.88 -22.82
C GLN C 561 -29.54 -21.78 -23.85
N GLU C 562 -28.89 -22.09 -24.97
CA GLU C 562 -28.72 -21.11 -26.05
C GLU C 562 -30.06 -20.72 -26.64
N GLU C 563 -30.97 -21.68 -26.76
CA GLU C 563 -32.31 -21.39 -27.28
C GLU C 563 -33.00 -20.43 -26.34
N LYS C 564 -32.79 -20.60 -25.05
CA LYS C 564 -33.37 -19.67 -24.09
C LYS C 564 -32.80 -18.28 -24.36
N LYS C 565 -31.50 -18.20 -24.61
CA LYS C 565 -30.88 -16.91 -24.92
C LYS C 565 -31.47 -16.34 -26.20
N THR C 566 -31.73 -17.20 -27.18
CA THR C 566 -32.28 -16.76 -28.44
C THR C 566 -33.67 -16.12 -28.28
N LYS C 567 -34.43 -16.57 -27.28
CA LYS C 567 -35.75 -15.98 -27.02
C LYS C 567 -35.80 -14.96 -25.88
N PHE C 568 -34.76 -14.90 -25.04
CA PHE C 568 -34.78 -14.02 -23.89
C PHE C 568 -33.85 -12.83 -24.05
N GLU C 569 -33.06 -12.79 -25.12
CA GLU C 569 -32.21 -11.62 -25.34
C GLU C 569 -33.08 -10.41 -25.63
N ASN C 570 -34.23 -10.63 -26.25
CA ASN C 570 -35.16 -9.53 -26.43
C ASN C 570 -35.69 -9.08 -25.08
N LEU C 571 -35.78 -10.00 -24.13
CA LEU C 571 -36.10 -9.55 -22.77
C LEU C 571 -34.95 -8.76 -22.19
N CYS C 572 -33.71 -9.21 -22.44
CA CYS C 572 -32.57 -8.43 -21.99
C CYS C 572 -32.66 -7.01 -22.49
N LYS C 573 -32.89 -6.86 -23.79
CA LYS C 573 -33.38 -5.61 -24.34
C LYS C 573 -34.45 -4.95 -23.48
N ILE C 574 -35.55 -5.67 -23.25
CA ILE C 574 -36.73 -5.06 -22.66
C ILE C 574 -36.37 -4.41 -21.34
N MET C 575 -35.68 -5.20 -20.52
CA MET C 575 -35.23 -4.70 -19.24
C MET C 575 -34.23 -3.61 -19.48
N LYS C 576 -33.25 -3.81 -20.36
CA LYS C 576 -32.21 -2.79 -20.57
C LYS C 576 -32.85 -1.44 -20.79
N ASP C 577 -33.96 -1.40 -21.53
CA ASP C 577 -34.70 -0.17 -21.78
C ASP C 577 -35.08 0.48 -20.47
N ILE C 578 -35.10 -0.29 -19.39
CA ILE C 578 -35.18 0.28 -18.06
C ILE C 578 -33.84 0.21 -17.35
N LEU C 579 -33.07 -0.84 -17.58
CA LEU C 579 -31.80 -0.99 -16.88
C LEU C 579 -30.71 -0.14 -17.52
N GLU C 580 -31.01 1.12 -17.71
CA GLU C 580 -29.99 2.02 -18.21
C GLU C 580 -28.95 2.29 -17.14
N LYS C 581 -27.82 2.84 -17.56
CA LYS C 581 -26.83 3.56 -16.79
C LYS C 581 -26.16 2.70 -15.71
N LYS C 582 -26.49 1.42 -15.65
CA LYS C 582 -25.95 0.56 -14.59
C LYS C 582 -25.23 -0.65 -15.14
N VAL C 583 -25.89 -1.43 -15.98
CA VAL C 583 -25.29 -2.67 -16.47
C VAL C 583 -24.98 -2.61 -17.97
N GLU C 584 -23.73 -2.86 -18.33
CA GLU C 584 -23.36 -2.85 -19.75
C GLU C 584 -24.02 -3.96 -20.56
N LYS C 585 -24.03 -5.18 -20.02
CA LYS C 585 -24.64 -6.31 -20.72
C LYS C 585 -25.43 -7.22 -19.81
N VAL C 586 -26.65 -7.57 -20.21
CA VAL C 586 -27.44 -8.51 -19.42
C VAL C 586 -27.71 -9.73 -20.28
N VAL C 587 -27.42 -10.93 -19.75
CA VAL C 587 -27.59 -12.15 -20.53
C VAL C 587 -28.12 -13.30 -19.68
N VAL C 588 -28.66 -14.33 -20.33
CA VAL C 588 -29.09 -15.51 -19.57
C VAL C 588 -27.86 -16.17 -18.96
N SER C 589 -28.04 -16.90 -17.87
CA SER C 589 -26.88 -17.47 -17.20
C SER C 589 -26.98 -18.95 -16.98
N ASN C 590 -25.84 -19.60 -16.95
CA ASN C 590 -25.84 -21.01 -16.67
C ASN C 590 -25.46 -21.17 -15.22
N ARG C 591 -25.47 -20.08 -14.46
CA ARG C 591 -25.01 -20.17 -13.07
C ARG C 591 -26.09 -19.98 -12.02
N LEU C 592 -27.32 -19.73 -12.45
CA LEU C 592 -28.36 -19.47 -11.46
C LEU C 592 -29.42 -20.55 -11.44
N VAL C 593 -29.58 -21.20 -10.30
CA VAL C 593 -30.62 -22.21 -10.18
C VAL C 593 -31.65 -21.82 -9.14
N THR C 594 -31.19 -21.43 -7.96
CA THR C 594 -32.11 -21.08 -6.88
C THR C 594 -32.48 -19.61 -6.81
N SER C 595 -31.86 -18.79 -7.65
CA SER C 595 -32.10 -17.36 -7.58
C SER C 595 -32.55 -16.76 -8.93
N PRO C 596 -33.70 -16.03 -8.99
CA PRO C 596 -34.09 -15.54 -10.32
C PRO C 596 -33.03 -14.70 -10.98
N CYS C 597 -32.33 -13.89 -10.18
CA CYS C 597 -31.35 -12.98 -10.75
C CYS C 597 -30.23 -12.70 -9.80
N CYS C 598 -29.10 -12.28 -10.33
CA CYS C 598 -27.92 -11.99 -9.54
C CYS C 598 -26.96 -11.17 -10.39
N ILE C 599 -25.90 -10.68 -9.77
CA ILE C 599 -24.90 -9.86 -10.44
C ILE C 599 -23.58 -10.63 -10.47
N VAL C 600 -22.80 -10.43 -11.52
CA VAL C 600 -21.49 -11.04 -11.65
C VAL C 600 -20.49 -9.99 -12.14
N THR C 601 -19.35 -9.89 -11.47
CA THR C 601 -18.34 -8.93 -11.88
C THR C 601 -17.78 -9.31 -13.24
N SER C 602 -17.30 -8.30 -13.95
CA SER C 602 -16.82 -8.49 -15.31
C SER C 602 -15.52 -9.31 -15.31
N THR C 603 -14.96 -9.50 -16.51
CA THR C 603 -13.74 -10.31 -16.64
C THR C 603 -12.57 -9.73 -15.86
N TYR C 604 -12.55 -8.42 -15.66
CA TYR C 604 -11.47 -7.80 -14.92
C TYR C 604 -12.04 -6.95 -13.80
N GLY C 605 -11.22 -6.10 -13.22
CA GLY C 605 -11.66 -5.20 -12.20
C GLY C 605 -11.47 -5.80 -10.83
N TRP C 606 -12.33 -5.37 -9.91
CA TRP C 606 -12.20 -5.71 -8.50
C TRP C 606 -13.53 -6.28 -8.06
N THR C 607 -13.52 -7.47 -7.45
CA THR C 607 -14.75 -8.08 -6.97
C THR C 607 -15.38 -7.20 -5.91
N ALA C 608 -16.69 -7.31 -5.71
CA ALA C 608 -17.37 -6.45 -4.72
C ALA C 608 -16.51 -6.33 -3.47
N ASN C 609 -15.98 -7.48 -3.01
CA ASN C 609 -15.19 -7.52 -1.75
C ASN C 609 -13.72 -7.16 -2.04
N MET C 610 -13.20 -7.55 -3.20
CA MET C 610 -11.83 -7.10 -3.55
C MET C 610 -11.85 -5.58 -3.62
N GLU C 611 -12.81 -5.02 -4.38
CA GLU C 611 -12.95 -3.55 -4.46
C GLU C 611 -13.18 -3.02 -3.04
N ARG C 612 -14.00 -3.69 -2.27
CA ARG C 612 -14.27 -3.21 -0.95
C ARG C 612 -12.96 -3.01 -0.21
N ILE C 613 -12.16 -4.05 -0.09
CA ILE C 613 -10.93 -3.92 0.70
C ILE C 613 -9.96 -2.93 0.10
N MET C 614 -9.87 -2.88 -1.22
CA MET C 614 -9.02 -1.85 -1.87
C MET C 614 -9.55 -0.49 -1.43
N LYS C 615 -10.88 -0.33 -1.45
CA LYS C 615 -11.46 0.90 -0.99
C LYS C 615 -11.29 1.04 0.48
N ALA C 616 -11.46 -0.05 1.19
CA ALA C 616 -11.39 0.01 2.62
C ALA C 616 -10.03 0.40 3.11
N GLN C 617 -8.99 -0.12 2.47
CA GLN C 617 -7.66 0.13 3.00
C GLN C 617 -7.48 1.61 3.07
N ALA C 618 -7.02 2.07 4.21
CA ALA C 618 -6.88 3.50 4.39
C ALA C 618 -5.65 3.99 3.72
N LEU C 619 -5.48 5.29 3.70
CA LEU C 619 -4.32 5.89 3.07
C LEU C 619 -4.30 5.47 1.64
N ARG C 620 -5.46 5.38 1.02
CA ARG C 620 -5.49 4.86 -0.35
C ARG C 620 -6.17 5.79 -1.34
N ASP C 621 -6.98 6.71 -0.83
CA ASP C 621 -7.73 7.63 -1.70
C ASP C 621 -6.89 8.36 -2.72
N ASN C 622 -7.15 8.12 -4.00
CA ASN C 622 -6.38 8.76 -5.06
C ASN C 622 -7.35 9.29 -6.09
N SER C 623 -6.90 10.20 -6.95
CA SER C 623 -7.76 10.68 -8.02
C SER C 623 -8.10 9.49 -8.89
N THR C 624 -7.10 8.64 -9.14
CA THR C 624 -7.36 7.42 -9.90
C THR C 624 -8.32 6.51 -9.15
N MET C 625 -8.17 6.42 -7.82
CA MET C 625 -9.05 5.58 -7.01
C MET C 625 -10.51 5.99 -7.05
N GLY C 626 -10.79 7.29 -7.10
CA GLY C 626 -12.19 7.73 -7.03
C GLY C 626 -13.01 7.15 -8.15
N TYR C 627 -12.50 7.14 -9.37
CA TYR C 627 -13.22 6.46 -10.44
C TYR C 627 -12.31 5.34 -10.89
N MET C 628 -12.68 4.09 -10.62
CA MET C 628 -11.78 2.99 -10.94
C MET C 628 -12.45 1.62 -10.98
N ALA C 629 -11.85 0.70 -11.73
CA ALA C 629 -12.35 -0.68 -11.79
C ALA C 629 -13.84 -0.71 -11.97
N ALA C 630 -14.33 -0.02 -12.98
CA ALA C 630 -15.77 0.04 -13.24
C ALA C 630 -16.15 -1.12 -14.13
N LYS C 631 -16.65 -2.21 -13.53
CA LYS C 631 -16.92 -3.43 -14.28
C LYS C 631 -18.07 -4.16 -13.59
N LYS C 632 -19.29 -3.95 -14.08
CA LYS C 632 -20.48 -4.49 -13.43
C LYS C 632 -21.54 -4.86 -14.45
N HIS C 633 -22.22 -5.98 -14.18
CA HIS C 633 -23.34 -6.46 -14.99
C HIS C 633 -23.94 -7.67 -14.28
N LEU C 634 -25.22 -7.93 -14.56
CA LEU C 634 -25.97 -8.97 -13.89
C LEU C 634 -26.48 -9.98 -14.89
N GLU C 635 -27.25 -10.94 -14.37
CA GLU C 635 -27.85 -11.99 -15.17
C GLU C 635 -29.19 -12.35 -14.55
N ILE C 636 -29.76 -13.45 -15.00
CA ILE C 636 -31.11 -13.87 -14.67
C ILE C 636 -31.10 -15.35 -14.34
N ASN C 637 -32.30 -15.88 -14.09
CA ASN C 637 -32.51 -17.32 -14.03
C ASN C 637 -33.63 -17.66 -15.01
N PRO C 638 -33.30 -17.90 -16.27
CA PRO C 638 -34.35 -18.13 -17.28
C PRO C 638 -35.39 -19.14 -16.84
N ASP C 639 -34.98 -20.15 -16.10
CA ASP C 639 -35.95 -21.11 -15.58
C ASP C 639 -36.43 -20.73 -14.19
N HIS C 640 -36.29 -19.47 -13.78
CA HIS C 640 -36.95 -19.06 -12.56
C HIS C 640 -38.34 -18.54 -12.84
N SER C 641 -39.29 -18.92 -12.00
CA SER C 641 -40.69 -18.48 -12.15
C SER C 641 -40.78 -16.97 -12.37
N ILE C 642 -40.41 -16.19 -11.37
CA ILE C 642 -40.41 -14.74 -11.49
C ILE C 642 -39.80 -14.33 -12.82
N ILE C 643 -38.70 -14.95 -13.21
CA ILE C 643 -38.02 -14.56 -14.43
C ILE C 643 -38.97 -14.65 -15.61
N GLU C 644 -39.60 -15.81 -15.81
CA GLU C 644 -40.51 -15.96 -16.94
C GLU C 644 -41.68 -15.00 -16.80
N THR C 645 -42.15 -14.76 -15.59
CA THR C 645 -43.23 -13.79 -15.41
C THR C 645 -42.80 -12.44 -15.93
N LEU C 646 -41.59 -12.01 -15.58
CA LEU C 646 -41.04 -10.79 -16.13
C LEU C 646 -41.01 -10.84 -17.65
N ARG C 647 -40.61 -11.98 -18.19
CA ARG C 647 -40.69 -12.19 -19.63
C ARG C 647 -42.11 -11.94 -20.12
N GLN C 648 -43.08 -12.56 -19.47
CA GLN C 648 -44.46 -12.36 -19.87
C GLN C 648 -44.94 -10.96 -19.58
N LYS C 649 -45.87 -10.45 -20.40
CA LYS C 649 -46.40 -9.09 -20.24
C LYS C 649 -45.41 -8.02 -20.65
N ALA C 650 -44.12 -8.31 -20.56
CA ALA C 650 -43.12 -7.36 -21.04
C ALA C 650 -43.28 -7.22 -22.53
N GLU C 651 -43.56 -8.33 -23.21
CA GLU C 651 -43.80 -8.27 -24.64
C GLU C 651 -45.05 -7.46 -24.94
N ALA C 652 -46.11 -7.65 -24.14
CA ALA C 652 -47.35 -6.92 -24.35
C ALA C 652 -47.20 -5.41 -24.16
N ASP C 653 -46.49 -5.00 -23.11
CA ASP C 653 -46.28 -3.58 -22.87
C ASP C 653 -44.79 -3.27 -22.80
N LYS C 654 -44.34 -2.36 -23.65
CA LYS C 654 -42.91 -2.03 -23.67
C LYS C 654 -42.58 -1.09 -22.53
N ASN C 655 -43.58 -0.35 -22.04
CA ASN C 655 -43.34 0.58 -20.95
C ASN C 655 -44.45 0.45 -19.92
N ASP C 656 -44.07 0.20 -18.67
CA ASP C 656 -45.04 0.09 -17.60
C ASP C 656 -44.30 0.38 -16.33
N LYS C 657 -44.91 1.14 -15.44
CA LYS C 657 -44.20 1.51 -14.25
C LYS C 657 -43.89 0.31 -13.43
N SER C 658 -44.82 -0.63 -13.34
CA SER C 658 -44.60 -1.77 -12.49
C SER C 658 -43.42 -2.50 -13.02
N VAL C 659 -43.37 -2.67 -14.32
CA VAL C 659 -42.27 -3.47 -14.82
C VAL C 659 -41.00 -2.74 -14.48
N LYS C 660 -41.04 -1.42 -14.60
CA LYS C 660 -39.88 -0.65 -14.29
C LYS C 660 -39.55 -0.82 -12.85
N ASP C 661 -40.50 -0.59 -11.95
CA ASP C 661 -40.16 -0.56 -10.55
C ASP C 661 -39.75 -1.93 -10.11
N LEU C 662 -40.36 -2.93 -10.69
CA LEU C 662 -39.94 -4.29 -10.38
C LEU C 662 -38.45 -4.46 -10.66
N VAL C 663 -38.05 -4.28 -11.91
CA VAL C 663 -36.63 -4.50 -12.21
C VAL C 663 -35.77 -3.56 -11.39
N ILE C 664 -36.29 -2.40 -11.02
CA ILE C 664 -35.57 -1.54 -10.08
C ILE C 664 -35.20 -2.36 -8.86
N LEU C 665 -36.23 -2.81 -8.14
CA LEU C 665 -35.97 -3.51 -6.90
C LEU C 665 -35.17 -4.76 -7.13
N LEU C 666 -35.41 -5.40 -8.26
CA LEU C 666 -34.73 -6.66 -8.56
C LEU C 666 -33.24 -6.41 -8.62
N TYR C 667 -32.81 -5.66 -9.63
CA TYR C 667 -31.40 -5.32 -9.73
C TYR C 667 -30.87 -4.79 -8.42
N GLU C 668 -31.68 -4.02 -7.70
CA GLU C 668 -31.22 -3.47 -6.43
C GLU C 668 -30.81 -4.58 -5.48
N THR C 669 -31.73 -5.49 -5.16
CA THR C 669 -31.40 -6.60 -4.28
C THR C 669 -30.28 -7.44 -4.84
N ALA C 670 -30.21 -7.61 -6.16
CA ALA C 670 -29.09 -8.33 -6.73
C ALA C 670 -27.78 -7.67 -6.36
N LEU C 671 -27.79 -6.34 -6.24
CA LEU C 671 -26.60 -5.65 -5.78
C LEU C 671 -26.42 -5.78 -4.28
N LEU C 672 -27.51 -5.95 -3.54
CA LEU C 672 -27.38 -6.25 -2.13
C LEU C 672 -26.64 -7.57 -1.95
N SER C 673 -27.11 -8.60 -2.62
CA SER C 673 -26.28 -9.78 -2.80
C SER C 673 -25.15 -9.42 -3.72
N SER C 674 -24.33 -10.38 -4.09
CA SER C 674 -23.14 -10.11 -4.90
C SER C 674 -22.24 -9.07 -4.25
N GLY C 675 -22.49 -8.74 -2.99
CA GLY C 675 -21.57 -7.97 -2.17
C GLY C 675 -21.71 -6.47 -2.13
N PHE C 676 -21.80 -5.84 -3.29
CA PHE C 676 -21.67 -4.39 -3.38
C PHE C 676 -22.53 -3.70 -2.36
N SER C 677 -21.89 -2.88 -1.53
CA SER C 677 -22.63 -2.04 -0.62
C SER C 677 -23.65 -1.23 -1.40
N LEU C 678 -24.81 -1.01 -0.80
CA LEU C 678 -25.91 -0.43 -1.56
C LEU C 678 -25.56 0.99 -1.98
N GLU C 679 -25.81 1.27 -3.25
CA GLU C 679 -25.35 2.51 -3.83
C GLU C 679 -26.07 3.70 -3.21
N ASP C 680 -27.26 3.47 -2.67
CA ASP C 680 -28.05 4.53 -2.07
C ASP C 680 -29.14 3.94 -1.19
N PRO C 681 -28.76 3.39 -0.05
CA PRO C 681 -29.72 2.68 0.80
C PRO C 681 -31.03 3.41 1.02
N GLN C 682 -30.93 4.65 1.51
CA GLN C 682 -32.10 5.47 1.79
C GLN C 682 -33.20 5.25 0.76
N THR C 683 -32.83 5.26 -0.51
CA THR C 683 -33.78 5.08 -1.58
C THR C 683 -34.45 3.72 -1.49
N HIS C 684 -33.65 2.68 -1.29
CA HIS C 684 -34.21 1.34 -1.16
C HIS C 684 -35.18 1.31 -0.01
N ALA C 685 -34.78 1.87 1.12
CA ALA C 685 -35.66 1.96 2.27
C ALA C 685 -36.95 2.64 1.89
N ASN C 686 -36.87 3.67 1.06
CA ASN C 686 -38.07 4.37 0.63
C ASN C 686 -38.99 3.43 -0.13
N ARG C 687 -38.44 2.75 -1.13
CA ARG C 687 -39.24 1.82 -1.90
C ARG C 687 -39.88 0.81 -0.97
N ILE C 688 -39.11 0.22 -0.06
CA ILE C 688 -39.63 -0.78 0.85
C ILE C 688 -40.70 -0.19 1.74
N TYR C 689 -40.49 1.04 2.18
CA TYR C 689 -41.50 1.72 2.99
C TYR C 689 -42.80 1.84 2.22
N ARG C 690 -42.70 2.11 0.92
CA ARG C 690 -43.87 2.10 0.07
C ARG C 690 -44.55 0.74 0.09
N MET C 691 -43.76 -0.32 -0.04
CA MET C 691 -44.32 -1.66 0.05
C MET C 691 -44.98 -1.90 1.41
N ILE C 692 -44.43 -1.31 2.46
CA ILE C 692 -45.02 -1.51 3.78
C ILE C 692 -46.34 -0.80 3.87
N LYS C 693 -46.37 0.49 3.54
CA LYS C 693 -47.61 1.24 3.50
C LYS C 693 -48.66 0.48 2.73
N LEU C 694 -48.26 -0.15 1.62
CA LEU C 694 -49.13 -1.09 0.94
C LEU C 694 -49.63 -2.16 1.90
N GLY C 695 -48.70 -2.83 2.57
CA GLY C 695 -49.04 -3.88 3.52
C GLY C 695 -50.02 -3.41 4.58
N LEU C 696 -50.09 -2.11 4.80
CA LEU C 696 -51.03 -1.52 5.73
C LEU C 696 -52.40 -1.28 5.12
N GLY C 697 -52.65 -1.82 3.94
CA GLY C 697 -53.87 -1.43 3.24
C GLY C 697 -53.89 0.04 2.90
N ILE C 698 -52.72 0.64 2.70
CA ILE C 698 -52.65 2.05 2.36
C ILE C 698 -51.90 2.23 1.05
N TYR D 47 7.06 19.25 -43.66
CA TYR D 47 6.55 19.82 -42.43
C TYR D 47 7.64 20.61 -41.70
N LEU D 48 7.31 21.83 -41.28
CA LEU D 48 8.25 22.63 -40.52
C LEU D 48 8.16 22.25 -39.04
N ILE D 49 9.30 22.21 -38.38
CA ILE D 49 9.39 21.74 -37.00
C ILE D 49 9.49 22.96 -36.07
N GLY D 50 8.76 22.90 -34.97
CA GLY D 50 8.65 24.01 -34.05
C GLY D 50 9.80 24.07 -33.06
N GLN D 51 9.64 24.94 -32.05
CA GLN D 51 10.70 25.21 -31.09
C GLN D 51 11.09 23.95 -30.35
N SER D 52 12.39 23.79 -30.13
CA SER D 52 12.95 22.57 -29.52
C SER D 52 13.02 22.75 -28.00
N ILE D 53 11.87 22.55 -27.35
CA ILE D 53 11.79 22.49 -25.90
C ILE D 53 11.33 21.08 -25.52
N GLY D 54 11.81 20.60 -24.37
CA GLY D 54 11.62 19.20 -24.03
C GLY D 54 10.73 18.93 -22.84
N LYS D 55 9.66 18.16 -23.06
CA LYS D 55 8.82 17.63 -21.99
C LYS D 55 8.83 16.11 -22.15
N GLY D 56 9.84 15.48 -21.56
CA GLY D 56 10.02 14.04 -21.65
C GLY D 56 11.46 13.70 -21.94
N CYS D 57 11.84 12.45 -21.62
CA CYS D 57 13.23 12.01 -21.80
C CYS D 57 13.67 12.19 -23.25
N SER D 58 13.04 11.46 -24.17
CA SER D 58 13.21 11.68 -25.60
C SER D 58 12.04 12.47 -26.18
N ALA D 59 11.14 12.95 -25.33
CA ALA D 59 9.93 13.64 -25.75
C ALA D 59 10.16 15.14 -25.71
N ALA D 60 9.89 15.81 -26.83
CA ALA D 60 10.01 17.26 -26.93
C ALA D 60 8.85 17.78 -27.75
N VAL D 61 7.97 18.55 -27.11
CA VAL D 61 6.74 19.03 -27.73
C VAL D 61 7.04 20.32 -28.47
N TYR D 62 6.91 20.29 -29.80
CA TYR D 62 7.10 21.45 -30.65
C TYR D 62 5.83 21.72 -31.44
N GLU D 63 5.58 23.00 -31.74
CA GLU D 63 4.38 23.44 -32.44
C GLU D 63 4.74 23.75 -33.89
N ALA D 64 4.25 22.92 -34.80
CA ALA D 64 4.51 23.10 -36.23
C ALA D 64 3.61 24.19 -36.79
N THR D 65 4.16 24.99 -37.70
CA THR D 65 3.42 26.08 -38.32
C THR D 65 2.31 25.55 -39.20
N PRO D 106 -1.58 27.11 -33.05
CA PRO D 106 -1.69 26.28 -34.26
C PRO D 106 -1.48 24.79 -33.97
N LEU D 107 -1.20 24.02 -35.01
CA LEU D 107 -1.00 22.59 -34.87
C LEU D 107 0.25 22.30 -34.03
N ALA D 108 0.39 21.03 -33.63
CA ALA D 108 1.55 20.63 -32.84
C ALA D 108 1.74 19.13 -32.94
N ILE D 109 2.97 18.69 -32.67
CA ILE D 109 3.33 17.28 -32.68
C ILE D 109 4.59 17.10 -31.85
N LYS D 110 4.70 15.96 -31.18
CA LYS D 110 5.88 15.58 -30.41
C LYS D 110 6.31 14.19 -30.86
N MET D 111 7.62 13.96 -30.89
CA MET D 111 8.19 12.72 -31.41
C MET D 111 9.19 12.16 -30.40
N MET D 112 8.71 11.31 -29.49
CA MET D 112 9.55 10.64 -28.50
C MET D 112 10.11 9.35 -29.11
N TRP D 113 11.43 9.25 -29.17
CA TRP D 113 12.08 8.21 -29.95
C TRP D 113 12.38 6.98 -29.09
N ASN D 114 12.31 5.81 -29.73
CA ASN D 114 12.68 4.54 -29.15
C ASN D 114 13.97 4.06 -29.80
N ILE D 115 15.06 4.11 -29.05
CA ILE D 115 16.30 3.45 -29.46
C ILE D 115 16.06 1.96 -29.42
N SER D 116 16.47 1.25 -30.48
CA SER D 116 16.14 -0.15 -30.61
C SER D 116 17.03 -1.06 -29.78
N ALA D 117 18.03 -0.53 -29.09
CA ALA D 117 18.94 -1.34 -28.30
C ALA D 117 18.97 -0.94 -26.83
N GLY D 118 17.99 -0.17 -26.37
CA GLY D 118 18.01 0.32 -25.00
C GLY D 118 17.41 -0.64 -24.01
N SER D 119 17.47 -0.24 -22.73
CA SER D 119 16.86 -1.03 -21.66
C SER D 119 15.34 -0.94 -21.72
N SER D 120 14.80 0.27 -21.72
CA SER D 120 13.36 0.50 -21.78
C SER D 120 12.87 0.63 -23.21
N SER D 121 13.59 0.06 -24.18
CA SER D 121 13.19 0.14 -25.58
C SER D 121 11.84 -0.52 -25.80
N GLU D 122 11.60 -1.65 -25.14
CA GLU D 122 10.26 -2.22 -25.13
C GLU D 122 9.26 -1.24 -24.54
N ALA D 123 9.64 -0.57 -23.45
CA ALA D 123 8.74 0.39 -22.83
C ALA D 123 8.41 1.52 -23.79
N ILE D 124 9.42 2.08 -24.47
CA ILE D 124 9.16 3.20 -25.36
C ILE D 124 8.40 2.74 -26.61
N LEU D 125 8.70 1.53 -27.09
CA LEU D 125 7.92 0.98 -28.21
C LEU D 125 6.49 0.64 -27.80
N ASN D 126 6.17 0.69 -26.51
CA ASN D 126 4.82 0.43 -26.01
C ASN D 126 4.16 1.64 -25.41
N THR D 127 4.91 2.52 -24.73
CA THR D 127 4.34 3.79 -24.29
C THR D 127 3.88 4.61 -25.49
N MET D 128 4.53 4.44 -26.63
CA MET D 128 4.02 4.98 -27.89
C MET D 128 2.53 4.68 -28.02
N SER D 129 2.18 3.40 -27.90
CA SER D 129 0.77 3.01 -27.97
C SER D 129 -0.06 3.73 -26.92
N GLN D 130 0.49 3.91 -25.72
CA GLN D 130 -0.22 4.65 -24.68
C GLN D 130 -0.44 6.10 -25.09
N GLU D 131 0.63 6.76 -25.55
CA GLU D 131 0.44 8.08 -26.13
C GLU D 131 -0.38 8.02 -27.41
N LEU D 132 -0.42 6.88 -28.08
CA LEU D 132 -1.26 6.72 -29.26
C LEU D 132 -2.55 6.00 -28.97
N VAL D 133 -2.88 5.79 -27.69
CA VAL D 133 -4.27 5.49 -27.32
C VAL D 133 -5.24 6.46 -27.97
N PRO D 134 -5.08 7.79 -27.88
CA PRO D 134 -6.11 8.68 -28.40
C PRO D 134 -6.05 8.86 -29.91
N ALA D 135 -5.20 8.08 -30.59
CA ALA D 135 -5.05 8.22 -32.03
C ALA D 135 -6.35 7.83 -32.73
N SER D 136 -6.69 8.61 -33.77
CA SER D 136 -7.96 8.43 -34.46
C SER D 136 -7.99 7.12 -35.24
N ARG D 137 -9.12 6.87 -35.90
CA ARG D 137 -9.32 5.59 -36.58
C ARG D 137 -8.30 5.38 -37.69
N VAL D 138 -8.01 6.43 -38.46
CA VAL D 138 -6.89 6.39 -39.41
C VAL D 138 -5.84 7.37 -38.92
N ALA D 139 -4.91 6.90 -38.10
CA ALA D 139 -3.90 7.79 -37.54
C ALA D 139 -2.50 7.18 -37.46
N LEU D 140 -2.30 5.93 -37.89
CA LEU D 140 -0.98 5.30 -37.86
C LEU D 140 -0.77 4.59 -39.19
N ALA D 141 -0.26 5.32 -40.18
CA ALA D 141 0.16 4.73 -41.44
C ALA D 141 1.68 4.55 -41.37
N GLY D 142 2.10 3.61 -40.51
CA GLY D 142 3.50 3.35 -40.34
C GLY D 142 4.11 2.80 -41.61
N GLU D 143 5.28 3.28 -41.98
CA GLU D 143 5.99 2.73 -43.13
C GLU D 143 6.56 1.36 -42.74
N TYR D 144 6.21 0.33 -43.51
CA TYR D 144 6.27 -1.05 -43.04
C TYR D 144 7.20 -1.94 -43.86
N GLY D 145 8.35 -1.43 -44.32
CA GLY D 145 9.27 -2.28 -45.06
C GLY D 145 10.03 -3.28 -44.20
N ALA D 146 10.96 -2.78 -43.41
CA ALA D 146 11.58 -3.57 -42.36
C ALA D 146 11.19 -3.08 -40.98
N VAL D 147 11.00 -1.77 -40.83
CA VAL D 147 10.14 -1.30 -39.76
C VAL D 147 8.83 -2.06 -39.86
N THR D 148 8.42 -2.65 -38.77
CA THR D 148 7.45 -3.72 -38.86
C THR D 148 6.04 -3.17 -39.14
N TYR D 149 5.28 -3.91 -39.94
CA TYR D 149 3.85 -3.67 -40.12
C TYR D 149 3.13 -3.60 -38.79
N ARG D 150 3.50 -4.50 -37.88
CA ARG D 150 2.85 -4.58 -36.58
C ARG D 150 3.29 -3.44 -35.66
N LYS D 151 4.42 -2.79 -35.97
CA LYS D 151 4.88 -1.65 -35.18
C LYS D 151 3.79 -0.60 -35.01
N SER D 152 2.87 -0.52 -35.97
CA SER D 152 1.72 0.36 -35.87
C SER D 152 0.45 -0.36 -36.31
N LYS D 153 0.35 -1.65 -36.00
CA LYS D 153 -0.89 -2.40 -36.14
C LYS D 153 -1.67 -2.48 -34.83
N ARG D 154 -1.02 -2.87 -33.75
CA ARG D 154 -1.61 -2.77 -32.43
C ARG D 154 -1.34 -1.42 -31.76
N GLY D 155 -0.74 -0.49 -32.49
CA GLY D 155 -0.61 0.88 -32.07
C GLY D 155 -1.92 1.52 -31.65
N PRO D 156 -2.99 1.29 -32.41
CA PRO D 156 -4.32 1.72 -31.95
C PRO D 156 -4.71 1.07 -30.64
N LYS D 157 -5.59 1.75 -29.90
CA LYS D 157 -5.87 1.47 -28.50
C LYS D 157 -6.91 0.35 -28.34
N GLN D 158 -7.10 -0.05 -27.09
CA GLN D 158 -8.21 -0.90 -26.67
C GLN D 158 -8.95 -0.36 -25.45
N LEU D 159 -8.26 0.26 -24.50
CA LEU D 159 -8.88 0.69 -23.26
C LEU D 159 -8.41 2.09 -22.90
N ALA D 160 -9.00 2.65 -21.84
CA ALA D 160 -8.76 4.03 -21.41
C ALA D 160 -8.23 4.06 -19.98
N PRO D 161 -6.95 3.77 -19.77
CA PRO D 161 -6.41 3.77 -18.40
C PRO D 161 -5.67 5.03 -17.98
N HIS D 162 -5.38 5.95 -18.92
CA HIS D 162 -4.72 7.22 -18.65
C HIS D 162 -3.36 7.05 -17.98
N PRO D 163 -2.33 6.53 -18.68
CA PRO D 163 -1.00 6.44 -18.07
C PRO D 163 -0.36 7.79 -17.82
N ASN D 164 -0.18 8.57 -18.88
CA ASN D 164 0.34 9.93 -18.75
C ASN D 164 -0.65 10.97 -19.27
N ILE D 165 -1.08 10.87 -20.53
CA ILE D 165 -2.02 11.80 -21.14
C ILE D 165 -2.93 11.03 -22.08
N ILE D 166 -3.98 11.72 -22.54
CA ILE D 166 -4.87 11.20 -23.57
C ILE D 166 -5.04 12.31 -24.62
N ARG D 167 -4.15 13.31 -24.59
CA ARG D 167 -4.23 14.44 -25.50
C ARG D 167 -3.29 14.22 -26.71
N VAL D 168 -3.71 13.30 -27.58
CA VAL D 168 -2.98 12.98 -28.81
C VAL D 168 -3.98 12.69 -29.91
N LEU D 169 -3.67 13.13 -31.14
CA LEU D 169 -4.51 12.84 -32.30
C LEU D 169 -3.77 12.04 -33.36
N ARG D 170 -2.65 12.54 -33.87
CA ARG D 170 -1.94 11.95 -35.00
C ARG D 170 -0.47 11.74 -34.64
N ALA D 171 0.24 10.97 -35.46
CA ALA D 171 1.64 10.67 -35.24
C ALA D 171 2.20 10.01 -36.49
N PHE D 172 3.48 9.60 -36.42
CA PHE D 172 4.15 8.87 -37.48
C PHE D 172 5.43 8.24 -36.94
N THR D 173 5.79 7.08 -37.48
CA THR D 173 7.00 6.37 -37.09
C THR D 173 8.19 6.97 -37.85
N SER D 174 8.83 7.97 -37.25
CA SER D 174 9.95 8.66 -37.87
C SER D 174 11.18 8.48 -36.99
N SER D 175 12.19 7.82 -37.55
CA SER D 175 13.42 7.50 -36.85
C SER D 175 14.48 7.24 -37.90
N VAL D 176 15.54 6.53 -37.51
CA VAL D 176 16.49 5.97 -38.47
C VAL D 176 15.67 5.16 -39.47
N PRO D 177 15.48 5.62 -40.71
CA PRO D 177 14.64 4.86 -41.62
C PRO D 177 15.33 3.62 -42.16
N LEU D 178 16.60 3.74 -42.52
CA LEU D 178 17.35 2.62 -43.07
C LEU D 178 18.51 2.26 -42.13
N LEU D 179 18.84 0.96 -42.13
CA LEU D 179 19.86 0.33 -41.30
C LEU D 179 19.93 0.91 -39.89
N PRO D 180 18.90 0.71 -39.06
CA PRO D 180 18.97 1.15 -37.66
C PRO D 180 19.45 0.10 -36.66
N GLY D 181 19.85 -1.09 -37.10
CA GLY D 181 20.41 -2.07 -36.17
C GLY D 181 21.22 -3.17 -36.81
N ALA D 182 22.46 -3.36 -36.34
CA ALA D 182 23.22 -4.53 -36.77
C ALA D 182 22.51 -5.80 -36.35
N LEU D 183 21.73 -5.73 -35.27
CA LEU D 183 20.92 -6.84 -34.83
C LEU D 183 19.65 -6.33 -34.18
N VAL D 184 18.51 -6.80 -34.67
CA VAL D 184 17.26 -6.76 -33.94
C VAL D 184 16.54 -8.07 -34.20
N ASP D 185 16.19 -8.79 -33.15
CA ASP D 185 15.56 -10.09 -33.33
C ASP D 185 14.20 -9.98 -34.02
N TYR D 186 13.66 -8.76 -34.16
CA TYR D 186 12.29 -8.57 -34.60
C TYR D 186 11.40 -9.43 -33.70
N PRO D 187 11.25 -9.06 -32.42
CA PRO D 187 10.78 -10.03 -31.41
C PRO D 187 9.48 -10.75 -31.74
N ASP D 188 8.40 -10.03 -31.99
CA ASP D 188 7.17 -10.59 -32.54
C ASP D 188 6.58 -11.66 -31.61
N VAL D 189 6.13 -11.20 -30.44
CA VAL D 189 5.67 -12.10 -29.39
C VAL D 189 4.46 -11.50 -28.69
N LEU D 190 3.35 -12.25 -28.67
CA LEU D 190 2.11 -11.95 -27.94
C LEU D 190 1.57 -10.56 -28.25
N PRO D 191 0.94 -10.38 -29.41
CA PRO D 191 0.66 -9.02 -29.90
C PRO D 191 -0.55 -8.33 -29.27
N SER D 192 -1.39 -9.05 -28.53
CA SER D 192 -2.65 -8.46 -28.08
C SER D 192 -2.84 -8.48 -26.57
N ARG D 193 -1.77 -8.49 -25.78
CA ARG D 193 -1.93 -8.35 -24.33
C ARG D 193 -1.92 -6.88 -23.92
N LEU D 194 -2.63 -6.56 -22.84
CA LEU D 194 -2.71 -5.21 -22.30
C LEU D 194 -2.12 -5.18 -20.87
N HIS D 195 -2.16 -3.99 -20.25
CA HIS D 195 -1.53 -3.76 -18.95
C HIS D 195 -2.50 -4.09 -17.82
N PRO D 196 -2.01 -4.63 -16.71
CA PRO D 196 -2.86 -4.94 -15.56
C PRO D 196 -2.96 -3.80 -14.56
N GLU D 197 -3.37 -2.62 -15.04
CA GLU D 197 -3.48 -1.42 -14.21
C GLU D 197 -2.18 -1.14 -13.47
N GLY D 198 -1.05 -1.40 -14.12
CA GLY D 198 0.24 -1.23 -13.49
C GLY D 198 0.52 -2.20 -12.35
N LEU D 199 -0.46 -3.02 -11.98
CA LEU D 199 -0.32 -3.96 -10.86
C LEU D 199 0.18 -3.27 -9.61
N GLY D 200 -0.28 -2.05 -9.39
CA GLY D 200 0.02 -1.38 -8.15
C GLY D 200 -1.04 -1.73 -7.12
N HIS D 201 -0.74 -2.73 -6.29
CA HIS D 201 -1.66 -3.09 -5.22
C HIS D 201 -0.92 -3.45 -3.95
N GLY D 202 0.32 -2.98 -3.79
CA GLY D 202 1.09 -3.21 -2.58
C GLY D 202 0.39 -2.67 -1.36
N ARG D 203 0.52 -3.34 -0.22
CA ARG D 203 -0.23 -2.97 0.97
C ARG D 203 0.35 -1.71 1.58
N THR D 204 -0.36 -0.59 1.41
CA THR D 204 0.01 0.64 2.09
C THR D 204 0.06 0.38 3.59
N LEU D 205 1.14 0.85 4.23
CA LEU D 205 1.38 0.53 5.63
C LEU D 205 0.17 0.83 6.50
N PHE D 206 -0.18 -0.11 7.35
CA PHE D 206 -1.33 0.01 8.22
C PHE D 206 -0.94 0.59 9.58
N LEU D 207 -1.92 1.25 10.20
CA LEU D 207 -1.80 1.67 11.59
C LEU D 207 -3.14 1.46 12.26
N VAL D 208 -3.09 1.03 13.52
CA VAL D 208 -4.29 0.80 14.30
C VAL D 208 -4.61 2.03 15.13
N MET D 209 -5.82 2.07 15.68
CA MET D 209 -6.31 3.18 16.48
C MET D 209 -6.58 2.70 17.90
N LYS D 210 -6.60 3.65 18.84
CA LYS D 210 -6.81 3.37 20.25
C LYS D 210 -8.17 3.92 20.66
N ASN D 211 -9.14 3.03 20.81
CA ASN D 211 -10.51 3.46 21.06
C ASN D 211 -10.62 4.10 22.44
N TYR D 212 -10.89 5.40 22.46
CA TYR D 212 -10.93 6.19 23.69
C TYR D 212 -12.22 6.98 23.81
N PRO D 213 -13.35 6.31 23.96
CA PRO D 213 -14.59 7.06 24.19
C PRO D 213 -14.94 7.13 25.66
N CYS D 214 -14.22 6.38 26.48
CA CYS D 214 -14.60 6.15 27.86
C CYS D 214 -13.44 6.43 28.80
N THR D 215 -13.79 6.65 30.07
CA THR D 215 -12.82 6.72 31.14
C THR D 215 -13.33 5.91 32.32
N LEU D 216 -12.67 6.04 33.47
CA LEU D 216 -12.91 5.15 34.59
C LEU D 216 -14.34 5.24 35.11
N ARG D 217 -14.68 6.37 35.72
CA ARG D 217 -15.95 6.49 36.42
C ARG D 217 -17.13 6.22 35.50
N GLN D 218 -16.90 6.33 34.20
CA GLN D 218 -17.94 6.00 33.25
C GLN D 218 -18.10 4.48 33.18
N TYR D 219 -17.04 3.77 32.80
CA TYR D 219 -17.18 2.32 32.61
C TYR D 219 -17.43 1.60 33.92
N LEU D 220 -16.93 2.14 35.03
CA LEU D 220 -17.16 1.51 36.32
C LEU D 220 -18.64 1.34 36.59
N CYS D 221 -19.41 2.42 36.50
CA CYS D 221 -20.85 2.31 36.61
C CYS D 221 -21.44 1.52 35.45
N VAL D 222 -20.78 1.54 34.29
CA VAL D 222 -21.28 0.77 33.15
C VAL D 222 -21.18 -0.71 33.41
N ASN D 223 -19.99 -1.19 33.76
CA ASN D 223 -19.78 -2.59 34.03
C ASN D 223 -18.95 -2.77 35.28
N THR D 224 -19.29 -3.78 36.06
CA THR D 224 -18.52 -4.17 37.23
C THR D 224 -17.79 -5.47 36.91
N PRO D 225 -16.46 -5.45 36.83
CA PRO D 225 -15.72 -6.64 36.45
C PRO D 225 -15.42 -7.55 37.64
N SER D 226 -14.79 -8.68 37.33
CA SER D 226 -14.36 -9.60 38.38
C SER D 226 -13.37 -8.90 39.31
N PRO D 227 -13.43 -9.16 40.61
CA PRO D 227 -12.52 -8.46 41.52
C PRO D 227 -11.07 -8.71 41.19
N ARG D 228 -10.77 -9.76 40.43
CA ARG D 228 -9.43 -9.90 39.90
C ARG D 228 -9.28 -9.15 38.58
N LEU D 229 -10.30 -9.23 37.72
CA LEU D 229 -10.30 -8.38 36.54
C LEU D 229 -10.23 -6.93 36.94
N ALA D 230 -10.79 -6.58 38.08
CA ALA D 230 -10.65 -5.21 38.58
C ALA D 230 -9.28 -4.98 39.17
N ALA D 231 -8.85 -5.84 40.09
CA ALA D 231 -7.54 -5.67 40.71
C ALA D 231 -6.43 -5.66 39.67
N MET D 232 -6.66 -6.28 38.52
CA MET D 232 -5.68 -6.19 37.45
C MET D 232 -5.65 -4.80 36.85
N MET D 233 -6.82 -4.19 36.65
CA MET D 233 -6.85 -2.80 36.23
C MET D 233 -6.06 -1.93 37.22
N LEU D 234 -6.18 -2.24 38.51
CA LEU D 234 -5.40 -1.54 39.52
C LEU D 234 -3.91 -1.58 39.20
N LEU D 235 -3.44 -2.72 38.66
CA LEU D 235 -2.03 -2.86 38.33
C LEU D 235 -1.60 -1.86 37.27
N GLN D 236 -2.42 -1.70 36.23
CA GLN D 236 -2.09 -0.74 35.18
C GLN D 236 -1.98 0.67 35.77
N LEU D 237 -2.78 0.97 36.79
CA LEU D 237 -2.70 2.28 37.43
C LEU D 237 -1.36 2.46 38.12
N LEU D 238 -1.10 1.64 39.15
CA LEU D 238 0.09 1.82 39.95
C LEU D 238 1.36 1.74 39.12
N GLU D 239 1.34 0.99 38.02
CA GLU D 239 2.54 0.83 37.21
C GLU D 239 2.96 2.17 36.62
N GLY D 240 2.08 2.80 35.85
CA GLY D 240 2.33 4.16 35.44
C GLY D 240 2.59 5.07 36.62
N VAL D 241 1.80 4.91 37.69
CA VAL D 241 2.08 5.59 38.94
C VAL D 241 3.49 5.28 39.40
N ASP D 242 3.88 4.01 39.39
CA ASP D 242 5.28 3.67 39.60
C ASP D 242 6.15 4.32 38.53
N HIS D 243 5.77 4.14 37.27
CA HIS D 243 6.59 4.65 36.18
C HIS D 243 6.72 6.17 36.20
N LEU D 244 5.62 6.87 36.47
CA LEU D 244 5.69 8.33 36.41
C LEU D 244 6.55 8.89 37.52
N VAL D 245 6.41 8.36 38.74
CA VAL D 245 7.35 8.77 39.78
C VAL D 245 8.73 8.23 39.48
N GLN D 246 8.80 7.09 38.76
CA GLN D 246 10.09 6.67 38.22
C GLN D 246 10.60 7.69 37.20
N GLN D 247 9.71 8.48 36.60
CA GLN D 247 10.13 9.66 35.87
C GLN D 247 10.34 10.86 36.77
N GLY D 248 10.36 10.65 38.09
CA GLY D 248 10.60 11.73 39.03
C GLY D 248 9.43 12.69 39.14
N ILE D 249 8.54 12.67 38.14
CA ILE D 249 7.42 13.59 38.13
C ILE D 249 6.43 13.22 39.24
N ALA D 250 5.57 14.18 39.57
CA ALA D 250 4.64 13.99 40.68
C ALA D 250 3.42 14.86 40.50
N HIS D 251 2.27 14.32 40.88
CA HIS D 251 1.02 15.06 40.96
C HIS D 251 0.41 14.84 42.33
N ARG D 252 -0.15 15.90 42.91
CA ARG D 252 -0.60 15.82 44.31
C ARG D 252 -1.87 14.99 44.42
N ASP D 253 -2.92 15.35 43.69
CA ASP D 253 -4.20 14.65 43.80
C ASP D 253 -4.73 14.40 42.39
N LEU D 254 -4.58 13.17 41.91
CA LEU D 254 -5.16 12.81 40.63
C LEU D 254 -6.68 12.73 40.75
N LYS D 255 -7.36 13.13 39.69
CA LYS D 255 -8.80 13.11 39.68
C LYS D 255 -9.33 11.68 39.75
N SER D 256 -10.62 11.56 40.07
CA SER D 256 -11.26 10.26 40.04
C SER D 256 -11.14 9.65 38.64
N ASP D 257 -11.52 10.41 37.62
CA ASP D 257 -11.39 9.98 36.24
C ASP D 257 -10.09 10.45 35.60
N ASN D 258 -9.07 10.73 36.40
CA ASN D 258 -7.83 11.23 35.84
C ASN D 258 -7.24 10.27 34.82
N ILE D 259 -7.55 9.01 34.94
CA ILE D 259 -7.18 8.02 33.95
C ILE D 259 -8.36 7.86 33.00
N LEU D 260 -8.06 7.61 31.74
CA LEU D 260 -9.11 7.36 30.77
C LEU D 260 -9.07 5.88 30.36
N VAL D 261 -10.21 5.36 29.95
CA VAL D 261 -10.31 3.92 29.67
C VAL D 261 -10.34 3.64 28.19
N GLU D 262 -9.38 2.86 27.70
CA GLU D 262 -9.46 2.59 26.30
C GLU D 262 -10.71 1.80 26.02
N LEU D 263 -10.92 0.70 26.73
CA LEU D 263 -12.08 -0.12 26.37
C LEU D 263 -11.99 -0.42 24.86
N ASP D 264 -10.77 -0.64 24.34
CA ASP D 264 -10.61 -0.87 22.90
C ASP D 264 -11.32 -2.14 22.44
N PRO D 265 -11.17 -3.23 23.22
CA PRO D 265 -11.98 -4.38 22.83
C PRO D 265 -13.23 -4.28 23.71
N ASP D 266 -14.43 -4.53 23.22
CA ASP D 266 -15.62 -4.33 24.07
C ASP D 266 -15.68 -5.14 25.36
N GLY D 267 -16.14 -4.52 26.44
CA GLY D 267 -16.28 -5.21 27.71
C GLY D 267 -15.03 -5.25 28.58
N CYS D 268 -13.92 -4.72 28.09
CA CYS D 268 -12.72 -4.64 28.92
C CYS D 268 -12.11 -3.25 28.91
N PRO D 269 -11.95 -2.62 30.10
CA PRO D 269 -11.38 -1.27 30.19
C PRO D 269 -9.85 -1.28 30.07
N TRP D 270 -9.19 -0.12 29.93
CA TRP D 270 -7.74 -0.16 29.87
C TRP D 270 -7.15 1.18 30.27
N LEU D 271 -5.97 1.17 30.88
CA LEU D 271 -5.32 2.41 31.30
C LEU D 271 -4.61 3.11 30.14
N VAL D 272 -4.62 4.43 30.15
CA VAL D 272 -3.91 5.19 29.12
C VAL D 272 -2.40 4.94 29.16
N ILE D 273 -1.75 4.59 28.03
CA ILE D 273 -0.30 4.47 28.08
C ILE D 273 0.35 5.84 28.25
N ALA D 274 -0.17 6.84 27.53
CA ALA D 274 0.39 8.19 27.61
C ALA D 274 0.23 8.81 28.99
N ASP D 275 -0.93 8.60 29.63
CA ASP D 275 -1.18 9.16 30.95
C ASP D 275 -0.97 10.67 30.97
N PHE D 276 -1.47 11.36 29.94
CA PHE D 276 -1.27 12.80 29.84
C PHE D 276 -1.90 13.58 30.99
N GLY D 277 -3.10 13.18 31.42
CA GLY D 277 -3.78 13.88 32.48
C GLY D 277 -3.03 13.80 33.80
N CYS D 278 -2.99 14.91 34.53
CA CYS D 278 -2.31 14.94 35.82
C CYS D 278 -2.93 16.00 36.72
N TYR D 322 4.80 14.75 47.48
CA TYR D 322 5.58 13.82 48.28
C TYR D 322 5.51 12.42 47.71
N SER D 323 6.52 11.62 48.02
CA SER D 323 6.55 10.23 47.60
C SER D 323 5.26 9.51 48.00
N LYS D 324 4.87 8.53 47.19
CA LYS D 324 3.62 7.80 47.44
C LYS D 324 2.36 8.64 47.34
N ALA D 325 2.45 9.89 46.92
CA ALA D 325 1.22 10.67 46.71
C ALA D 325 0.40 10.07 45.60
N ASP D 326 1.03 9.79 44.47
CA ASP D 326 0.29 9.25 43.34
C ASP D 326 -0.20 7.86 43.72
N ALA D 327 0.57 7.15 44.53
CA ALA D 327 0.15 5.83 45.00
C ALA D 327 -1.09 5.91 45.87
N TRP D 328 -1.18 6.94 46.70
CA TRP D 328 -2.35 7.13 47.56
C TRP D 328 -3.59 7.34 46.71
N ALA D 329 -3.46 8.09 45.63
CA ALA D 329 -4.60 8.33 44.74
C ALA D 329 -5.05 6.98 44.18
N VAL D 330 -4.10 6.12 43.85
CA VAL D 330 -4.44 4.79 43.35
C VAL D 330 -5.20 4.00 44.41
N GLY D 331 -4.78 4.10 45.67
CA GLY D 331 -5.51 3.42 46.73
C GLY D 331 -6.91 3.95 46.89
N ALA D 332 -7.08 5.27 46.80
CA ALA D 332 -8.40 5.88 46.93
C ALA D 332 -9.36 5.46 45.82
N ILE D 333 -8.88 5.45 44.57
CA ILE D 333 -9.74 5.08 43.46
C ILE D 333 -10.02 3.59 43.45
N ALA D 334 -9.28 2.84 44.25
CA ALA D 334 -9.54 1.40 44.37
C ALA D 334 -10.93 1.18 44.95
N TYR D 335 -11.32 2.02 45.89
CA TYR D 335 -12.66 1.91 46.49
C TYR D 335 -13.72 2.10 45.42
N GLU D 336 -13.48 3.02 44.49
CA GLU D 336 -14.43 3.25 43.41
C GLU D 336 -14.57 1.98 42.58
N ILE D 337 -13.45 1.32 42.31
CA ILE D 337 -13.51 0.05 41.58
C ILE D 337 -14.28 -1.02 42.37
N PHE D 338 -14.05 -1.07 43.68
CA PHE D 338 -14.77 -2.03 44.52
C PHE D 338 -16.23 -1.66 44.58
N GLY D 339 -16.57 -0.45 44.16
CA GLY D 339 -17.94 0.03 44.21
C GLY D 339 -18.30 0.38 45.63
N LEU D 340 -17.36 0.18 46.55
CA LEU D 340 -17.60 0.56 47.94
C LEU D 340 -17.48 2.07 48.09
N VAL D 341 -18.08 2.62 49.13
CA VAL D 341 -18.03 4.07 49.35
C VAL D 341 -16.59 4.50 49.54
N ASN D 342 -16.21 5.63 48.96
CA ASN D 342 -14.83 6.10 49.04
C ASN D 342 -14.63 7.05 50.25
N PRO D 343 -13.79 6.67 51.26
CA PRO D 343 -13.71 7.54 52.44
C PRO D 343 -13.01 8.86 52.17
N PHE D 344 -11.96 8.87 51.35
CA PHE D 344 -11.21 10.07 51.04
C PHE D 344 -12.15 11.07 50.43
N TYR D 345 -13.29 10.58 49.93
CA TYR D 345 -14.28 11.49 49.37
C TYR D 345 -15.28 11.92 50.43
N GLY D 346 -16.23 11.04 50.76
CA GLY D 346 -17.26 11.36 51.73
C GLY D 346 -16.76 11.73 53.12
N GLN D 347 -15.98 10.85 53.74
CA GLN D 347 -15.51 11.11 55.10
C GLN D 347 -14.64 12.36 55.22
N GLY D 348 -13.78 12.60 54.23
CA GLY D 348 -12.96 13.79 54.25
C GLY D 348 -11.49 13.55 53.94
N LYS D 349 -10.64 14.48 54.34
CA LYS D 349 -9.19 14.37 54.07
C LYS D 349 -8.92 14.30 52.57
N ALA D 350 -9.75 14.99 51.78
CA ALA D 350 -9.59 14.97 50.34
C ALA D 350 -8.40 15.78 49.84
N HIS D 351 -7.69 15.27 48.84
CA HIS D 351 -6.58 16.01 48.21
C HIS D 351 -5.28 16.11 49.02
N LEU D 352 -5.20 15.41 50.14
CA LEU D 352 -3.94 15.41 50.89
C LEU D 352 -3.45 14.01 51.20
N GLU D 353 -2.27 13.65 50.71
CA GLU D 353 -1.69 12.36 51.04
C GLU D 353 -1.28 12.38 52.50
N SER D 354 -0.78 13.53 52.95
CA SER D 354 -0.33 13.66 54.33
C SER D 354 -1.46 13.48 55.34
N ARG D 355 -2.64 14.01 55.04
CA ARG D 355 -3.75 13.94 56.00
C ARG D 355 -4.16 12.51 56.30
N SER D 356 -4.40 12.21 57.56
CA SER D 356 -4.79 10.87 57.97
C SER D 356 -5.57 10.94 59.28
N TYR D 357 -6.74 10.29 59.32
CA TYR D 357 -7.56 10.31 60.53
C TYR D 357 -8.49 9.10 60.58
N GLN D 358 -8.95 8.75 61.78
CA GLN D 358 -9.86 7.61 61.96
C GLN D 358 -9.23 6.28 61.53
N GLU D 359 -7.91 6.18 61.62
CA GLU D 359 -7.21 4.94 61.29
C GLU D 359 -7.47 4.43 59.88
N ALA D 360 -7.64 5.33 58.92
CA ALA D 360 -7.82 4.91 57.52
C ALA D 360 -8.87 3.83 57.35
N GLN D 361 -10.05 4.03 57.94
CA GLN D 361 -11.09 3.00 57.89
C GLN D 361 -11.44 2.52 56.50
N LEU D 362 -11.70 1.22 56.38
CA LEU D 362 -12.12 0.67 55.11
C LEU D 362 -13.57 0.33 55.34
N PRO D 363 -14.51 0.91 54.54
CA PRO D 363 -15.88 0.44 54.75
C PRO D 363 -16.20 -0.68 53.78
N ALA D 364 -15.23 -1.55 53.51
CA ALA D 364 -15.42 -2.63 52.54
C ALA D 364 -16.06 -3.87 53.13
N LEU D 365 -17.39 -3.87 53.28
CA LEU D 365 -18.10 -5.01 53.84
C LEU D 365 -18.14 -6.31 52.99
N PRO D 366 -18.35 -6.20 51.66
CA PRO D 366 -18.45 -7.46 50.89
C PRO D 366 -17.21 -8.33 50.90
N GLU D 367 -17.40 -9.64 50.92
CA GLU D 367 -16.27 -10.57 50.93
C GLU D 367 -15.86 -11.01 49.52
N SER D 368 -16.52 -10.47 48.50
CA SER D 368 -16.14 -10.80 47.12
C SER D 368 -14.64 -10.63 46.95
N VAL D 369 -14.08 -9.60 47.58
CA VAL D 369 -12.64 -9.38 47.51
C VAL D 369 -12.03 -10.35 48.50
N PRO D 370 -10.96 -11.05 48.10
CA PRO D 370 -10.38 -12.07 48.98
C PRO D 370 -9.81 -11.45 50.25
N PRO D 371 -9.95 -12.16 51.38
CA PRO D 371 -9.43 -11.67 52.66
C PRO D 371 -7.93 -11.47 52.60
N ASP D 372 -7.23 -12.35 51.91
CA ASP D 372 -5.79 -12.21 51.76
C ASP D 372 -5.40 -10.86 51.13
N VAL D 373 -6.08 -10.47 50.05
CA VAL D 373 -5.79 -9.19 49.42
C VAL D 373 -6.35 -8.05 50.26
N ARG D 374 -7.39 -8.32 51.05
CA ARG D 374 -7.94 -7.32 51.97
C ARG D 374 -6.90 -6.99 53.02
N GLN D 375 -6.13 -7.99 53.44
CA GLN D 375 -5.05 -7.73 54.38
C GLN D 375 -4.06 -6.78 53.73
N LEU D 376 -3.79 -6.95 52.45
CA LEU D 376 -2.91 -6.02 51.74
C LEU D 376 -3.54 -4.63 51.73
N VAL D 377 -4.85 -4.54 51.55
CA VAL D 377 -5.53 -3.23 51.61
C VAL D 377 -5.42 -2.65 53.01
N ARG D 378 -5.53 -3.50 54.04
CA ARG D 378 -5.35 -3.02 55.42
C ARG D 378 -3.92 -2.52 55.55
N ALA D 379 -2.97 -3.22 54.96
CA ALA D 379 -1.58 -2.77 54.96
C ALA D 379 -1.47 -1.46 54.18
N LEU D 380 -2.34 -1.25 53.21
CA LEU D 380 -2.33 0.02 52.50
C LEU D 380 -2.90 1.09 53.40
N LEU D 381 -2.59 2.36 53.12
CA LEU D 381 -3.05 3.45 53.98
C LEU D 381 -2.61 3.23 55.43
N GLN D 382 -1.36 2.78 55.61
CA GLN D 382 -0.82 2.51 56.94
C GLN D 382 -0.40 3.78 57.68
N ARG D 383 -0.10 3.67 58.96
CA ARG D 383 0.38 4.81 59.71
C ARG D 383 1.51 5.58 59.00
N GLU D 384 2.42 4.86 58.34
CA GLU D 384 3.56 5.51 57.69
C GLU D 384 3.67 5.15 56.22
N ALA D 385 4.09 6.11 55.38
CA ALA D 385 4.28 5.84 53.96
C ALA D 385 5.34 4.78 53.75
N SER D 386 6.24 4.63 54.71
CA SER D 386 7.28 3.61 54.62
C SER D 386 6.66 2.23 54.82
N LYS D 387 5.75 2.12 55.79
CA LYS D 387 4.98 0.89 55.88
C LYS D 387 3.97 0.76 54.76
N ARG D 388 3.55 1.87 54.15
CA ARG D 388 2.88 1.76 52.88
C ARG D 388 3.85 1.24 51.84
N PRO D 389 3.35 0.65 50.76
CA PRO D 389 4.24 0.12 49.74
C PRO D 389 4.49 1.11 48.62
N SER D 390 5.70 1.05 48.08
CA SER D 390 5.89 1.76 46.83
C SER D 390 5.08 1.08 45.75
N ALA D 391 4.76 1.84 44.70
CA ALA D 391 3.91 1.29 43.66
C ALA D 391 4.50 0.05 43.04
N ARG D 392 5.82 -0.08 43.03
CA ARG D 392 6.42 -1.33 42.57
C ARG D 392 6.09 -2.47 43.52
N VAL D 393 6.08 -2.21 44.82
CA VAL D 393 5.71 -3.25 45.78
C VAL D 393 4.34 -3.80 45.44
N ALA D 394 3.38 -2.91 45.20
CA ALA D 394 2.08 -3.36 44.73
C ALA D 394 2.24 -4.12 43.42
N ALA D 395 2.89 -3.51 42.44
CA ALA D 395 3.23 -4.23 41.22
C ALA D 395 3.82 -5.58 41.55
N ASN D 396 4.82 -5.59 42.43
CA ASN D 396 5.35 -6.84 42.96
C ASN D 396 4.19 -7.66 43.49
N VAL D 397 3.54 -7.19 44.54
CA VAL D 397 2.41 -7.89 45.16
C VAL D 397 1.49 -8.42 44.08
N LEU D 398 1.02 -7.52 43.22
CA LEU D 398 0.01 -7.90 42.24
C LEU D 398 0.57 -8.85 41.20
N HIS D 399 1.81 -8.62 40.76
CA HIS D 399 2.47 -9.64 39.96
C HIS D 399 2.50 -10.96 40.71
N LEU D 400 2.92 -10.91 41.97
CA LEU D 400 2.95 -12.13 42.78
C LEU D 400 1.56 -12.67 43.02
N SER D 401 0.57 -11.80 43.16
CA SER D 401 -0.72 -12.23 43.70
C SER D 401 -1.59 -12.90 42.63
N LEU D 402 -1.98 -12.14 41.61
CA LEU D 402 -2.80 -12.72 40.55
C LEU D 402 -2.05 -13.80 39.82
N TRP D 403 -0.86 -13.47 39.35
CA TRP D 403 0.02 -14.45 38.74
C TRP D 403 0.71 -15.24 39.85
N GLY D 404 1.76 -15.98 39.51
CA GLY D 404 2.22 -16.98 40.45
C GLY D 404 1.07 -17.90 40.78
N GLU D 405 1.02 -18.37 42.02
CA GLU D 405 -0.05 -19.28 42.45
C GLU D 405 0.01 -19.43 43.96
N HIS D 406 -1.13 -19.67 44.60
CA HIS D 406 -1.09 -19.91 46.03
C HIS D 406 -1.39 -21.37 46.32
N ILE D 407 -0.44 -22.03 46.96
CA ILE D 407 -0.65 -23.42 47.32
C ILE D 407 -0.14 -23.70 48.71
N LEU D 408 -0.50 -24.84 49.31
CA LEU D 408 0.06 -25.21 50.60
C LEU D 408 1.56 -25.43 50.49
N ALA D 409 2.03 -26.01 49.38
CA ALA D 409 3.48 -26.15 49.21
C ALA D 409 4.13 -24.77 49.12
N LEU D 410 3.50 -23.79 48.48
CA LEU D 410 4.05 -22.44 48.38
C LEU D 410 3.93 -21.75 49.69
N LYS D 411 3.07 -22.29 50.55
CA LYS D 411 2.86 -21.64 51.83
C LYS D 411 4.11 -21.66 52.69
N ASN D 412 4.18 -20.77 53.68
CA ASN D 412 5.35 -20.66 54.57
C ASN D 412 6.54 -20.07 53.84
N LEU D 413 6.32 -19.02 53.07
CA LEU D 413 7.40 -18.35 52.37
C LEU D 413 8.32 -19.37 51.72
N LYS D 414 7.74 -20.33 51.02
CA LYS D 414 8.55 -21.35 50.36
C LYS D 414 9.46 -20.74 49.30
N LEU D 415 9.20 -19.50 48.89
CA LEU D 415 10.11 -18.79 48.00
C LEU D 415 11.11 -17.97 48.80
N ASP D 416 12.39 -18.15 48.49
CA ASP D 416 13.46 -17.39 49.11
C ASP D 416 14.37 -16.85 48.01
N LYS D 417 15.51 -16.28 48.39
CA LYS D 417 16.45 -15.72 47.43
C LYS D 417 16.81 -16.75 46.36
N MET D 418 16.40 -16.48 45.11
CA MET D 418 16.78 -17.32 43.98
C MET D 418 16.39 -16.61 42.68
N VAL D 419 17.25 -16.72 41.67
CA VAL D 419 17.02 -16.00 40.41
C VAL D 419 16.21 -16.83 39.42
N GLY D 420 16.48 -18.12 39.32
CA GLY D 420 15.79 -18.93 38.34
C GLY D 420 14.31 -19.02 38.62
N TRP D 421 13.92 -18.89 39.89
CA TRP D 421 12.52 -19.02 40.26
C TRP D 421 11.65 -18.06 39.48
N LEU D 422 12.21 -16.93 39.06
CA LEU D 422 11.51 -16.03 38.15
C LEU D 422 10.92 -16.80 36.97
N LEU D 423 11.76 -17.56 36.28
CA LEU D 423 11.25 -18.43 35.22
C LEU D 423 10.25 -19.42 35.79
N GLN D 424 10.57 -20.04 36.93
CA GLN D 424 9.63 -20.90 37.59
C GLN D 424 8.35 -20.14 37.94
N GLN D 425 8.50 -18.91 38.42
CA GLN D 425 7.30 -18.10 38.65
C GLN D 425 6.63 -17.75 37.33
N SER D 426 7.42 -17.36 36.33
CA SER D 426 6.87 -17.11 35.00
C SER D 426 6.06 -18.30 34.52
N ALA D 427 6.46 -19.52 34.93
CA ALA D 427 5.64 -20.69 34.68
C ALA D 427 4.37 -20.65 35.50
N ALA D 428 4.47 -20.25 36.77
CA ALA D 428 3.26 -20.13 37.58
C ALA D 428 2.34 -19.04 37.08
N THR D 429 2.86 -18.09 36.31
CA THR D 429 2.03 -17.08 35.65
C THR D 429 1.49 -17.55 34.31
N LEU D 430 1.96 -18.69 33.79
CA LEU D 430 1.38 -19.24 32.57
C LEU D 430 -0.11 -19.49 32.72
N LEU D 431 -0.53 -20.01 33.87
CA LEU D 431 -1.91 -20.45 34.03
C LEU D 431 -2.91 -19.30 34.05
N ALA D 432 -2.44 -18.05 33.96
CA ALA D 432 -3.37 -16.95 33.70
C ALA D 432 -4.10 -17.18 32.39
N ASN D 433 -3.39 -17.71 31.38
CA ASN D 433 -4.06 -18.17 30.18
C ASN D 433 -4.97 -19.35 30.46
N ARG D 434 -4.69 -20.10 31.53
CA ARG D 434 -5.45 -21.33 31.82
C ARG D 434 -6.76 -21.03 32.54
N LEU D 435 -6.68 -20.49 33.76
CA LEU D 435 -7.85 -20.31 34.59
C LEU D 435 -8.37 -18.89 34.47
N THR D 436 -9.66 -18.77 34.19
CA THR D 436 -10.34 -17.48 34.14
C THR D 436 -9.66 -16.52 33.19
N GLU D 437 -9.22 -17.04 32.04
CA GLU D 437 -8.74 -16.18 30.97
C GLU D 437 -9.86 -15.81 30.00
N LYS D 438 -11.09 -15.73 30.51
CA LYS D 438 -12.23 -15.40 29.67
C LYS D 438 -12.02 -14.05 29.00
N CYS D 439 -11.85 -13.01 29.81
CA CYS D 439 -11.47 -11.71 29.27
C CYS D 439 -10.07 -11.84 28.70
N CYS D 440 -9.97 -11.81 27.37
CA CYS D 440 -8.74 -12.14 26.67
C CYS D 440 -7.59 -11.22 27.02
N VAL D 441 -7.85 -10.07 27.63
CA VAL D 441 -6.80 -9.07 27.82
C VAL D 441 -5.72 -9.55 28.76
N GLU D 442 -5.93 -10.68 29.46
CA GLU D 442 -4.95 -11.16 30.42
C GLU D 442 -3.64 -11.54 29.75
N THR D 443 -3.70 -11.90 28.47
CA THR D 443 -2.49 -12.28 27.75
C THR D 443 -1.77 -11.07 27.15
N LYS D 444 -2.50 -9.98 26.91
CA LYS D 444 -2.00 -8.84 26.15
C LYS D 444 -0.78 -8.21 26.81
N MET D 445 -0.95 -7.73 28.04
CA MET D 445 0.11 -7.01 28.74
C MET D 445 1.08 -7.91 29.48
N LYS D 446 0.80 -9.22 29.55
CA LYS D 446 1.65 -10.10 30.33
C LYS D 446 3.08 -10.08 29.82
N MET D 447 3.27 -9.93 28.51
CA MET D 447 4.61 -9.93 27.94
C MET D 447 5.44 -8.80 28.50
N LEU D 448 4.90 -7.58 28.47
CA LEU D 448 5.62 -6.43 29.00
C LEU D 448 5.73 -6.46 30.51
N PHE D 449 5.20 -7.50 31.17
CA PHE D 449 5.28 -7.62 32.61
C PHE D 449 6.12 -8.79 33.08
N LEU D 450 6.00 -9.95 32.44
CA LEU D 450 6.82 -11.09 32.83
C LEU D 450 8.30 -10.84 32.53
N ALA D 451 8.59 -10.08 31.48
CA ALA D 451 9.97 -9.84 31.10
C ALA D 451 10.68 -8.95 32.13
N ASN D 452 10.03 -7.86 32.54
CA ASN D 452 10.70 -6.86 33.38
C ASN D 452 10.45 -7.19 34.85
N LEU D 453 11.42 -7.84 35.48
CA LEU D 453 11.33 -8.14 36.90
C LEU D 453 12.75 -8.27 37.45
N GLU D 454 12.91 -8.00 38.73
CA GLU D 454 14.21 -8.09 39.37
C GLU D 454 13.98 -8.40 40.84
N CYS D 455 14.61 -9.47 41.33
CA CYS D 455 14.39 -9.91 42.72
C CYS D 455 14.66 -8.87 43.78
N GLU D 456 15.40 -7.82 43.42
CA GLU D 456 15.76 -6.81 44.40
C GLU D 456 14.51 -6.13 44.93
N THR D 457 13.56 -5.86 44.05
CA THR D 457 12.31 -5.25 44.48
C THR D 457 11.20 -6.24 44.24
N LEU D 458 11.48 -7.53 44.41
CA LEU D 458 10.48 -8.58 44.09
C LEU D 458 10.31 -9.57 45.24
N CYS D 459 11.21 -9.55 46.22
CA CYS D 459 11.11 -10.52 47.30
C CYS D 459 10.35 -9.94 48.49
N GLN D 460 10.49 -8.64 48.75
CA GLN D 460 9.87 -8.01 49.91
C GLN D 460 8.35 -8.19 49.92
N ALA D 461 7.69 -7.94 48.78
CA ALA D 461 6.25 -8.10 48.74
C ALA D 461 5.82 -9.52 49.04
N ALA D 462 6.53 -10.49 48.48
CA ALA D 462 6.30 -11.87 48.87
C ALA D 462 6.30 -12.00 50.39
N LEU D 463 7.30 -11.42 51.04
CA LEU D 463 7.33 -11.38 52.50
C LEU D 463 6.06 -10.72 53.04
N LEU D 464 5.63 -9.65 52.40
CA LEU D 464 4.44 -8.97 52.88
C LEU D 464 3.17 -9.69 52.43
N LEU D 465 3.15 -10.24 51.22
CA LEU D 465 2.10 -11.18 50.91
C LEU D 465 2.00 -12.23 52.00
N CYS D 466 3.10 -12.91 52.27
CA CYS D 466 3.07 -13.99 53.26
C CYS D 466 2.27 -13.60 54.47
N SER D 467 2.42 -12.35 54.90
CA SER D 467 1.68 -11.86 56.06
C SER D 467 0.21 -12.16 55.90
N TRP D 468 -0.30 -12.09 54.68
CA TRP D 468 -1.68 -12.46 54.45
C TRP D 468 -1.93 -13.80 55.09
N ARG D 469 -0.89 -14.58 55.18
CA ARG D 469 -0.96 -15.88 55.75
C ARG D 469 -0.25 -15.93 57.07
N ALA D 470 0.67 -15.01 57.30
CA ALA D 470 1.02 -14.80 58.69
C ALA D 470 -0.19 -14.41 59.49
N ALA D 471 -1.30 -14.12 58.83
CA ALA D 471 -2.58 -14.20 59.51
C ALA D 471 -2.64 -15.52 60.24
N LEU D 472 -2.73 -15.44 61.55
CA LEU D 472 -2.78 -16.63 62.39
C LEU D 472 -2.96 -16.26 63.84
#